data_1OVL
#
_entry.id   1OVL
#
_cell.length_a   80.383
_cell.length_b   80.383
_cell.length_c   227.370
_cell.angle_alpha   90.00
_cell.angle_beta   90.00
_cell.angle_gamma   120.00
#
_symmetry.space_group_name_H-M   'P 31'
#
loop_
_entity.id
_entity.type
_entity.pdbx_description
1 polymer 'Orphan nuclear receptor NURR1 (MSE 414, 496, 511)'
2 polymer 'Orphan nuclear receptor NURR1 (MSE 496, 511)'
3 non-polymer 'POTASSIUM ION'
4 non-polymer 'BROMIDE ION'
5 non-polymer 'IODIDE ION'
6 water water
#
loop_
_entity_poly.entity_id
_entity_poly.type
_entity_poly.pdbx_seq_one_letter_code
_entity_poly.pdbx_strand_id
1 'polypeptide(L)'
;MVKEVVRTDSLKGRRGRLPSKPKSPQEPSPPSPPVSLISALVRAHVDSNPAMTSLDYSRFQANPDYQMSGDDTQHIQQFY
DLLTGSMEIIRGWAEKIPGFADLPKADQDLLFESAFLELFVLRLAYRSNPVEGKLIFCNGVVLHRLQCVRGFGEWIDSIV
EFSSNLQN(MSE)NIDISAFSCIAALA(MSE)VTERHGLKEPKRVEELQNKIVNCLKDHVTFNNGGLNRPNYLSKLLGKL
PELRTLCTQGLQRIFYLKLEDLVPPPAIIDKLFLDTLPF
;
A,D
2 'polypeptide(L)'
;MVKEVVRTDSLKGRRGRLPSKPKSPQEPSPPSPPVSLISALVRAHVDSNPAMTSLDYSRFQANPDYQMSGDDTQHIQQFY
DLLTGS(MSE)EIIRGWAEKIPGFADLPKADQDLLFESAFLELFVLRLAYRSNPVEGKLIFCNGVVLHRLQCVRGFGEWI
DSIVEFSSNLQN(MSE)NIDISAFSCIAALA(MSE)VTERHGLKEPKRVEELQNKIVNCLKDHVTFNNGGLNRPNYLSKL
LGKLPELRTLCTQGLQRIFYLKLEDLVPPPAIIDKLFLDTLPF
;
B,C,E,F
#
loop_
_chem_comp.id
_chem_comp.type
_chem_comp.name
_chem_comp.formula
BR non-polymer 'BROMIDE ION' 'Br -1'
IOD non-polymer 'IODIDE ION' 'I -1'
K non-polymer 'POTASSIUM ION' 'K 1'
#
# COMPACT_ATOMS: atom_id res chain seq x y z
N SER A 36 -23.28 -17.68 0.60
CA SER A 36 -24.16 -18.82 0.98
C SER A 36 -23.41 -20.13 0.74
N LEU A 37 -23.13 -20.45 -0.52
CA LEU A 37 -22.40 -21.67 -0.81
C LEU A 37 -21.02 -21.67 -0.13
N ILE A 38 -20.29 -20.57 -0.28
CA ILE A 38 -18.96 -20.43 0.30
C ILE A 38 -19.00 -20.60 1.81
N SER A 39 -20.04 -20.06 2.44
CA SER A 39 -20.19 -20.18 3.88
C SER A 39 -20.42 -21.64 4.24
N ALA A 40 -21.20 -22.32 3.40
CA ALA A 40 -21.49 -23.73 3.63
C ALA A 40 -20.20 -24.53 3.49
N LEU A 41 -19.38 -24.17 2.49
CA LEU A 41 -18.12 -24.87 2.24
C LEU A 41 -17.13 -24.64 3.38
N VAL A 42 -17.15 -23.44 3.95
CA VAL A 42 -16.25 -23.14 5.05
C VAL A 42 -16.67 -23.87 6.33
N ARG A 43 -17.97 -23.93 6.61
CA ARG A 43 -18.43 -24.61 7.81
C ARG A 43 -18.04 -26.08 7.71
N ALA A 44 -18.29 -26.67 6.54
CA ALA A 44 -17.94 -28.07 6.31
C ALA A 44 -16.47 -28.31 6.67
N HIS A 45 -15.60 -27.40 6.23
CA HIS A 45 -14.17 -27.51 6.50
C HIS A 45 -13.88 -27.45 7.99
N VAL A 46 -14.41 -26.42 8.64
CA VAL A 46 -14.23 -26.20 10.06
C VAL A 46 -14.72 -27.38 10.90
N ASP A 47 -15.92 -27.86 10.60
CA ASP A 47 -16.52 -28.99 11.32
C ASP A 47 -15.77 -30.31 11.17
N SER A 48 -15.02 -30.47 10.09
CA SER A 48 -14.30 -31.71 9.85
C SER A 48 -12.80 -31.61 10.11
N ASN A 49 -12.36 -30.56 10.78
CA ASN A 49 -10.94 -30.38 11.09
C ASN A 49 -10.64 -30.18 12.58
N PRO A 50 -9.47 -30.64 13.04
CA PRO A 50 -9.10 -30.49 14.45
C PRO A 50 -8.76 -29.06 14.87
N ALA A 51 -9.23 -28.67 16.05
CA ALA A 51 -8.96 -27.34 16.58
C ALA A 51 -7.46 -27.19 16.77
N MET A 52 -6.85 -26.26 16.04
CA MET A 52 -5.41 -26.02 16.13
C MET A 52 -5.05 -25.58 17.54
N THR A 53 -6.01 -25.79 18.46
CA THR A 53 -5.85 -25.46 19.86
C THR A 53 -6.39 -26.66 20.64
N SER A 54 -6.21 -27.83 20.06
CA SER A 54 -6.67 -29.09 20.65
C SER A 54 -5.90 -30.24 20.00
N LEU A 55 -4.64 -29.98 19.67
CA LEU A 55 -3.76 -30.95 19.02
C LEU A 55 -3.00 -31.84 20.00
N ASP A 56 -2.89 -33.12 19.65
CA ASP A 56 -2.21 -34.12 20.46
C ASP A 56 -0.72 -34.24 20.14
N TYR A 57 0.14 -33.82 21.08
CA TYR A 57 1.59 -33.90 20.89
C TYR A 57 2.20 -34.99 21.76
N SER A 58 1.37 -35.91 22.24
CA SER A 58 1.84 -36.98 23.12
C SER A 58 2.95 -37.83 22.52
N ARG A 59 2.86 -38.11 21.22
CA ARG A 59 3.87 -38.94 20.57
C ARG A 59 4.70 -38.16 19.55
N PHE A 60 4.81 -36.85 19.76
CA PHE A 60 5.59 -36.00 18.88
C PHE A 60 7.04 -35.90 19.36
N GLN A 61 7.97 -36.18 18.47
CA GLN A 61 9.39 -36.12 18.81
C GLN A 61 10.25 -35.94 17.56
N ALA A 62 10.97 -34.82 17.51
CA ALA A 62 11.85 -34.51 16.38
C ALA A 62 13.22 -35.18 16.54
N ASN A 63 13.21 -36.46 16.88
CA ASN A 63 14.44 -37.24 17.05
C ASN A 63 15.30 -37.19 15.79
N ASP A 72 9.77 -49.72 10.46
CA ASP A 72 9.45 -50.90 11.25
C ASP A 72 7.96 -51.22 11.19
N THR A 73 7.58 -52.41 11.65
CA THR A 73 6.19 -52.84 11.65
C THR A 73 5.27 -51.90 12.41
N GLN A 74 5.84 -51.20 13.38
CA GLN A 74 5.08 -50.27 14.21
C GLN A 74 4.62 -49.02 13.45
N HIS A 75 5.58 -48.32 12.84
CA HIS A 75 5.28 -47.11 12.10
C HIS A 75 4.45 -47.34 10.84
N ILE A 76 4.45 -48.57 10.35
CA ILE A 76 3.68 -48.93 9.15
C ILE A 76 2.21 -49.07 9.47
N GLN A 77 1.91 -49.79 10.55
CA GLN A 77 0.52 -49.97 10.94
C GLN A 77 -0.08 -48.60 11.28
N GLN A 78 0.76 -47.71 11.79
CA GLN A 78 0.33 -46.36 12.15
C GLN A 78 -0.09 -45.65 10.86
N PHE A 79 0.74 -45.78 9.83
CA PHE A 79 0.47 -45.21 8.51
C PHE A 79 -0.94 -45.64 8.11
N TYR A 80 -1.22 -46.93 8.26
CA TYR A 80 -2.53 -47.45 7.91
C TYR A 80 -3.65 -46.83 8.76
N ASP A 81 -3.43 -46.79 10.07
CA ASP A 81 -4.43 -46.25 10.97
C ASP A 81 -4.83 -44.83 10.60
N LEU A 82 -3.84 -43.94 10.48
CA LEU A 82 -4.07 -42.55 10.11
C LEU A 82 -5.00 -42.45 8.89
N LEU A 83 -4.69 -43.23 7.86
CA LEU A 83 -5.49 -43.21 6.64
C LEU A 83 -6.94 -43.64 6.87
N THR A 84 -7.13 -44.78 7.52
CA THR A 84 -8.48 -45.29 7.77
C THR A 84 -9.22 -44.41 8.77
N GLY A 85 -8.47 -43.78 9.66
CA GLY A 85 -9.08 -42.92 10.65
C GLY A 85 -9.71 -41.68 10.07
N SER A 86 -9.09 -41.16 9.01
CA SER A 86 -9.58 -39.96 8.35
C SER A 86 -10.74 -40.25 7.42
N MET A 87 -10.91 -41.51 7.04
CA MET A 87 -11.97 -41.90 6.12
C MET A 87 -13.35 -41.44 6.56
N GLU A 88 -13.68 -41.63 7.83
CA GLU A 88 -14.99 -41.23 8.36
C GLU A 88 -15.08 -39.71 8.47
N ILE A 89 -13.97 -39.08 8.84
CA ILE A 89 -13.95 -37.63 8.99
C ILE A 89 -14.23 -36.94 7.66
N ILE A 90 -13.49 -37.32 6.63
CA ILE A 90 -13.64 -36.74 5.31
C ILE A 90 -14.99 -37.06 4.66
N ARG A 91 -15.55 -38.21 5.00
CA ARG A 91 -16.85 -38.59 4.46
C ARG A 91 -17.90 -37.64 5.03
N GLY A 92 -17.79 -37.34 6.32
CA GLY A 92 -18.73 -36.42 6.95
C GLY A 92 -18.63 -35.07 6.26
N TRP A 93 -17.42 -34.65 5.97
CA TRP A 93 -17.18 -33.38 5.29
C TRP A 93 -17.90 -33.35 3.95
N ALA A 94 -17.71 -34.40 3.16
CA ALA A 94 -18.32 -34.50 1.84
C ALA A 94 -19.84 -34.36 1.87
N GLU A 95 -20.48 -34.99 2.85
CA GLU A 95 -21.92 -34.94 2.98
C GLU A 95 -22.41 -33.52 3.28
N LYS A 96 -21.50 -32.65 3.72
CA LYS A 96 -21.88 -31.28 4.04
C LYS A 96 -21.66 -30.33 2.86
N ILE A 97 -21.28 -30.88 1.72
CA ILE A 97 -21.08 -30.07 0.53
C ILE A 97 -22.45 -29.90 -0.12
N PRO A 98 -22.97 -28.67 -0.17
CA PRO A 98 -24.29 -28.46 -0.77
C PRO A 98 -24.39 -29.03 -2.19
N GLY A 99 -25.43 -29.82 -2.43
CA GLY A 99 -25.62 -30.41 -3.74
C GLY A 99 -25.05 -31.82 -3.85
N PHE A 100 -24.12 -32.17 -2.96
CA PHE A 100 -23.49 -33.49 -3.00
C PHE A 100 -24.45 -34.63 -2.68
N ALA A 101 -25.38 -34.39 -1.75
CA ALA A 101 -26.36 -35.41 -1.39
C ALA A 101 -27.47 -35.54 -2.43
N ASP A 102 -27.50 -34.62 -3.39
CA ASP A 102 -28.51 -34.66 -4.44
C ASP A 102 -28.02 -35.43 -5.65
N LEU A 103 -26.83 -35.99 -5.56
CA LEU A 103 -26.26 -36.79 -6.64
C LEU A 103 -26.59 -38.24 -6.31
N PRO A 104 -26.63 -39.12 -7.32
CA PRO A 104 -26.94 -40.52 -7.06
C PRO A 104 -25.97 -41.05 -6.02
N LYS A 105 -26.47 -41.85 -5.08
CA LYS A 105 -25.60 -42.41 -4.04
C LYS A 105 -24.39 -43.06 -4.68
N ALA A 106 -24.61 -43.73 -5.81
CA ALA A 106 -23.52 -44.40 -6.52
C ALA A 106 -22.45 -43.40 -6.92
N ASP A 107 -22.88 -42.23 -7.39
CA ASP A 107 -21.94 -41.19 -7.80
C ASP A 107 -21.21 -40.59 -6.59
N GLN A 108 -21.87 -40.57 -5.44
CA GLN A 108 -21.26 -40.05 -4.22
C GLN A 108 -20.08 -40.92 -3.78
N ASP A 109 -20.31 -42.23 -3.69
CA ASP A 109 -19.27 -43.15 -3.29
C ASP A 109 -18.14 -43.15 -4.30
N LEU A 110 -18.48 -42.98 -5.59
CA LEU A 110 -17.45 -42.97 -6.63
C LEU A 110 -16.59 -41.72 -6.51
N LEU A 111 -17.22 -40.57 -6.28
CA LEU A 111 -16.48 -39.33 -6.16
C LEU A 111 -15.61 -39.37 -4.89
N PHE A 112 -16.21 -39.76 -3.78
CA PHE A 112 -15.50 -39.85 -2.51
C PHE A 112 -14.30 -40.79 -2.61
N GLU A 113 -14.56 -42.05 -2.91
CA GLU A 113 -13.51 -43.06 -3.03
C GLU A 113 -12.39 -42.68 -3.98
N SER A 114 -12.73 -42.09 -5.12
CA SER A 114 -11.72 -41.69 -6.09
C SER A 114 -10.84 -40.53 -5.62
N ALA A 115 -11.37 -39.71 -4.72
CA ALA A 115 -10.64 -38.54 -4.23
C ALA A 115 -10.17 -38.64 -2.77
N PHE A 116 -10.55 -39.70 -2.07
CA PHE A 116 -10.15 -39.82 -0.68
C PHE A 116 -8.69 -39.50 -0.38
N LEU A 117 -7.78 -40.22 -1.02
CA LEU A 117 -6.35 -40.00 -0.80
C LEU A 117 -5.95 -38.57 -1.07
N GLU A 118 -6.42 -38.02 -2.19
CA GLU A 118 -6.09 -36.65 -2.54
C GLU A 118 -6.58 -35.71 -1.45
N LEU A 119 -7.79 -35.97 -0.94
CA LEU A 119 -8.39 -35.14 0.10
C LEU A 119 -7.60 -35.24 1.40
N PHE A 120 -7.19 -36.45 1.75
CA PHE A 120 -6.43 -36.70 2.97
C PHE A 120 -5.10 -35.96 2.94
N VAL A 121 -4.50 -35.90 1.77
CA VAL A 121 -3.21 -35.24 1.59
C VAL A 121 -3.34 -33.73 1.48
N LEU A 122 -4.35 -33.25 0.76
CA LEU A 122 -4.54 -31.80 0.62
C LEU A 122 -4.85 -31.18 1.99
N ARG A 123 -5.70 -31.84 2.77
CA ARG A 123 -6.06 -31.36 4.08
C ARG A 123 -4.86 -31.38 5.02
N LEU A 124 -4.06 -32.45 4.94
CA LEU A 124 -2.86 -32.58 5.74
C LEU A 124 -1.89 -31.46 5.37
N ALA A 125 -1.71 -31.24 4.07
CA ALA A 125 -0.81 -30.21 3.57
C ALA A 125 -1.18 -28.80 4.02
N TYR A 126 -2.48 -28.52 4.07
CA TYR A 126 -2.99 -27.22 4.46
C TYR A 126 -2.86 -26.91 5.95
N ARG A 127 -3.16 -27.89 6.81
CA ARG A 127 -3.09 -27.68 8.24
C ARG A 127 -1.75 -27.94 8.91
N SER A 128 -0.79 -28.46 8.17
CA SER A 128 0.54 -28.77 8.72
C SER A 128 1.50 -27.59 8.65
N ASN A 129 2.59 -27.68 9.42
CA ASN A 129 3.61 -26.64 9.44
C ASN A 129 4.83 -27.22 8.72
N PRO A 130 4.90 -27.06 7.39
CA PRO A 130 6.03 -27.58 6.61
C PRO A 130 7.42 -27.15 7.08
N VAL A 131 7.63 -25.84 7.22
CA VAL A 131 8.91 -25.32 7.66
C VAL A 131 9.46 -26.06 8.87
N GLU A 132 8.63 -26.20 9.90
CA GLU A 132 9.03 -26.89 11.11
C GLU A 132 8.96 -28.40 10.98
N GLY A 133 8.50 -28.89 9.84
CA GLY A 133 8.41 -30.33 9.64
C GLY A 133 7.37 -30.98 10.54
N LYS A 134 6.35 -30.24 10.93
CA LYS A 134 5.29 -30.78 11.78
C LYS A 134 4.06 -31.17 10.97
N LEU A 135 3.68 -32.44 11.06
CA LEU A 135 2.52 -32.94 10.36
C LEU A 135 1.35 -33.06 11.34
N ILE A 136 0.19 -32.57 10.93
CA ILE A 136 -1.01 -32.61 11.77
C ILE A 136 -2.12 -33.27 10.99
N PHE A 137 -2.61 -34.41 11.50
CA PHE A 137 -3.64 -35.17 10.83
C PHE A 137 -5.09 -34.85 11.20
N CYS A 138 -6.00 -35.29 10.34
CA CYS A 138 -7.43 -35.06 10.52
C CYS A 138 -7.90 -35.37 11.95
N ASN A 139 -7.11 -36.13 12.69
CA ASN A 139 -7.51 -36.49 14.06
C ASN A 139 -6.81 -35.78 15.22
N GLY A 140 -5.98 -34.78 14.92
CA GLY A 140 -5.30 -34.04 15.98
C GLY A 140 -3.90 -34.51 16.30
N VAL A 141 -3.57 -35.73 15.88
CA VAL A 141 -2.24 -36.28 16.12
C VAL A 141 -1.16 -35.49 15.40
N VAL A 142 -0.08 -35.19 16.11
CA VAL A 142 1.04 -34.45 15.54
C VAL A 142 2.35 -35.24 15.58
N LEU A 143 2.83 -35.62 14.40
CA LEU A 143 4.09 -36.37 14.28
C LEU A 143 5.10 -35.51 13.55
N HIS A 144 6.36 -35.93 13.56
CA HIS A 144 7.39 -35.18 12.87
C HIS A 144 7.68 -35.79 11.51
N ARG A 145 8.17 -34.97 10.59
CA ARG A 145 8.49 -35.44 9.25
C ARG A 145 9.39 -36.66 9.29
N LEU A 146 10.18 -36.78 10.35
CA LEU A 146 11.08 -37.92 10.48
C LEU A 146 10.40 -39.17 11.02
N GLN A 147 9.44 -38.99 11.92
CA GLN A 147 8.73 -40.14 12.48
C GLN A 147 7.84 -40.78 11.40
N CYS A 148 7.33 -39.96 10.50
CA CYS A 148 6.46 -40.43 9.44
C CYS A 148 7.19 -41.15 8.30
N VAL A 149 8.43 -40.74 8.05
CA VAL A 149 9.21 -41.34 6.98
C VAL A 149 9.33 -42.86 7.11
N ARG A 150 9.13 -43.36 8.32
CA ARG A 150 9.21 -44.80 8.57
C ARG A 150 7.94 -45.51 8.12
N GLY A 151 6.83 -44.78 8.13
CA GLY A 151 5.57 -45.37 7.71
C GLY A 151 5.19 -44.98 6.29
N PHE A 152 5.22 -43.68 6.02
CA PHE A 152 4.85 -43.13 4.71
C PHE A 152 5.91 -43.34 3.64
N GLY A 153 7.17 -43.45 4.05
CA GLY A 153 8.24 -43.63 3.08
C GLY A 153 8.70 -42.25 2.64
N GLU A 154 9.48 -42.20 1.56
CA GLU A 154 9.98 -40.93 1.07
C GLU A 154 8.85 -40.03 0.57
N TRP A 155 7.65 -40.61 0.47
CA TRP A 155 6.47 -39.89 0.02
C TRP A 155 6.20 -38.71 0.95
N ILE A 156 6.41 -38.93 2.24
CA ILE A 156 6.18 -37.90 3.22
C ILE A 156 6.98 -36.64 2.87
N ASP A 157 8.16 -36.82 2.30
CA ASP A 157 8.97 -35.67 1.91
C ASP A 157 8.32 -34.96 0.72
N SER A 158 7.66 -35.71 -0.15
CA SER A 158 7.00 -35.10 -1.29
C SER A 158 5.77 -34.32 -0.78
N ILE A 159 5.16 -34.83 0.28
CA ILE A 159 3.98 -34.19 0.87
C ILE A 159 4.35 -32.87 1.52
N VAL A 160 5.44 -32.85 2.28
CA VAL A 160 5.88 -31.64 2.97
C VAL A 160 6.22 -30.55 1.96
N GLU A 161 6.82 -30.95 0.85
CA GLU A 161 7.18 -30.02 -0.21
C GLU A 161 5.92 -29.40 -0.80
N PHE A 162 4.87 -30.22 -0.95
CA PHE A 162 3.59 -29.75 -1.48
C PHE A 162 2.95 -28.82 -0.46
N SER A 163 3.08 -29.19 0.81
CA SER A 163 2.52 -28.40 1.90
C SER A 163 3.11 -27.00 1.85
N SER A 164 4.43 -26.96 1.64
CA SER A 164 5.18 -25.71 1.58
C SER A 164 4.77 -24.87 0.37
N ASN A 165 4.63 -25.49 -0.79
CA ASN A 165 4.24 -24.71 -1.97
C ASN A 165 2.81 -24.20 -1.78
N LEU A 166 1.97 -25.02 -1.17
CA LEU A 166 0.58 -24.67 -0.95
C LEU A 166 0.44 -23.46 -0.04
N GLN A 167 1.19 -23.45 1.07
CA GLN A 167 1.12 -22.37 2.02
C GLN A 167 1.74 -21.06 1.53
N ASN A 168 2.71 -21.15 0.63
CA ASN A 168 3.31 -19.94 0.10
C ASN A 168 2.35 -19.21 -0.82
N MSE A 169 1.19 -19.83 -1.09
CA MSE A 169 0.17 -19.18 -1.92
C MSE A 169 -0.79 -18.37 -1.06
O MSE A 169 -1.65 -17.66 -1.58
CB MSE A 169 -0.61 -20.22 -2.72
CG MSE A 169 0.15 -20.81 -3.91
SE MSE A 169 -1.01 -21.83 -5.08
CE MSE A 169 -2.12 -20.40 -5.73
N ASN A 170 -0.63 -18.49 0.26
CA ASN A 170 -1.45 -17.79 1.24
C ASN A 170 -2.95 -17.92 0.98
N ILE A 171 -3.42 -19.16 0.87
CA ILE A 171 -4.82 -19.44 0.58
C ILE A 171 -5.71 -19.28 1.83
N ASP A 172 -6.61 -18.31 1.79
CA ASP A 172 -7.51 -18.08 2.92
C ASP A 172 -8.46 -19.26 3.05
N ILE A 173 -9.09 -19.36 4.21
CA ILE A 173 -9.98 -20.47 4.48
C ILE A 173 -11.11 -20.66 3.47
N SER A 174 -11.59 -19.56 2.90
CA SER A 174 -12.68 -19.63 1.93
C SER A 174 -12.22 -20.20 0.59
N ALA A 175 -11.04 -19.79 0.16
CA ALA A 175 -10.50 -20.27 -1.10
C ALA A 175 -10.10 -21.74 -0.95
N PHE A 176 -9.63 -22.12 0.23
CA PHE A 176 -9.21 -23.50 0.43
C PHE A 176 -10.41 -24.43 0.50
N SER A 177 -11.50 -23.93 1.07
CA SER A 177 -12.71 -24.72 1.22
C SER A 177 -13.30 -25.03 -0.14
N CYS A 178 -13.12 -24.13 -1.09
CA CYS A 178 -13.62 -24.35 -2.45
C CYS A 178 -12.74 -25.36 -3.15
N ILE A 179 -11.43 -25.20 -3.00
CA ILE A 179 -10.44 -26.06 -3.64
C ILE A 179 -10.57 -27.51 -3.21
N ALA A 180 -10.73 -27.72 -1.91
CA ALA A 180 -10.88 -29.08 -1.38
C ALA A 180 -12.14 -29.71 -1.98
N ALA A 181 -13.22 -28.93 -2.09
CA ALA A 181 -14.44 -29.47 -2.66
C ALA A 181 -14.21 -29.79 -4.14
N LEU A 182 -13.45 -28.94 -4.83
CA LEU A 182 -13.17 -29.15 -6.24
C LEU A 182 -12.28 -30.37 -6.48
N ALA A 183 -11.63 -30.86 -5.43
CA ALA A 183 -10.77 -32.02 -5.58
C ALA A 183 -11.63 -33.29 -5.60
N MSE A 184 -12.86 -33.17 -5.14
CA MSE A 184 -13.74 -34.33 -5.12
C MSE A 184 -14.83 -34.26 -6.18
O MSE A 184 -15.17 -35.26 -6.79
CB MSE A 184 -14.37 -34.53 -3.76
CG MSE A 184 -15.32 -35.73 -3.74
SE MSE A 184 -16.09 -36.06 -2.05
CE MSE A 184 -17.18 -34.49 -1.93
N VAL A 185 -15.41 -33.07 -6.34
CA VAL A 185 -16.47 -32.84 -7.32
C VAL A 185 -15.78 -32.53 -8.63
N THR A 186 -15.41 -33.57 -9.34
CA THR A 186 -14.67 -33.45 -10.60
C THR A 186 -15.04 -34.64 -11.47
N GLU A 187 -14.69 -34.58 -12.76
CA GLU A 187 -15.05 -35.69 -13.64
C GLU A 187 -14.33 -37.00 -13.28
N ARG A 188 -15.10 -38.08 -13.27
CA ARG A 188 -14.58 -39.41 -12.97
C ARG A 188 -15.25 -40.41 -13.90
N HIS A 189 -14.48 -41.38 -14.40
CA HIS A 189 -15.05 -42.39 -15.28
C HIS A 189 -16.02 -43.25 -14.48
N GLY A 190 -17.20 -43.49 -15.04
CA GLY A 190 -18.19 -44.31 -14.36
C GLY A 190 -19.33 -43.56 -13.72
N LEU A 191 -19.29 -42.24 -13.80
CA LEU A 191 -20.33 -41.40 -13.21
C LEU A 191 -21.69 -41.58 -13.88
N LYS A 192 -22.75 -41.69 -13.08
CA LYS A 192 -24.10 -41.84 -13.61
C LYS A 192 -24.61 -40.49 -14.11
N GLU A 193 -24.40 -39.45 -13.31
CA GLU A 193 -24.84 -38.12 -13.66
C GLU A 193 -23.65 -37.18 -13.87
N PRO A 194 -22.87 -37.42 -14.94
CA PRO A 194 -21.72 -36.57 -15.22
C PRO A 194 -22.04 -35.09 -15.43
N LYS A 195 -23.23 -34.81 -15.94
CA LYS A 195 -23.64 -33.43 -16.18
C LYS A 195 -23.95 -32.75 -14.85
N ARG A 196 -24.52 -33.51 -13.93
CA ARG A 196 -24.85 -33.01 -12.60
C ARG A 196 -23.57 -32.69 -11.83
N VAL A 197 -22.58 -33.57 -11.93
CA VAL A 197 -21.31 -33.35 -11.25
C VAL A 197 -20.69 -32.07 -11.80
N GLU A 198 -20.71 -31.93 -13.14
CA GLU A 198 -20.13 -30.77 -13.79
C GLU A 198 -20.80 -29.47 -13.37
N GLU A 199 -22.10 -29.51 -13.14
CA GLU A 199 -22.84 -28.32 -12.73
C GLU A 199 -22.46 -27.90 -11.31
N LEU A 200 -22.32 -28.86 -10.41
CA LEU A 200 -21.95 -28.54 -9.04
C LEU A 200 -20.51 -28.01 -9.05
N GLN A 201 -19.67 -28.63 -9.88
CA GLN A 201 -18.27 -28.25 -10.02
C GLN A 201 -18.15 -26.78 -10.43
N ASN A 202 -18.80 -26.44 -11.54
CA ASN A 202 -18.80 -25.09 -12.08
C ASN A 202 -19.38 -24.07 -11.09
N LYS A 203 -20.31 -24.53 -10.24
CA LYS A 203 -20.90 -23.64 -9.25
C LYS A 203 -19.86 -23.31 -8.18
N ILE A 204 -19.02 -24.28 -7.85
CA ILE A 204 -17.99 -24.06 -6.85
C ILE A 204 -16.87 -23.20 -7.42
N VAL A 205 -16.47 -23.44 -8.66
CA VAL A 205 -15.43 -22.62 -9.24
C VAL A 205 -15.91 -21.17 -9.32
N ASN A 206 -17.18 -20.96 -9.67
CA ASN A 206 -17.76 -19.61 -9.76
C ASN A 206 -17.75 -18.95 -8.40
N CYS A 207 -18.07 -19.73 -7.38
CA CYS A 207 -18.07 -19.25 -6.01
C CYS A 207 -16.65 -18.85 -5.61
N LEU A 208 -15.66 -19.60 -6.10
CA LEU A 208 -14.26 -19.33 -5.79
C LEU A 208 -13.79 -18.11 -6.58
N LYS A 209 -14.26 -18.00 -7.82
CA LYS A 209 -13.89 -16.89 -8.68
C LYS A 209 -14.41 -15.57 -8.12
N ASP A 210 -15.62 -15.56 -7.60
CA ASP A 210 -16.20 -14.34 -7.04
C ASP A 210 -15.44 -13.90 -5.81
N HIS A 211 -15.07 -14.87 -4.97
CA HIS A 211 -14.34 -14.60 -3.75
C HIS A 211 -12.98 -13.94 -4.03
N VAL A 212 -12.32 -14.40 -5.08
CA VAL A 212 -11.01 -13.88 -5.45
C VAL A 212 -11.00 -12.61 -6.29
N THR A 213 -12.00 -12.43 -7.15
CA THR A 213 -12.03 -11.26 -8.01
C THR A 213 -12.97 -10.13 -7.59
N PHE A 214 -13.78 -10.35 -6.57
CA PHE A 214 -14.70 -9.33 -6.11
C PHE A 214 -13.95 -8.01 -5.89
N ASN A 215 -14.61 -6.89 -6.20
CA ASN A 215 -14.02 -5.56 -6.03
C ASN A 215 -12.51 -5.55 -6.33
N ASN A 216 -12.18 -5.80 -7.59
CA ASN A 216 -10.80 -5.85 -8.06
C ASN A 216 -9.85 -6.67 -7.21
N GLY A 217 -10.36 -7.78 -6.65
CA GLY A 217 -9.52 -8.63 -5.83
C GLY A 217 -8.45 -9.35 -6.63
N GLY A 218 -8.58 -9.35 -7.95
CA GLY A 218 -7.59 -10.02 -8.77
C GLY A 218 -6.51 -9.11 -9.35
N LEU A 219 -6.75 -7.80 -9.34
CA LEU A 219 -5.81 -6.83 -9.90
C LEU A 219 -4.34 -7.10 -9.63
N ASN A 220 -4.01 -7.41 -8.39
CA ASN A 220 -2.63 -7.66 -7.99
C ASN A 220 -2.23 -9.14 -7.87
N ARG A 221 -3.11 -10.02 -8.34
CA ARG A 221 -2.86 -11.46 -8.34
C ARG A 221 -3.61 -11.98 -9.57
N PRO A 222 -3.08 -11.66 -10.76
CA PRO A 222 -3.60 -12.01 -12.09
C PRO A 222 -4.11 -13.43 -12.30
N ASN A 223 -3.22 -14.41 -12.19
CA ASN A 223 -3.65 -15.79 -12.41
C ASN A 223 -3.69 -16.61 -11.13
N TYR A 224 -4.13 -15.98 -10.04
CA TYR A 224 -4.23 -16.64 -8.76
C TYR A 224 -5.26 -17.77 -8.86
N LEU A 225 -6.38 -17.46 -9.49
CA LEU A 225 -7.42 -18.45 -9.67
C LEU A 225 -6.86 -19.63 -10.46
N SER A 226 -6.11 -19.34 -11.51
CA SER A 226 -5.52 -20.40 -12.32
C SER A 226 -4.47 -21.19 -11.55
N LYS A 227 -3.67 -20.49 -10.74
CA LYS A 227 -2.64 -21.15 -9.95
C LYS A 227 -3.32 -22.08 -8.93
N LEU A 228 -4.42 -21.61 -8.35
CA LEU A 228 -5.19 -22.37 -7.37
C LEU A 228 -5.70 -23.68 -7.94
N LEU A 229 -6.37 -23.62 -9.09
CA LEU A 229 -6.89 -24.80 -9.75
C LEU A 229 -5.74 -25.70 -10.15
N GLY A 230 -4.62 -25.07 -10.53
CA GLY A 230 -3.44 -25.83 -10.92
C GLY A 230 -2.94 -26.74 -9.81
N LYS A 231 -3.28 -26.45 -8.56
CA LYS A 231 -2.81 -27.30 -7.48
C LYS A 231 -3.49 -28.67 -7.47
N LEU A 232 -4.63 -28.80 -8.13
CA LEU A 232 -5.33 -30.08 -8.16
C LEU A 232 -4.61 -31.17 -8.97
N PRO A 233 -4.08 -30.84 -10.15
CA PRO A 233 -3.38 -31.89 -10.89
C PRO A 233 -2.07 -32.25 -10.16
N GLU A 234 -1.47 -31.25 -9.52
CA GLU A 234 -0.23 -31.48 -8.78
C GLU A 234 -0.53 -32.44 -7.64
N LEU A 235 -1.66 -32.22 -6.99
CA LEU A 235 -2.12 -33.04 -5.86
C LEU A 235 -2.36 -34.48 -6.30
N ARG A 236 -2.93 -34.65 -7.50
CA ARG A 236 -3.22 -35.96 -8.05
C ARG A 236 -1.91 -36.66 -8.39
N THR A 237 -0.99 -35.92 -9.00
CA THR A 237 0.30 -36.49 -9.33
C THR A 237 0.97 -36.92 -8.02
N LEU A 238 0.91 -36.05 -7.03
CA LEU A 238 1.51 -36.31 -5.72
C LEU A 238 0.98 -37.60 -5.12
N CYS A 239 -0.32 -37.81 -5.22
CA CYS A 239 -0.93 -38.99 -4.65
C CYS A 239 -0.59 -40.31 -5.34
N THR A 240 -0.01 -40.26 -6.55
CA THR A 240 0.36 -41.51 -7.19
C THR A 240 1.49 -42.17 -6.39
N GLN A 241 2.29 -41.36 -5.68
CA GLN A 241 3.36 -41.91 -4.86
C GLN A 241 2.78 -42.60 -3.64
N GLY A 242 1.58 -42.20 -3.25
CA GLY A 242 0.93 -42.81 -2.11
C GLY A 242 0.54 -44.22 -2.51
N LEU A 243 0.13 -44.37 -3.78
CA LEU A 243 -0.26 -45.67 -4.30
C LEU A 243 1.00 -46.53 -4.43
N GLN A 244 2.09 -45.94 -4.90
CA GLN A 244 3.34 -46.68 -5.05
C GLN A 244 3.75 -47.22 -3.68
N ARG A 245 3.64 -46.38 -2.66
CA ARG A 245 4.01 -46.79 -1.31
C ARG A 245 3.15 -47.96 -0.84
N ILE A 246 1.85 -47.87 -1.07
CA ILE A 246 0.95 -48.95 -0.66
C ILE A 246 1.29 -50.22 -1.43
N PHE A 247 1.67 -50.08 -2.70
CA PHE A 247 2.04 -51.22 -3.53
C PHE A 247 3.31 -51.85 -2.94
N TYR A 248 4.27 -50.99 -2.61
CA TYR A 248 5.53 -51.43 -2.03
C TYR A 248 5.32 -52.24 -0.75
N LEU A 249 4.54 -51.69 0.18
CA LEU A 249 4.28 -52.37 1.44
C LEU A 249 3.59 -53.71 1.24
N LYS A 250 2.83 -53.81 0.15
CA LYS A 250 2.11 -55.04 -0.14
C LYS A 250 3.08 -56.08 -0.74
N LEU A 251 4.07 -55.61 -1.49
CA LEU A 251 5.05 -56.49 -2.09
C LEU A 251 6.10 -56.89 -1.05
N GLU A 252 6.28 -56.03 -0.05
CA GLU A 252 7.24 -56.28 1.02
C GLU A 252 6.69 -57.40 1.89
N ASP A 253 5.36 -57.43 2.03
CA ASP A 253 4.69 -58.45 2.82
C ASP A 253 5.29 -58.55 4.22
N LEU A 254 5.69 -57.41 4.76
CA LEU A 254 6.27 -57.34 6.11
C LEU A 254 5.10 -57.14 7.06
N VAL A 255 4.09 -56.41 6.56
CA VAL A 255 2.89 -56.11 7.30
C VAL A 255 1.81 -55.81 6.26
N PRO A 256 1.00 -56.82 5.91
CA PRO A 256 -0.09 -56.70 4.94
C PRO A 256 -1.07 -55.57 5.21
N PRO A 257 -1.45 -54.82 4.17
CA PRO A 257 -2.40 -53.73 4.32
C PRO A 257 -3.79 -54.28 4.61
N PRO A 258 -4.58 -53.58 5.44
CA PRO A 258 -5.93 -54.05 5.77
C PRO A 258 -6.84 -54.00 4.55
N ALA A 259 -7.90 -54.80 4.57
CA ALA A 259 -8.85 -54.85 3.47
C ALA A 259 -9.34 -53.46 3.10
N ILE A 260 -9.54 -52.62 4.11
CA ILE A 260 -10.02 -51.26 3.92
C ILE A 260 -9.05 -50.45 3.05
N ILE A 261 -7.75 -50.61 3.31
CA ILE A 261 -6.73 -49.91 2.55
C ILE A 261 -6.42 -50.63 1.24
N ASP A 262 -6.54 -51.96 1.26
CA ASP A 262 -6.29 -52.76 0.06
C ASP A 262 -7.36 -52.28 -0.93
N LYS A 263 -8.52 -51.97 -0.38
CA LYS A 263 -9.66 -51.47 -1.14
C LYS A 263 -9.32 -50.07 -1.62
N LEU A 264 -8.79 -49.25 -0.72
CA LEU A 264 -8.40 -47.88 -1.03
C LEU A 264 -7.48 -47.87 -2.24
N PHE A 265 -6.52 -48.80 -2.24
CA PHE A 265 -5.56 -48.91 -3.33
C PHE A 265 -6.26 -49.05 -4.67
N LEU A 266 -7.34 -49.84 -4.69
CA LEU A 266 -8.09 -50.07 -5.92
C LEU A 266 -9.01 -48.92 -6.31
N ASP A 267 -9.58 -48.23 -5.33
CA ASP A 267 -10.48 -47.11 -5.61
C ASP A 267 -9.72 -45.89 -6.10
N THR A 268 -8.51 -45.68 -5.59
CA THR A 268 -7.67 -44.54 -5.98
C THR A 268 -6.99 -44.80 -7.31
N LEU A 269 -6.84 -46.08 -7.64
CA LEU A 269 -6.19 -46.46 -8.89
C LEU A 269 -6.90 -45.76 -10.04
N PRO A 270 -6.19 -44.89 -10.78
CA PRO A 270 -6.77 -44.16 -11.89
C PRO A 270 -7.46 -45.09 -12.90
N PHE A 271 -6.78 -46.18 -13.25
CA PHE A 271 -7.32 -47.15 -14.19
C PHE A 271 -7.92 -48.35 -13.47
N SER B 36 -3.04 -19.21 11.93
CA SER B 36 -3.13 -19.72 13.32
C SER B 36 -4.16 -18.90 14.10
N LEU B 37 -3.87 -17.63 14.33
CA LEU B 37 -4.79 -16.76 15.06
C LEU B 37 -6.11 -16.57 14.31
N ILE B 38 -6.02 -16.33 13.00
CA ILE B 38 -7.23 -16.11 12.21
C ILE B 38 -8.07 -17.37 12.07
N SER B 39 -7.44 -18.54 12.00
CA SER B 39 -8.19 -19.77 11.89
C SER B 39 -9.00 -19.96 13.18
N ALA B 40 -8.37 -19.72 14.32
CA ALA B 40 -9.04 -19.84 15.62
C ALA B 40 -10.23 -18.90 15.69
N LEU B 41 -10.04 -17.68 15.20
CA LEU B 41 -11.09 -16.66 15.19
C LEU B 41 -12.25 -17.08 14.30
N VAL B 42 -11.94 -17.70 13.17
CA VAL B 42 -12.98 -18.14 12.25
C VAL B 42 -13.70 -19.34 12.88
N ARG B 43 -12.93 -20.21 13.52
CA ARG B 43 -13.53 -21.37 14.18
C ARG B 43 -14.44 -20.86 15.29
N ALA B 44 -14.01 -19.81 15.99
CA ALA B 44 -14.83 -19.25 17.06
C ALA B 44 -16.16 -18.79 16.46
N HIS B 45 -16.10 -17.99 15.41
CA HIS B 45 -17.31 -17.50 14.75
C HIS B 45 -18.24 -18.63 14.27
N VAL B 46 -17.69 -19.52 13.44
CA VAL B 46 -18.46 -20.64 12.89
C VAL B 46 -19.17 -21.49 13.94
N ASP B 47 -18.44 -21.83 15.01
CA ASP B 47 -18.99 -22.64 16.09
C ASP B 47 -20.08 -21.94 16.91
N SER B 48 -20.11 -20.61 16.90
CA SER B 48 -21.12 -19.92 17.67
C SER B 48 -22.27 -19.38 16.84
N ASN B 49 -22.30 -19.72 15.55
CA ASN B 49 -23.38 -19.27 14.69
C ASN B 49 -24.12 -20.45 14.08
N PRO B 50 -25.42 -20.27 13.81
CA PRO B 50 -26.25 -21.33 13.24
C PRO B 50 -25.97 -21.53 11.76
N ALA B 51 -25.90 -22.79 11.34
CA ALA B 51 -25.70 -23.10 9.95
C ALA B 51 -26.98 -22.60 9.29
N MET B 52 -26.85 -21.97 8.12
CA MET B 52 -28.03 -21.45 7.45
C MET B 52 -28.91 -22.58 6.93
N THR B 53 -28.86 -23.71 7.63
CA THR B 53 -29.66 -24.89 7.29
C THR B 53 -30.46 -25.24 8.53
N SER B 54 -30.13 -24.57 9.63
CA SER B 54 -30.81 -24.79 10.90
C SER B 54 -31.77 -23.61 11.13
N LEU B 55 -31.95 -22.82 10.08
CA LEU B 55 -32.80 -21.65 10.12
C LEU B 55 -34.28 -21.99 10.31
N ASP B 56 -34.83 -21.53 11.43
CA ASP B 56 -36.23 -21.77 11.77
C ASP B 56 -37.16 -20.67 11.26
N TYR B 57 -37.83 -20.92 10.15
CA TYR B 57 -38.75 -19.95 9.56
C TYR B 57 -40.19 -20.22 10.00
N SER B 58 -40.36 -20.70 11.24
CA SER B 58 -41.70 -21.01 11.73
C SER B 58 -42.47 -19.81 12.26
N ARG B 59 -41.82 -19.00 13.10
CA ARG B 59 -42.46 -17.82 13.67
C ARG B 59 -42.36 -16.60 12.76
N PHE B 60 -42.01 -16.82 11.50
CA PHE B 60 -41.86 -15.73 10.55
C PHE B 60 -43.17 -15.25 9.96
N GLN B 61 -43.48 -13.97 10.16
CA GLN B 61 -44.71 -13.38 9.67
C GLN B 61 -44.39 -12.07 8.93
N ALA B 62 -44.80 -11.98 7.67
CA ALA B 62 -44.53 -10.78 6.88
C ALA B 62 -45.77 -9.95 6.58
N ASN B 63 -46.94 -10.45 6.94
CA ASN B 63 -48.17 -9.70 6.70
C ASN B 63 -48.23 -8.58 7.75
N PRO B 64 -48.26 -7.32 7.30
CA PRO B 64 -48.32 -6.13 8.15
C PRO B 64 -49.56 -6.08 9.05
N ASP B 65 -50.66 -6.59 8.53
CA ASP B 65 -51.93 -6.60 9.26
C ASP B 65 -51.84 -7.55 10.45
N TYR B 66 -51.40 -8.78 10.20
CA TYR B 66 -51.26 -9.78 11.25
C TYR B 66 -50.09 -9.44 12.17
N GLN B 67 -49.82 -8.16 12.37
CA GLN B 67 -48.71 -7.73 13.20
C GLN B 67 -49.08 -7.12 14.54
N MET B 68 -50.13 -6.29 14.57
CA MET B 68 -50.54 -5.70 15.83
C MET B 68 -51.46 -6.66 16.58
N SER B 69 -51.38 -7.94 16.21
CA SER B 69 -52.19 -8.97 16.87
C SER B 69 -51.35 -9.54 18.00
N GLY B 70 -51.97 -9.73 19.15
CA GLY B 70 -51.26 -10.24 20.30
C GLY B 70 -50.54 -9.10 21.01
N ASP B 71 -51.02 -8.74 22.20
CA ASP B 71 -50.44 -7.66 22.97
C ASP B 71 -48.91 -7.61 22.93
N ASP B 72 -48.36 -6.43 23.16
CA ASP B 72 -46.92 -6.24 23.13
C ASP B 72 -46.18 -7.12 24.12
N THR B 73 -46.80 -7.38 25.27
CA THR B 73 -46.19 -8.22 26.30
C THR B 73 -45.44 -9.39 25.68
N GLN B 74 -46.14 -10.18 24.88
CA GLN B 74 -45.53 -11.32 24.22
C GLN B 74 -44.32 -10.92 23.37
N HIS B 75 -44.36 -9.74 22.76
CA HIS B 75 -43.24 -9.29 21.94
C HIS B 75 -42.09 -8.70 22.75
N ILE B 76 -42.41 -7.99 23.81
CA ILE B 76 -41.38 -7.41 24.65
C ILE B 76 -40.59 -8.54 25.33
N GLN B 77 -41.31 -9.60 25.69
CA GLN B 77 -40.71 -10.77 26.33
C GLN B 77 -39.77 -11.47 25.35
N GLN B 78 -40.23 -11.58 24.11
CA GLN B 78 -39.46 -12.21 23.04
C GLN B 78 -38.14 -11.45 22.88
N PHE B 79 -38.21 -10.13 23.02
CA PHE B 79 -37.03 -9.27 22.91
C PHE B 79 -36.05 -9.64 24.02
N TYR B 80 -36.52 -9.65 25.26
CA TYR B 80 -35.66 -9.99 26.40
C TYR B 80 -35.06 -11.37 26.24
N ASP B 81 -35.86 -12.32 25.75
CA ASP B 81 -35.41 -13.70 25.59
C ASP B 81 -34.33 -13.85 24.54
N LEU B 82 -34.49 -13.15 23.41
CA LEU B 82 -33.51 -13.22 22.34
C LEU B 82 -32.15 -12.74 22.88
N LEU B 83 -32.18 -11.68 23.68
CA LEU B 83 -30.95 -11.15 24.26
C LEU B 83 -30.29 -12.11 25.24
N THR B 84 -31.06 -12.61 26.21
CA THR B 84 -30.52 -13.54 27.19
C THR B 84 -30.13 -14.88 26.55
N GLY B 85 -30.85 -15.24 25.48
CA GLY B 85 -30.57 -16.49 24.80
C GLY B 85 -29.20 -16.59 24.17
N SER B 86 -28.66 -15.45 23.75
CA SER B 86 -27.34 -15.40 23.10
C SER B 86 -26.18 -15.22 24.06
N MSE B 87 -26.47 -15.02 25.34
CA MSE B 87 -25.43 -14.79 26.32
C MSE B 87 -24.44 -15.93 26.47
O MSE B 87 -23.23 -15.71 26.44
CB MSE B 87 -26.04 -14.47 27.68
CG MSE B 87 -26.91 -13.25 27.69
SE MSE B 87 -27.20 -12.59 29.47
CE MSE B 87 -27.08 -10.69 29.05
N GLU B 88 -24.94 -17.14 26.65
CA GLU B 88 -24.06 -18.29 26.78
C GLU B 88 -23.30 -18.52 25.47
N ILE B 89 -23.99 -18.32 24.36
CA ILE B 89 -23.41 -18.50 23.03
C ILE B 89 -22.21 -17.58 22.82
N ILE B 90 -22.44 -16.27 22.92
CA ILE B 90 -21.37 -15.30 22.73
C ILE B 90 -20.26 -15.41 23.77
N ARG B 91 -20.61 -15.83 24.99
CA ARG B 91 -19.60 -16.00 26.01
C ARG B 91 -18.73 -17.18 25.58
N GLY B 92 -19.36 -18.15 24.92
CA GLY B 92 -18.62 -19.31 24.46
C GLY B 92 -17.63 -18.90 23.38
N TRP B 93 -18.07 -17.98 22.53
CA TRP B 93 -17.22 -17.46 21.45
C TRP B 93 -16.04 -16.69 22.06
N ALA B 94 -16.34 -15.83 23.02
CA ALA B 94 -15.32 -15.03 23.69
C ALA B 94 -14.26 -15.90 24.35
N GLU B 95 -14.68 -17.03 24.90
CA GLU B 95 -13.75 -17.93 25.55
C GLU B 95 -12.88 -18.67 24.52
N LYS B 96 -13.34 -18.71 23.28
CA LYS B 96 -12.60 -19.36 22.20
C LYS B 96 -11.63 -18.41 21.49
N ILE B 97 -11.54 -17.17 21.97
CA ILE B 97 -10.64 -16.19 21.38
C ILE B 97 -9.25 -16.33 22.00
N PRO B 98 -8.26 -16.76 21.20
CA PRO B 98 -6.89 -16.95 21.70
C PRO B 98 -6.33 -15.77 22.47
N GLY B 99 -5.86 -16.05 23.68
CA GLY B 99 -5.29 -15.02 24.53
C GLY B 99 -6.24 -14.44 25.54
N PHE B 100 -7.53 -14.43 25.21
CA PHE B 100 -8.53 -13.88 26.11
C PHE B 100 -8.42 -14.46 27.53
N ALA B 101 -8.47 -15.79 27.63
CA ALA B 101 -8.38 -16.46 28.93
C ALA B 101 -7.11 -16.17 29.72
N ASP B 102 -6.07 -15.69 29.05
CA ASP B 102 -4.82 -15.38 29.74
C ASP B 102 -4.94 -14.03 30.43
N LEU B 103 -6.00 -13.31 30.12
CA LEU B 103 -6.22 -11.99 30.72
C LEU B 103 -6.79 -12.15 32.12
N PRO B 104 -6.57 -11.15 33.00
CA PRO B 104 -7.09 -11.23 34.35
C PRO B 104 -8.57 -11.54 34.29
N LYS B 105 -9.02 -12.49 35.10
CA LYS B 105 -10.42 -12.90 35.11
C LYS B 105 -11.40 -11.74 35.22
N ALA B 106 -11.01 -10.67 35.92
CA ALA B 106 -11.87 -9.51 36.09
C ALA B 106 -11.94 -8.72 34.77
N ASP B 107 -10.84 -8.72 34.03
CA ASP B 107 -10.81 -8.01 32.76
C ASP B 107 -11.65 -8.76 31.72
N GLN B 108 -11.57 -10.08 31.74
CA GLN B 108 -12.35 -10.90 30.82
C GLN B 108 -13.82 -10.56 31.01
N ASP B 109 -14.24 -10.48 32.27
CA ASP B 109 -15.61 -10.16 32.60
C ASP B 109 -16.00 -8.73 32.25
N LEU B 110 -15.09 -7.78 32.43
CA LEU B 110 -15.39 -6.39 32.11
C LEU B 110 -15.49 -6.23 30.58
N LEU B 111 -14.62 -6.92 29.85
CA LEU B 111 -14.62 -6.83 28.40
C LEU B 111 -15.87 -7.45 27.78
N PHE B 112 -16.23 -8.64 28.27
CA PHE B 112 -17.41 -9.34 27.77
C PHE B 112 -18.71 -8.59 28.08
N GLU B 113 -18.88 -8.22 29.34
CA GLU B 113 -20.09 -7.52 29.76
C GLU B 113 -20.26 -6.19 29.04
N SER B 114 -19.15 -5.48 28.82
CA SER B 114 -19.19 -4.18 28.14
C SER B 114 -19.46 -4.28 26.65
N ALA B 115 -19.10 -5.41 26.05
CA ALA B 115 -19.29 -5.59 24.61
C ALA B 115 -20.43 -6.52 24.18
N PHE B 116 -21.01 -7.26 25.14
CA PHE B 116 -22.06 -8.22 24.80
C PHE B 116 -23.12 -7.74 23.82
N LEU B 117 -23.73 -6.61 24.12
CA LEU B 117 -24.78 -6.06 23.27
C LEU B 117 -24.29 -5.72 21.87
N GLU B 118 -23.06 -5.21 21.76
CA GLU B 118 -22.50 -4.85 20.46
C GLU B 118 -22.21 -6.13 19.67
N LEU B 119 -21.70 -7.14 20.35
CA LEU B 119 -21.44 -8.41 19.71
C LEU B 119 -22.77 -8.93 19.17
N PHE B 120 -23.76 -8.97 20.03
CA PHE B 120 -25.08 -9.45 19.64
C PHE B 120 -25.60 -8.74 18.39
N VAL B 121 -25.49 -7.41 18.39
CA VAL B 121 -25.97 -6.63 17.25
C VAL B 121 -25.14 -6.83 15.99
N LEU B 122 -23.82 -6.90 16.14
CA LEU B 122 -22.93 -7.10 15.01
C LEU B 122 -23.13 -8.48 14.36
N ARG B 123 -23.13 -9.52 15.18
CA ARG B 123 -23.34 -10.87 14.69
C ARG B 123 -24.69 -10.97 14.00
N LEU B 124 -25.70 -10.31 14.58
CA LEU B 124 -27.03 -10.31 14.01
C LEU B 124 -27.04 -9.59 12.66
N ALA B 125 -26.32 -8.47 12.60
CA ALA B 125 -26.28 -7.68 11.37
C ALA B 125 -25.52 -8.35 10.26
N TYR B 126 -24.53 -9.17 10.62
CA TYR B 126 -23.75 -9.85 9.62
C TYR B 126 -24.49 -11.03 8.99
N ARG B 127 -25.22 -11.79 9.80
CA ARG B 127 -25.91 -12.96 9.29
C ARG B 127 -27.33 -12.76 8.75
N SER B 128 -27.95 -11.61 9.05
CA SER B 128 -29.33 -11.37 8.59
C SER B 128 -29.40 -11.00 7.11
N ASN B 129 -30.63 -10.86 6.60
CA ASN B 129 -30.86 -10.50 5.19
C ASN B 129 -31.56 -9.15 5.14
N PRO B 130 -30.81 -8.05 5.26
CA PRO B 130 -31.38 -6.70 5.23
C PRO B 130 -32.28 -6.36 4.03
N VAL B 131 -31.92 -6.83 2.85
CA VAL B 131 -32.73 -6.54 1.67
C VAL B 131 -34.16 -7.03 1.81
N GLU B 132 -34.33 -8.22 2.37
CA GLU B 132 -35.66 -8.80 2.54
C GLU B 132 -36.30 -8.45 3.88
N GLY B 133 -35.59 -7.68 4.70
CA GLY B 133 -36.11 -7.32 5.99
C GLY B 133 -36.20 -8.52 6.91
N LYS B 134 -35.24 -9.43 6.76
CA LYS B 134 -35.20 -10.63 7.59
C LYS B 134 -34.07 -10.60 8.60
N LEU B 135 -34.43 -10.77 9.86
CA LEU B 135 -33.47 -10.81 10.96
C LEU B 135 -33.30 -12.28 11.33
N ILE B 136 -32.05 -12.72 11.47
CA ILE B 136 -31.75 -14.10 11.81
C ILE B 136 -30.89 -14.07 13.06
N PHE B 137 -31.42 -14.61 14.16
CA PHE B 137 -30.71 -14.57 15.43
C PHE B 137 -29.69 -15.65 15.76
N CYS B 138 -28.87 -15.36 16.78
CA CYS B 138 -27.81 -16.25 17.24
C CYS B 138 -28.34 -17.67 17.45
N ASN B 139 -29.65 -17.88 17.28
CA ASN B 139 -30.25 -19.20 17.46
C ASN B 139 -30.97 -19.79 16.26
N GLY B 140 -30.94 -19.11 15.12
CA GLY B 140 -31.60 -19.64 13.94
C GLY B 140 -33.01 -19.15 13.69
N VAL B 141 -33.59 -18.46 14.67
CA VAL B 141 -34.95 -17.93 14.53
C VAL B 141 -34.96 -16.79 13.51
N VAL B 142 -35.90 -16.83 12.57
CA VAL B 142 -36.00 -15.79 11.55
C VAL B 142 -37.28 -14.95 11.70
N LEU B 143 -37.12 -13.68 12.08
CA LEU B 143 -38.27 -12.80 12.22
C LEU B 143 -38.18 -11.67 11.21
N HIS B 144 -39.33 -11.11 10.86
CA HIS B 144 -39.34 -10.01 9.92
C HIS B 144 -39.07 -8.74 10.73
N ARG B 145 -38.65 -7.70 10.03
CA ARG B 145 -38.38 -6.42 10.68
C ARG B 145 -39.65 -5.95 11.37
N LEU B 146 -40.77 -6.01 10.62
CA LEU B 146 -42.07 -5.59 11.13
C LEU B 146 -42.52 -6.29 12.40
N GLN B 147 -41.93 -7.43 12.72
CA GLN B 147 -42.30 -8.15 13.94
C GLN B 147 -41.41 -7.70 15.09
N CYS B 148 -40.15 -7.41 14.77
CA CYS B 148 -39.20 -6.99 15.80
C CYS B 148 -39.47 -5.58 16.30
N VAL B 149 -40.24 -4.81 15.54
CA VAL B 149 -40.53 -3.44 15.95
C VAL B 149 -41.37 -3.39 17.24
N ARG B 150 -42.22 -4.39 17.44
CA ARG B 150 -43.06 -4.46 18.64
C ARG B 150 -42.19 -4.62 19.89
N GLY B 151 -41.13 -5.43 19.78
CA GLY B 151 -40.26 -5.65 20.91
C GLY B 151 -39.03 -4.76 20.94
N PHE B 152 -38.33 -4.70 19.81
CA PHE B 152 -37.12 -3.89 19.68
C PHE B 152 -37.37 -2.40 19.59
N GLY B 153 -38.50 -2.03 19.00
CA GLY B 153 -38.79 -0.63 18.82
C GLY B 153 -38.16 -0.16 17.51
N GLU B 154 -38.19 1.15 17.28
CA GLU B 154 -37.63 1.73 16.06
C GLU B 154 -36.15 1.41 15.91
N TRP B 155 -35.50 1.03 17.01
CA TRP B 155 -34.08 0.69 16.97
C TRP B 155 -33.81 -0.37 15.92
N ILE B 156 -34.80 -1.23 15.68
CA ILE B 156 -34.66 -2.30 14.70
C ILE B 156 -34.42 -1.79 13.28
N ASP B 157 -34.83 -0.55 13.00
CA ASP B 157 -34.62 0.03 11.67
C ASP B 157 -33.18 0.53 11.57
N SER B 158 -32.64 1.01 12.69
CA SER B 158 -31.27 1.50 12.71
C SER B 158 -30.35 0.29 12.58
N ILE B 159 -30.82 -0.85 13.09
CA ILE B 159 -30.07 -2.08 13.03
C ILE B 159 -30.03 -2.60 11.60
N VAL B 160 -31.18 -2.60 10.93
CA VAL B 160 -31.26 -3.06 9.55
C VAL B 160 -30.45 -2.18 8.64
N GLU B 161 -30.40 -0.89 8.94
CA GLU B 161 -29.62 0.04 8.14
C GLU B 161 -28.14 -0.29 8.33
N PHE B 162 -27.76 -0.63 9.56
CA PHE B 162 -26.37 -0.97 9.86
C PHE B 162 -26.00 -2.26 9.14
N SER B 163 -26.94 -3.20 9.10
CA SER B 163 -26.73 -4.49 8.45
C SER B 163 -26.55 -4.26 6.95
N SER B 164 -27.37 -3.37 6.40
CA SER B 164 -27.30 -3.03 4.99
C SER B 164 -25.92 -2.46 4.64
N ASN B 165 -25.42 -1.54 5.48
CA ASN B 165 -24.11 -0.95 5.22
C ASN B 165 -23.01 -2.00 5.38
N LEU B 166 -23.12 -2.81 6.42
CA LEU B 166 -22.11 -3.85 6.69
C LEU B 166 -21.99 -4.86 5.55
N GLN B 167 -23.12 -5.33 5.03
CA GLN B 167 -23.11 -6.32 3.97
C GLN B 167 -22.73 -5.74 2.61
N ASN B 168 -22.92 -4.46 2.41
CA ASN B 168 -22.54 -3.86 1.13
C ASN B 168 -21.02 -3.86 0.99
N MSE B 169 -20.31 -3.99 2.11
CA MSE B 169 -18.84 -4.02 2.07
C MSE B 169 -18.32 -5.39 1.65
O MSE B 169 -17.16 -5.53 1.28
CB MSE B 169 -18.25 -3.66 3.43
CG MSE B 169 -18.39 -2.19 3.82
SE MSE B 169 -17.60 -1.83 5.55
CE MSE B 169 -15.74 -2.01 5.06
N ASN B 170 -19.17 -6.41 1.71
CA ASN B 170 -18.79 -7.76 1.33
C ASN B 170 -17.60 -8.29 2.11
N ILE B 171 -17.62 -8.09 3.42
CA ILE B 171 -16.56 -8.54 4.29
C ILE B 171 -16.55 -10.07 4.27
N ASP B 172 -15.38 -10.68 4.09
CA ASP B 172 -15.30 -12.14 4.09
C ASP B 172 -15.29 -12.62 5.53
N ILE B 173 -15.45 -13.93 5.72
CA ILE B 173 -15.51 -14.47 7.06
C ILE B 173 -14.25 -14.26 7.88
N SER B 174 -13.09 -14.40 7.28
CA SER B 174 -11.86 -14.17 8.04
C SER B 174 -11.82 -12.75 8.59
N ALA B 175 -12.12 -11.78 7.73
CA ALA B 175 -12.12 -10.38 8.14
C ALA B 175 -13.20 -10.11 9.19
N PHE B 176 -14.41 -10.62 8.97
CA PHE B 176 -15.47 -10.39 9.94
C PHE B 176 -15.16 -11.00 11.30
N SER B 177 -14.49 -12.15 11.32
CA SER B 177 -14.15 -12.80 12.59
C SER B 177 -13.13 -11.99 13.40
N CYS B 178 -12.35 -11.17 12.71
CA CYS B 178 -11.36 -10.33 13.38
C CYS B 178 -12.08 -9.12 13.94
N ILE B 179 -13.00 -8.58 13.17
CA ILE B 179 -13.74 -7.40 13.61
C ILE B 179 -14.60 -7.72 14.84
N ALA B 180 -15.24 -8.89 14.83
CA ALA B 180 -16.06 -9.30 15.96
C ALA B 180 -15.17 -9.28 17.18
N ALA B 181 -14.02 -9.94 17.07
CA ALA B 181 -13.05 -9.99 18.17
C ALA B 181 -12.62 -8.61 18.65
N LEU B 182 -12.40 -7.68 17.73
CA LEU B 182 -11.96 -6.34 18.09
C LEU B 182 -13.05 -5.47 18.74
N ALA B 183 -14.30 -5.89 18.65
CA ALA B 183 -15.39 -5.15 19.29
C ALA B 183 -15.36 -5.40 20.79
N MSE B 184 -14.77 -6.52 21.18
CA MSE B 184 -14.68 -6.85 22.60
C MSE B 184 -13.28 -6.59 23.16
O MSE B 184 -13.13 -6.09 24.28
CB MSE B 184 -15.08 -8.30 22.85
CG MSE B 184 -14.96 -8.69 24.31
SE MSE B 184 -15.46 -10.50 24.62
CE MSE B 184 -13.89 -11.38 23.96
N VAL B 185 -12.25 -6.95 22.40
CA VAL B 185 -10.87 -6.73 22.84
C VAL B 185 -10.58 -5.30 22.46
N THR B 186 -10.97 -4.38 23.33
CA THR B 186 -10.81 -2.95 23.09
C THR B 186 -10.74 -2.25 24.43
N GLU B 187 -10.23 -1.02 24.42
CA GLU B 187 -10.09 -0.23 25.64
C GLU B 187 -11.37 -0.10 26.46
N ARG B 188 -11.24 -0.30 27.77
CA ARG B 188 -12.35 -0.18 28.72
C ARG B 188 -11.81 0.40 30.02
N HIS B 189 -12.48 1.41 30.56
CA HIS B 189 -12.03 2.03 31.80
C HIS B 189 -12.29 1.11 32.99
N GLY B 190 -11.30 1.02 33.88
CA GLY B 190 -11.45 0.17 35.05
C GLY B 190 -10.90 -1.21 34.76
N LEU B 191 -10.02 -1.28 33.76
CA LEU B 191 -9.40 -2.53 33.37
C LEU B 191 -8.12 -2.68 34.19
N LYS B 192 -7.91 -3.87 34.75
CA LYS B 192 -6.72 -4.10 35.56
C LYS B 192 -5.42 -3.97 34.79
N GLU B 193 -5.32 -4.66 33.66
CA GLU B 193 -4.13 -4.60 32.82
C GLU B 193 -4.49 -4.17 31.41
N PRO B 194 -4.68 -2.87 31.20
CA PRO B 194 -5.03 -2.32 29.88
C PRO B 194 -3.96 -2.54 28.84
N LYS B 195 -2.71 -2.73 29.29
CA LYS B 195 -1.59 -2.94 28.39
C LYS B 195 -1.68 -4.34 27.79
N ARG B 196 -2.22 -5.28 28.58
CA ARG B 196 -2.38 -6.66 28.12
C ARG B 196 -3.43 -6.73 27.03
N VAL B 197 -4.54 -6.02 27.23
CA VAL B 197 -5.62 -6.00 26.26
C VAL B 197 -5.14 -5.36 24.97
N GLU B 198 -4.48 -4.22 25.10
CA GLU B 198 -3.95 -3.49 23.95
C GLU B 198 -3.07 -4.39 23.09
N GLU B 199 -2.28 -5.23 23.73
CA GLU B 199 -1.41 -6.13 22.99
C GLU B 199 -2.22 -7.20 22.27
N LEU B 200 -3.23 -7.74 22.93
CA LEU B 200 -4.05 -8.75 22.29
C LEU B 200 -4.75 -8.11 21.09
N GLN B 201 -5.16 -6.85 21.27
CA GLN B 201 -5.84 -6.09 20.24
C GLN B 201 -4.96 -5.88 19.00
N ASN B 202 -3.71 -5.46 19.25
CA ASN B 202 -2.76 -5.22 18.17
C ASN B 202 -2.55 -6.51 17.39
N LYS B 203 -2.44 -7.61 18.12
CA LYS B 203 -2.24 -8.93 17.54
C LYS B 203 -3.38 -9.25 16.56
N ILE B 204 -4.61 -8.93 16.95
CA ILE B 204 -5.75 -9.20 16.09
C ILE B 204 -5.76 -8.26 14.90
N VAL B 205 -5.49 -6.98 15.16
CA VAL B 205 -5.46 -6.01 14.08
C VAL B 205 -4.43 -6.48 13.07
N ASN B 206 -3.23 -6.82 13.56
CA ASN B 206 -2.16 -7.28 12.68
C ASN B 206 -2.52 -8.54 11.91
N CYS B 207 -3.31 -9.40 12.54
CA CYS B 207 -3.75 -10.63 11.90
C CYS B 207 -4.70 -10.28 10.75
N LEU B 208 -5.52 -9.26 10.96
CA LEU B 208 -6.46 -8.80 9.95
C LEU B 208 -5.75 -8.10 8.79
N LYS B 209 -4.67 -7.39 9.09
CA LYS B 209 -3.93 -6.69 8.05
C LYS B 209 -3.24 -7.69 7.12
N ASP B 210 -2.71 -8.76 7.71
CA ASP B 210 -2.04 -9.76 6.90
C ASP B 210 -3.02 -10.41 5.94
N HIS B 211 -4.21 -10.74 6.42
CA HIS B 211 -5.22 -11.37 5.57
C HIS B 211 -5.50 -10.47 4.37
N VAL B 212 -5.79 -9.21 4.66
CA VAL B 212 -6.10 -8.24 3.63
C VAL B 212 -4.93 -8.02 2.67
N THR B 213 -3.74 -7.83 3.24
CA THR B 213 -2.54 -7.60 2.46
C THR B 213 -2.14 -8.82 1.62
N PHE B 214 -2.22 -10.03 2.20
CA PHE B 214 -1.88 -11.25 1.48
C PHE B 214 -2.83 -11.54 0.31
N ASN B 215 -4.09 -11.14 0.44
CA ASN B 215 -5.05 -11.35 -0.61
C ASN B 215 -4.97 -10.26 -1.69
N ASN B 216 -3.98 -9.38 -1.56
CA ASN B 216 -3.82 -8.31 -2.54
C ASN B 216 -2.41 -8.29 -3.08
N GLY B 217 -1.80 -9.47 -3.12
CA GLY B 217 -0.45 -9.60 -3.62
C GLY B 217 0.61 -8.93 -2.78
N GLY B 218 0.37 -8.86 -1.47
CA GLY B 218 1.35 -8.25 -0.58
C GLY B 218 1.22 -6.74 -0.44
N LEU B 219 0.23 -6.15 -1.10
CA LEU B 219 0.02 -4.70 -1.04
C LEU B 219 -1.18 -4.41 -0.13
N ASN B 220 -0.95 -3.63 0.92
CA ASN B 220 -2.01 -3.31 1.87
C ASN B 220 -3.14 -2.45 1.27
N ARG B 221 -4.21 -2.29 2.05
CA ARG B 221 -5.35 -1.51 1.59
C ARG B 221 -5.79 -0.68 2.79
N PRO B 222 -5.04 0.39 3.11
CA PRO B 222 -5.35 1.26 4.24
C PRO B 222 -6.75 1.88 4.27
N ASN B 223 -7.32 2.17 3.12
CA ASN B 223 -8.65 2.77 3.12
C ASN B 223 -9.72 1.73 3.44
N TYR B 224 -9.61 0.56 2.84
CA TYR B 224 -10.56 -0.51 3.12
C TYR B 224 -10.48 -0.83 4.61
N LEU B 225 -9.26 -0.99 5.12
CA LEU B 225 -9.04 -1.31 6.53
C LEU B 225 -9.73 -0.29 7.45
N SER B 226 -9.52 1.00 7.21
CA SER B 226 -10.13 2.01 8.04
C SER B 226 -11.66 2.03 7.91
N LYS B 227 -12.16 1.60 6.75
CA LYS B 227 -13.61 1.52 6.51
C LYS B 227 -14.15 0.35 7.34
N LEU B 228 -13.36 -0.71 7.43
CA LEU B 228 -13.71 -1.92 8.16
C LEU B 228 -13.72 -1.62 9.67
N LEU B 229 -12.65 -1.00 10.16
CA LEU B 229 -12.52 -0.65 11.57
C LEU B 229 -13.47 0.48 11.98
N GLY B 230 -13.89 1.28 11.02
CA GLY B 230 -14.80 2.37 11.31
C GLY B 230 -16.20 1.86 11.65
N LYS B 231 -16.45 0.59 11.35
CA LYS B 231 -17.76 0.03 11.65
C LYS B 231 -17.93 -0.18 13.16
N LEU B 232 -16.82 -0.21 13.90
CA LEU B 232 -16.89 -0.43 15.35
C LEU B 232 -17.47 0.80 16.08
N PRO B 233 -16.99 2.01 15.74
CA PRO B 233 -17.55 3.19 16.42
C PRO B 233 -19.02 3.28 16.07
N GLU B 234 -19.34 2.98 14.81
CA GLU B 234 -20.74 3.00 14.37
C GLU B 234 -21.56 1.99 15.19
N LEU B 235 -20.98 0.83 15.46
CA LEU B 235 -21.67 -0.22 16.22
C LEU B 235 -21.92 0.27 17.64
N ARG B 236 -20.92 0.93 18.20
CA ARG B 236 -21.02 1.46 19.55
C ARG B 236 -22.16 2.48 19.63
N THR B 237 -22.23 3.39 18.64
CA THR B 237 -23.27 4.40 18.61
C THR B 237 -24.66 3.77 18.42
N LEU B 238 -24.74 2.80 17.52
CA LEU B 238 -26.00 2.11 17.22
C LEU B 238 -26.58 1.47 18.47
N CYS B 239 -25.72 0.90 19.29
CA CYS B 239 -26.16 0.23 20.50
C CYS B 239 -26.60 1.13 21.65
N THR B 240 -26.27 2.43 21.61
CA THR B 240 -26.73 3.30 22.68
C THR B 240 -28.25 3.39 22.52
N GLN B 241 -28.72 3.21 21.29
CA GLN B 241 -30.14 3.25 21.00
C GLN B 241 -30.80 1.99 21.58
N GLY B 242 -29.99 0.96 21.83
CA GLY B 242 -30.51 -0.26 22.42
C GLY B 242 -30.67 0.01 23.90
N LEU B 243 -29.78 0.83 24.45
CA LEU B 243 -29.85 1.18 25.86
C LEU B 243 -31.06 2.08 26.12
N GLN B 244 -31.43 2.87 25.11
CA GLN B 244 -32.58 3.77 25.24
C GLN B 244 -33.87 2.96 25.19
N ARG B 245 -33.87 1.86 24.44
CA ARG B 245 -35.07 1.03 24.33
C ARG B 245 -35.34 0.30 25.64
N ILE B 246 -34.28 -0.11 26.33
CA ILE B 246 -34.43 -0.81 27.60
C ILE B 246 -34.85 0.18 28.68
N PHE B 247 -34.30 1.37 28.61
CA PHE B 247 -34.63 2.41 29.57
C PHE B 247 -36.10 2.76 29.39
N TYR B 248 -36.53 2.84 28.15
CA TYR B 248 -37.92 3.13 27.85
C TYR B 248 -38.83 2.05 28.44
N LEU B 249 -38.46 0.79 28.26
CA LEU B 249 -39.25 -0.32 28.78
C LEU B 249 -39.31 -0.30 30.29
N LYS B 250 -38.21 0.13 30.91
CA LYS B 250 -38.13 0.23 32.37
C LYS B 250 -39.09 1.32 32.87
N LEU B 251 -39.17 2.41 32.12
CA LEU B 251 -40.04 3.52 32.49
C LEU B 251 -41.51 3.17 32.27
N GLU B 252 -41.82 2.58 31.13
CA GLU B 252 -43.19 2.18 30.81
C GLU B 252 -43.70 1.28 31.94
N ASP B 253 -42.80 0.42 32.42
CA ASP B 253 -43.08 -0.49 33.53
C ASP B 253 -44.24 -1.47 33.26
N LEU B 254 -44.53 -1.72 31.99
CA LEU B 254 -45.58 -2.66 31.62
C LEU B 254 -45.00 -4.08 31.65
N VAL B 255 -43.85 -4.25 31.00
CA VAL B 255 -43.16 -5.53 30.96
C VAL B 255 -41.77 -5.25 31.49
N PRO B 256 -41.64 -5.02 32.80
CA PRO B 256 -40.35 -4.73 33.44
C PRO B 256 -39.23 -5.70 33.08
N PRO B 257 -38.05 -5.15 32.77
CA PRO B 257 -36.87 -5.95 32.41
C PRO B 257 -36.48 -6.86 33.58
N PRO B 258 -36.34 -8.17 33.34
CA PRO B 258 -35.96 -9.05 34.44
C PRO B 258 -34.53 -8.72 34.91
N ALA B 259 -34.16 -9.21 36.10
CA ALA B 259 -32.85 -8.97 36.70
C ALA B 259 -31.66 -9.10 35.74
N ILE B 260 -31.70 -10.12 34.88
CA ILE B 260 -30.63 -10.34 33.92
C ILE B 260 -30.52 -9.20 32.91
N ILE B 261 -31.65 -8.60 32.55
CA ILE B 261 -31.65 -7.50 31.60
C ILE B 261 -31.23 -6.22 32.32
N ASP B 262 -31.54 -6.15 33.62
CA ASP B 262 -31.14 -5.02 34.44
C ASP B 262 -29.62 -5.00 34.46
N LYS B 263 -29.03 -6.16 34.75
CA LYS B 263 -27.58 -6.29 34.78
C LYS B 263 -27.01 -5.89 33.42
N LEU B 264 -27.64 -6.38 32.35
CA LEU B 264 -27.20 -6.09 30.98
C LEU B 264 -27.11 -4.56 30.80
N PHE B 265 -28.17 -3.87 31.19
CA PHE B 265 -28.25 -2.42 31.10
C PHE B 265 -27.08 -1.74 31.80
N LEU B 266 -26.79 -2.16 33.03
CA LEU B 266 -25.70 -1.55 33.79
C LEU B 266 -24.30 -1.89 33.28
N ASP B 267 -24.12 -3.11 32.78
CA ASP B 267 -22.82 -3.51 32.24
C ASP B 267 -22.52 -2.73 30.95
N THR B 268 -23.57 -2.38 30.21
CA THR B 268 -23.43 -1.68 28.95
C THR B 268 -23.33 -0.16 29.05
N LEU B 269 -23.81 0.39 30.17
CA LEU B 269 -23.79 1.82 30.40
C LEU B 269 -22.37 2.36 30.20
N PRO B 270 -22.18 3.26 29.21
CA PRO B 270 -20.85 3.82 28.96
C PRO B 270 -20.34 4.71 30.08
N PHE B 271 -21.20 5.00 31.05
CA PHE B 271 -20.78 5.83 32.18
C PHE B 271 -21.06 5.14 33.52
N SER C 36 22.77 -19.90 -35.18
CA SER C 36 22.29 -20.58 -33.94
C SER C 36 21.29 -19.70 -33.20
N LEU C 37 21.75 -18.55 -32.72
CA LEU C 37 20.87 -17.63 -32.01
C LEU C 37 19.77 -17.20 -32.97
N ILE C 38 20.17 -16.77 -34.16
CA ILE C 38 19.23 -16.31 -35.16
C ILE C 38 18.22 -17.43 -35.47
N SER C 39 18.71 -18.65 -35.60
CA SER C 39 17.86 -19.81 -35.86
C SER C 39 16.85 -19.99 -34.75
N ALA C 40 17.33 -19.94 -33.51
CA ALA C 40 16.46 -20.09 -32.37
C ALA C 40 15.42 -18.97 -32.35
N LEU C 41 15.84 -17.74 -32.67
CA LEU C 41 14.91 -16.61 -32.68
C LEU C 41 13.83 -16.80 -33.74
N VAL C 42 14.21 -17.34 -34.89
CA VAL C 42 13.25 -17.57 -35.96
C VAL C 42 12.28 -18.71 -35.57
N ARG C 43 12.83 -19.77 -34.98
CA ARG C 43 12.01 -20.90 -34.54
C ARG C 43 10.99 -20.38 -33.53
N ALA C 44 11.46 -19.57 -32.59
CA ALA C 44 10.59 -18.98 -31.57
C ALA C 44 9.42 -18.27 -32.25
N HIS C 45 9.74 -17.47 -33.25
CA HIS C 45 8.73 -16.75 -34.01
C HIS C 45 7.76 -17.69 -34.72
N VAL C 46 8.31 -18.61 -35.52
CA VAL C 46 7.49 -19.56 -36.28
C VAL C 46 6.55 -20.39 -35.40
N ASP C 47 7.11 -20.96 -34.34
CA ASP C 47 6.33 -21.80 -33.43
C ASP C 47 5.28 -21.01 -32.65
N SER C 48 5.46 -19.71 -32.49
CA SER C 48 4.48 -18.91 -31.75
C SER C 48 3.52 -18.17 -32.67
N ASN C 49 3.55 -18.45 -33.96
CA ASN C 49 2.65 -17.78 -34.90
C ASN C 49 1.81 -18.76 -35.72
N PRO C 50 0.60 -18.35 -36.09
CA PRO C 50 -0.30 -19.23 -36.86
C PRO C 50 0.10 -19.33 -38.33
N ALA C 51 0.06 -20.54 -38.88
CA ALA C 51 0.38 -20.73 -40.29
C ALA C 51 -0.74 -20.06 -41.08
N MET C 52 -0.39 -19.38 -42.16
CA MET C 52 -1.40 -18.67 -42.94
C MET C 52 -2.42 -19.64 -43.58
N THR C 53 -2.34 -20.91 -43.19
CA THR C 53 -3.26 -21.92 -43.71
C THR C 53 -4.09 -22.54 -42.59
N SER C 54 -4.13 -21.87 -41.44
CA SER C 54 -4.90 -22.37 -40.30
C SER C 54 -5.73 -21.23 -39.72
N LEU C 55 -5.96 -20.20 -40.52
CA LEU C 55 -6.71 -19.04 -40.07
C LEU C 55 -8.20 -19.32 -39.90
N ASP C 56 -8.80 -18.65 -38.93
CA ASP C 56 -10.23 -18.79 -38.66
C ASP C 56 -10.93 -17.53 -39.16
N TYR C 57 -11.75 -17.68 -40.19
CA TYR C 57 -12.49 -16.56 -40.77
C TYR C 57 -13.95 -16.54 -40.32
N SER C 58 -14.32 -17.48 -39.46
CA SER C 58 -15.70 -17.57 -38.97
C SER C 58 -16.26 -16.25 -38.48
N ARG C 59 -15.39 -15.35 -38.04
CA ARG C 59 -15.84 -14.06 -37.52
C ARG C 59 -15.46 -12.90 -38.44
N PHE C 60 -14.89 -13.20 -39.59
CA PHE C 60 -14.48 -12.15 -40.52
C PHE C 60 -15.66 -11.59 -41.31
N GLN C 61 -15.75 -10.28 -41.38
CA GLN C 61 -16.83 -9.64 -42.10
C GLN C 61 -16.44 -8.26 -42.63
N ALA C 62 -16.14 -8.20 -43.92
CA ALA C 62 -15.75 -6.94 -44.56
C ALA C 62 -16.87 -6.46 -45.46
N ASN C 63 -17.80 -5.68 -44.92
CA ASN C 63 -18.92 -5.17 -45.69
C ASN C 63 -18.99 -3.64 -45.69
N PRO C 64 -18.10 -2.99 -46.44
CA PRO C 64 -18.04 -1.53 -46.55
C PRO C 64 -19.20 -0.94 -47.35
N GLY C 70 -22.97 -6.01 -34.58
CA GLY C 70 -22.85 -6.57 -33.25
C GLY C 70 -22.85 -5.50 -32.16
N ASP C 71 -23.23 -5.91 -30.95
CA ASP C 71 -23.29 -5.01 -29.81
C ASP C 71 -21.95 -4.37 -29.47
N ASP C 72 -21.99 -3.10 -29.05
CA ASP C 72 -20.78 -2.37 -28.67
C ASP C 72 -20.08 -3.12 -27.55
N THR C 73 -20.89 -3.68 -26.65
CA THR C 73 -20.39 -4.45 -25.54
C THR C 73 -19.60 -5.65 -26.06
N GLN C 74 -20.10 -6.25 -27.14
CA GLN C 74 -19.48 -7.41 -27.76
C GLN C 74 -18.11 -7.11 -28.36
N HIS C 75 -17.98 -5.94 -28.98
CA HIS C 75 -16.72 -5.55 -29.59
C HIS C 75 -15.67 -5.27 -28.53
N ILE C 76 -16.07 -4.61 -27.45
CA ILE C 76 -15.13 -4.32 -26.38
C ILE C 76 -14.64 -5.61 -25.70
N GLN C 77 -15.57 -6.51 -25.39
CA GLN C 77 -15.18 -7.78 -24.77
C GLN C 77 -14.25 -8.55 -25.71
N GLN C 78 -14.51 -8.45 -27.01
CA GLN C 78 -13.68 -9.13 -28.00
C GLN C 78 -12.27 -8.54 -27.94
N PHE C 79 -12.22 -7.22 -27.78
CA PHE C 79 -10.95 -6.50 -27.70
C PHE C 79 -10.18 -7.05 -26.48
N TYR C 80 -10.86 -7.17 -25.34
CA TYR C 80 -10.21 -7.70 -24.14
C TYR C 80 -9.77 -9.14 -24.34
N ASP C 81 -10.62 -9.92 -25.02
CA ASP C 81 -10.32 -11.33 -25.26
C ASP C 81 -9.11 -11.55 -26.17
N LEU C 82 -9.00 -10.76 -27.22
CA LEU C 82 -7.87 -10.89 -28.14
C LEU C 82 -6.56 -10.60 -27.43
N LEU C 83 -6.60 -9.70 -26.46
CA LEU C 83 -5.40 -9.37 -25.68
C LEU C 83 -5.05 -10.50 -24.71
N THR C 84 -6.03 -10.92 -23.92
CA THR C 84 -5.78 -11.97 -22.95
C THR C 84 -5.46 -13.30 -23.63
N GLY C 85 -6.07 -13.55 -24.78
CA GLY C 85 -5.82 -14.78 -25.51
C GLY C 85 -4.42 -14.89 -26.08
N SER C 86 -3.75 -13.76 -26.26
CA SER C 86 -2.40 -13.75 -26.82
C SER C 86 -1.30 -13.85 -25.77
N MSE C 87 -1.64 -13.57 -24.52
CA MSE C 87 -0.67 -13.59 -23.43
C MSE C 87 0.14 -14.87 -23.29
O MSE C 87 1.37 -14.82 -23.31
CB MSE C 87 -1.37 -13.28 -22.11
CG MSE C 87 -2.08 -11.94 -22.15
SE MSE C 87 -2.78 -11.39 -20.44
CE MSE C 87 -2.53 -9.47 -20.65
N GLU C 88 -0.54 -15.99 -23.14
CA GLU C 88 0.14 -17.28 -22.98
C GLU C 88 0.95 -17.59 -24.24
N ILE C 89 0.38 -17.29 -25.40
CA ILE C 89 1.08 -17.53 -26.65
C ILE C 89 2.39 -16.75 -26.67
N ILE C 90 2.32 -15.45 -26.41
CA ILE C 90 3.54 -14.62 -26.41
C ILE C 90 4.50 -14.99 -25.27
N ARG C 91 3.97 -15.45 -24.15
CA ARG C 91 4.82 -15.87 -23.04
C ARG C 91 5.62 -17.09 -23.53
N GLY C 92 4.94 -18.00 -24.22
CA GLY C 92 5.61 -19.17 -24.76
C GLY C 92 6.78 -18.73 -25.62
N TRP C 93 6.52 -17.75 -26.49
CA TRP C 93 7.56 -17.21 -27.37
C TRP C 93 8.77 -16.73 -26.57
N ALA C 94 8.51 -15.92 -25.54
CA ALA C 94 9.59 -15.37 -24.72
C ALA C 94 10.43 -16.46 -24.08
N GLU C 95 9.77 -17.50 -23.59
CA GLU C 95 10.44 -18.61 -22.94
C GLU C 95 11.33 -19.42 -23.91
N LYS C 96 11.15 -19.21 -25.20
CA LYS C 96 11.94 -19.91 -26.21
C LYS C 96 13.13 -19.08 -26.69
N ILE C 97 13.32 -17.91 -26.08
CA ILE C 97 14.44 -17.05 -26.45
C ILE C 97 15.66 -17.47 -25.63
N PRO C 98 16.71 -17.97 -26.31
CA PRO C 98 17.93 -18.41 -25.61
C PRO C 98 18.40 -17.46 -24.50
N GLY C 99 18.38 -17.97 -23.26
CA GLY C 99 18.81 -17.17 -22.13
C GLY C 99 17.70 -16.65 -21.23
N PHE C 100 16.60 -16.22 -21.83
CA PHE C 100 15.48 -15.68 -21.08
C PHE C 100 15.09 -16.57 -19.90
N ALA C 101 14.89 -17.85 -20.17
CA ALA C 101 14.50 -18.80 -19.13
C ALA C 101 15.60 -19.04 -18.10
N ASP C 102 16.72 -18.35 -18.23
CA ASP C 102 17.82 -18.49 -17.28
C ASP C 102 17.82 -17.33 -16.27
N LEU C 103 17.21 -16.22 -16.68
CA LEU C 103 17.12 -15.05 -15.82
C LEU C 103 16.20 -15.36 -14.64
N PRO C 104 16.32 -14.61 -13.54
CA PRO C 104 15.47 -14.84 -12.38
C PRO C 104 14.02 -14.73 -12.83
N LYS C 105 13.17 -15.65 -12.40
CA LYS C 105 11.77 -15.63 -12.79
C LYS C 105 11.15 -14.26 -12.52
N ALA C 106 11.77 -13.49 -11.63
CA ALA C 106 11.29 -12.16 -11.30
C ALA C 106 11.55 -11.22 -12.47
N ASP C 107 12.77 -11.25 -12.98
CA ASP C 107 13.17 -10.41 -14.10
C ASP C 107 12.36 -10.77 -15.34
N GLN C 108 12.11 -12.07 -15.53
CA GLN C 108 11.35 -12.52 -16.68
C GLN C 108 9.98 -11.82 -16.68
N ASP C 109 9.24 -11.97 -15.59
CA ASP C 109 7.94 -11.35 -15.46
C ASP C 109 7.98 -9.86 -15.75
N LEU C 110 9.00 -9.19 -15.23
CA LEU C 110 9.14 -7.76 -15.42
C LEU C 110 9.35 -7.36 -16.88
N LEU C 111 10.14 -8.15 -17.59
CA LEU C 111 10.40 -7.87 -19.01
C LEU C 111 9.17 -8.16 -19.85
N PHE C 112 8.51 -9.26 -19.53
CA PHE C 112 7.32 -9.69 -20.23
C PHE C 112 6.15 -8.74 -20.02
N GLU C 113 5.88 -8.44 -18.75
CA GLU C 113 4.79 -7.58 -18.38
C GLU C 113 4.90 -6.16 -18.96
N SER C 114 6.13 -5.66 -19.07
CA SER C 114 6.36 -4.33 -19.59
C SER C 114 6.30 -4.25 -21.11
N ALA C 115 6.50 -5.38 -21.79
CA ALA C 115 6.51 -5.37 -23.24
C ALA C 115 5.34 -6.06 -23.94
N PHE C 116 4.50 -6.77 -23.19
CA PHE C 116 3.41 -7.49 -23.83
C PHE C 116 2.57 -6.73 -24.87
N LEU C 117 2.08 -5.55 -24.53
CA LEU C 117 1.26 -4.78 -25.47
C LEU C 117 2.04 -4.50 -26.73
N GLU C 118 3.32 -4.16 -26.57
CA GLU C 118 4.18 -3.89 -27.70
C GLU C 118 4.37 -5.15 -28.55
N LEU C 119 4.58 -6.28 -27.89
CA LEU C 119 4.75 -7.54 -28.61
C LEU C 119 3.49 -7.88 -29.39
N PHE C 120 2.34 -7.65 -28.76
CA PHE C 120 1.04 -7.93 -29.37
C PHE C 120 0.86 -7.10 -30.65
N VAL C 121 1.07 -5.79 -30.54
CA VAL C 121 0.91 -4.89 -31.66
C VAL C 121 1.92 -5.15 -32.79
N LEU C 122 3.17 -5.39 -32.42
CA LEU C 122 4.20 -5.64 -33.41
C LEU C 122 3.97 -6.94 -34.20
N ARG C 123 3.59 -8.00 -33.51
CA ARG C 123 3.34 -9.28 -34.17
C ARG C 123 2.09 -9.20 -35.03
N LEU C 124 1.11 -8.45 -34.57
CA LEU C 124 -0.14 -8.25 -35.30
C LEU C 124 0.14 -7.46 -36.59
N ALA C 125 0.97 -6.43 -36.47
CA ALA C 125 1.31 -5.58 -37.59
C ALA C 125 2.12 -6.32 -38.63
N TYR C 126 3.06 -7.15 -38.16
CA TYR C 126 3.90 -7.90 -39.07
C TYR C 126 3.14 -8.93 -39.89
N ARG C 127 2.22 -9.65 -39.26
CA ARG C 127 1.48 -10.70 -39.96
C ARG C 127 0.20 -10.27 -40.66
N SER C 128 -0.33 -9.11 -40.29
CA SER C 128 -1.58 -8.64 -40.90
C SER C 128 -1.44 -8.18 -42.35
N ASN C 129 -2.58 -7.86 -42.95
CA ASN C 129 -2.63 -7.41 -44.34
C ASN C 129 -3.20 -5.98 -44.41
N PRO C 130 -2.34 -4.98 -44.21
CA PRO C 130 -2.71 -3.56 -44.22
C PRO C 130 -3.63 -3.19 -45.39
N VAL C 131 -3.10 -3.33 -46.60
CA VAL C 131 -3.81 -3.02 -47.83
C VAL C 131 -5.27 -3.49 -47.84
N GLU C 132 -5.50 -4.76 -47.52
CA GLU C 132 -6.85 -5.29 -47.50
C GLU C 132 -7.59 -5.07 -46.18
N GLY C 133 -6.96 -4.38 -45.24
CA GLY C 133 -7.59 -4.11 -43.96
C GLY C 133 -7.94 -5.38 -43.18
N LYS C 134 -7.08 -6.39 -43.28
CA LYS C 134 -7.28 -7.65 -42.57
C LYS C 134 -6.32 -7.84 -41.41
N LEU C 135 -6.84 -7.72 -40.18
CA LEU C 135 -6.05 -7.91 -38.98
C LEU C 135 -6.03 -9.40 -38.63
N ILE C 136 -4.83 -9.96 -38.50
CA ILE C 136 -4.68 -11.36 -38.17
C ILE C 136 -4.02 -11.48 -36.80
N PHE C 137 -4.72 -12.11 -35.86
CA PHE C 137 -4.24 -12.24 -34.50
C PHE C 137 -3.45 -13.51 -34.14
N CYS C 138 -2.72 -13.44 -33.03
CA CYS C 138 -1.87 -14.52 -32.55
C CYS C 138 -2.59 -15.88 -32.58
N ASN C 139 -3.91 -15.87 -32.38
CA ASN C 139 -4.67 -17.10 -32.37
C ASN C 139 -5.28 -17.51 -33.71
N GLY C 140 -4.96 -16.79 -34.77
CA GLY C 140 -5.48 -17.16 -36.08
C GLY C 140 -6.76 -16.49 -36.55
N VAL C 141 -7.43 -15.78 -35.65
CA VAL C 141 -8.67 -15.11 -36.02
C VAL C 141 -8.41 -13.95 -36.96
N VAL C 142 -9.24 -13.82 -37.99
CA VAL C 142 -9.10 -12.73 -38.94
C VAL C 142 -10.27 -11.78 -38.77
N LEU C 143 -9.95 -10.50 -38.62
CA LEU C 143 -10.94 -9.46 -38.42
C LEU C 143 -10.68 -8.29 -39.36
N HIS C 144 -11.74 -7.71 -39.89
CA HIS C 144 -11.58 -6.56 -40.77
C HIS C 144 -11.35 -5.33 -39.90
N ARG C 145 -10.66 -4.34 -40.47
CA ARG C 145 -10.36 -3.10 -39.78
C ARG C 145 -11.64 -2.48 -39.23
N LEU C 146 -12.66 -2.41 -40.10
CA LEU C 146 -13.95 -1.85 -39.73
C LEU C 146 -14.58 -2.53 -38.53
N GLN C 147 -14.31 -3.81 -38.36
CA GLN C 147 -14.87 -4.53 -37.22
C GLN C 147 -14.07 -4.22 -35.97
N CYS C 148 -12.77 -3.97 -36.13
CA CYS C 148 -11.89 -3.67 -35.00
C CYS C 148 -12.04 -2.28 -34.41
N VAL C 149 -12.34 -1.30 -35.27
CA VAL C 149 -12.47 0.07 -34.81
C VAL C 149 -13.52 0.25 -33.73
N ARG C 150 -14.50 -0.64 -33.66
CA ARG C 150 -15.54 -0.51 -32.65
C ARG C 150 -15.04 -1.02 -31.28
N GLY C 151 -14.04 -1.88 -31.30
CA GLY C 151 -13.50 -2.40 -30.05
C GLY C 151 -12.18 -1.73 -29.70
N PHE C 152 -11.27 -1.69 -30.67
CA PHE C 152 -9.96 -1.08 -30.51
C PHE C 152 -10.03 0.44 -30.56
N GLY C 153 -11.03 0.96 -31.25
CA GLY C 153 -11.15 2.40 -31.38
C GLY C 153 -10.29 2.86 -32.54
N GLU C 154 -10.17 4.17 -32.72
CA GLU C 154 -9.39 4.76 -33.80
C GLU C 154 -7.94 4.26 -33.79
N TRP C 155 -7.51 3.76 -32.64
CA TRP C 155 -6.16 3.25 -32.48
C TRP C 155 -5.85 2.14 -33.49
N ILE C 156 -6.89 1.49 -33.99
CA ILE C 156 -6.68 0.42 -34.97
C ILE C 156 -6.19 1.04 -36.26
N ASP C 157 -6.59 2.28 -36.51
CA ASP C 157 -6.17 2.98 -37.72
C ASP C 157 -4.69 3.26 -37.64
N SER C 158 -4.22 3.59 -36.43
CA SER C 158 -2.81 3.86 -36.25
C SER C 158 -2.02 2.56 -36.32
N ILE C 159 -2.66 1.45 -35.99
CA ILE C 159 -1.94 0.18 -36.05
C ILE C 159 -1.81 -0.25 -37.50
N VAL C 160 -2.88 -0.09 -38.28
CA VAL C 160 -2.85 -0.45 -39.69
C VAL C 160 -1.79 0.40 -40.39
N GLU C 161 -1.67 1.66 -39.99
CA GLU C 161 -0.67 2.55 -40.56
C GLU C 161 0.73 2.04 -40.26
N PHE C 162 0.97 1.70 -38.99
CA PHE C 162 2.26 1.18 -38.55
C PHE C 162 2.60 -0.11 -39.27
N SER C 163 1.58 -0.95 -39.46
CA SER C 163 1.76 -2.23 -40.15
C SER C 163 2.15 -2.00 -41.60
N SER C 164 1.64 -0.93 -42.18
CA SER C 164 1.96 -0.60 -43.57
C SER C 164 3.42 -0.17 -43.65
N ASN C 165 3.83 0.73 -42.76
CA ASN C 165 5.22 1.21 -42.76
C ASN C 165 6.19 0.07 -42.50
N LEU C 166 5.81 -0.83 -41.60
CA LEU C 166 6.67 -1.94 -41.25
C LEU C 166 6.89 -2.83 -42.46
N GLN C 167 5.82 -3.07 -43.22
CA GLN C 167 5.90 -3.95 -44.38
C GLN C 167 6.60 -3.33 -45.57
N ASN C 168 6.51 -2.02 -45.74
CA ASN C 168 7.18 -1.37 -46.86
C ASN C 168 8.69 -1.50 -46.71
N MSE C 169 9.14 -1.78 -45.49
CA MSE C 169 10.57 -1.95 -45.23
C MSE C 169 11.03 -3.34 -45.63
O MSE C 169 12.21 -3.66 -45.53
CB MSE C 169 10.86 -1.74 -43.75
CG MSE C 169 10.75 -0.31 -43.24
SE MSE C 169 11.43 -0.17 -41.43
CE MSE C 169 13.28 -0.56 -41.78
N ASN C 170 10.09 -4.17 -46.09
CA ASN C 170 10.39 -5.53 -46.52
C ASN C 170 11.37 -6.22 -45.57
N ILE C 171 10.98 -6.31 -44.31
CA ILE C 171 11.81 -6.94 -43.28
C ILE C 171 11.67 -8.45 -43.36
N ASP C 172 12.78 -9.17 -43.46
CA ASP C 172 12.72 -10.63 -43.54
C ASP C 172 12.53 -11.25 -42.17
N ILE C 173 12.14 -12.52 -42.15
CA ILE C 173 11.88 -13.21 -40.90
C ILE C 173 13.00 -13.17 -39.86
N SER C 174 14.24 -13.38 -40.30
CA SER C 174 15.36 -13.36 -39.37
C SER C 174 15.48 -12.02 -38.65
N ALA C 175 15.43 -10.95 -39.43
CA ALA C 175 15.52 -9.59 -38.90
C ALA C 175 14.34 -9.29 -37.99
N PHE C 176 13.13 -9.67 -38.42
CA PHE C 176 11.96 -9.40 -37.58
C PHE C 176 12.03 -10.16 -36.26
N SER C 177 12.57 -11.37 -36.31
CA SER C 177 12.68 -12.20 -35.12
C SER C 177 13.65 -11.57 -34.12
N CYS C 178 14.62 -10.82 -34.62
CA CYS C 178 15.59 -10.15 -33.76
C CYS C 178 14.98 -8.89 -33.12
N ILE C 179 14.28 -8.12 -33.94
CA ILE C 179 13.62 -6.90 -33.48
C ILE C 179 12.62 -7.24 -32.38
N ALA C 180 11.79 -8.25 -32.64
CA ALA C 180 10.77 -8.69 -31.69
C ALA C 180 11.39 -9.00 -30.35
N ALA C 181 12.51 -9.72 -30.37
CA ALA C 181 13.22 -10.09 -29.15
C ALA C 181 13.74 -8.86 -28.44
N LEU C 182 14.22 -7.87 -29.21
CA LEU C 182 14.74 -6.64 -28.64
C LEU C 182 13.64 -5.79 -28.03
N ALA C 183 12.43 -5.89 -28.55
CA ALA C 183 11.32 -5.11 -28.02
C ALA C 183 11.11 -5.46 -26.56
N MSE C 184 11.40 -6.70 -26.19
CA MSE C 184 11.23 -7.14 -24.82
C MSE C 184 12.51 -7.14 -23.99
O MSE C 184 12.53 -6.67 -22.85
CB MSE C 184 10.63 -8.54 -24.76
CG MSE C 184 10.50 -9.04 -23.34
SE MSE C 184 9.61 -10.71 -23.25
CE MSE C 184 10.99 -11.81 -24.03
N VAL C 185 13.58 -7.69 -24.55
CA VAL C 185 14.86 -7.73 -23.85
C VAL C 185 15.49 -6.37 -23.98
N THR C 186 15.08 -5.46 -23.11
CA THR C 186 15.57 -4.09 -23.10
C THR C 186 15.65 -3.60 -21.65
N GLU C 187 16.22 -2.41 -21.46
CA GLU C 187 16.36 -1.87 -20.11
C GLU C 187 15.04 -1.63 -19.39
N ARG C 188 14.97 -2.09 -18.14
CA ARG C 188 13.78 -1.92 -17.31
C ARG C 188 14.22 -1.76 -15.86
N HIS C 189 13.45 -1.01 -15.08
CA HIS C 189 13.75 -0.80 -13.66
C HIS C 189 13.19 -1.97 -12.87
N GLY C 190 13.87 -2.33 -11.78
CA GLY C 190 13.42 -3.42 -10.95
C GLY C 190 14.01 -4.77 -11.31
N LEU C 191 14.92 -4.78 -12.29
CA LEU C 191 15.57 -6.01 -12.72
C LEU C 191 16.62 -6.46 -11.70
N LYS C 192 16.39 -7.60 -11.07
CA LYS C 192 17.32 -8.13 -10.09
C LYS C 192 18.70 -8.38 -10.70
N GLU C 193 18.76 -8.51 -12.02
CA GLU C 193 20.02 -8.73 -12.72
C GLU C 193 20.12 -7.95 -14.03
N PRO C 194 20.29 -6.62 -13.93
CA PRO C 194 20.41 -5.75 -15.11
C PRO C 194 21.52 -6.17 -16.06
N LYS C 195 22.59 -6.75 -15.50
CA LYS C 195 23.71 -7.21 -16.32
C LYS C 195 23.24 -8.36 -17.20
N ARG C 196 22.67 -9.37 -16.55
CA ARG C 196 22.15 -10.55 -17.23
C ARG C 196 21.15 -10.21 -18.34
N VAL C 197 20.66 -8.97 -18.33
CA VAL C 197 19.71 -8.53 -19.35
C VAL C 197 20.43 -7.88 -20.52
N GLU C 198 21.31 -6.91 -20.23
CA GLU C 198 22.05 -6.23 -21.29
C GLU C 198 22.93 -7.26 -22.00
N GLU C 199 23.18 -8.38 -21.34
CA GLU C 199 23.98 -9.45 -21.90
C GLU C 199 23.26 -10.02 -23.12
N LEU C 200 21.98 -10.36 -22.93
CA LEU C 200 21.15 -10.90 -23.99
C LEU C 200 20.96 -9.87 -25.10
N GLN C 201 20.51 -8.68 -24.72
CA GLN C 201 20.26 -7.60 -25.66
C GLN C 201 21.37 -7.47 -26.69
N ASN C 202 22.58 -7.17 -26.23
CA ASN C 202 23.73 -6.99 -27.11
C ASN C 202 23.97 -8.18 -28.02
N LYS C 203 23.86 -9.40 -27.49
CA LYS C 203 24.06 -10.58 -28.31
C LYS C 203 23.04 -10.55 -29.46
N ILE C 204 21.78 -10.32 -29.11
CA ILE C 204 20.72 -10.26 -30.09
C ILE C 204 21.02 -9.13 -31.07
N VAL C 205 21.54 -8.01 -30.54
CA VAL C 205 21.87 -6.87 -31.38
C VAL C 205 22.93 -7.23 -32.41
N ASN C 206 24.01 -7.87 -31.95
CA ASN C 206 25.10 -8.28 -32.84
C ASN C 206 24.58 -9.25 -33.89
N CYS C 207 23.74 -10.18 -33.45
CA CYS C 207 23.13 -11.18 -34.32
C CYS C 207 22.45 -10.51 -35.52
N LEU C 208 21.63 -9.50 -35.24
CA LEU C 208 20.94 -8.76 -36.29
C LEU C 208 21.96 -7.98 -37.11
N LYS C 209 23.02 -7.51 -36.44
CA LYS C 209 24.07 -6.75 -37.10
C LYS C 209 24.76 -7.61 -38.17
N ASP C 210 25.21 -8.79 -37.77
CA ASP C 210 25.89 -9.68 -38.71
C ASP C 210 24.96 -10.16 -39.82
N HIS C 211 23.68 -10.33 -39.48
CA HIS C 211 22.73 -10.79 -40.48
C HIS C 211 22.52 -9.74 -41.56
N VAL C 212 22.53 -8.46 -41.17
CA VAL C 212 22.33 -7.37 -42.13
C VAL C 212 23.55 -7.18 -43.01
N THR C 213 24.74 -7.45 -42.46
CA THR C 213 25.97 -7.30 -43.21
C THR C 213 26.17 -8.50 -44.14
N PHE C 214 26.24 -9.69 -43.54
CA PHE C 214 26.41 -10.92 -44.31
C PHE C 214 25.52 -10.91 -45.54
N ASN C 215 24.29 -10.45 -45.37
CA ASN C 215 23.34 -10.39 -46.47
C ASN C 215 23.37 -9.02 -47.13
N ASN C 216 24.58 -8.50 -47.32
CA ASN C 216 24.78 -7.18 -47.93
C ASN C 216 26.26 -6.98 -48.24
N PRO C 222 24.42 -0.25 -43.57
CA PRO C 222 24.28 0.83 -44.56
C PRO C 222 23.08 1.72 -44.27
N ASN C 223 22.93 2.11 -43.00
CA ASN C 223 21.83 2.97 -42.56
C ASN C 223 20.49 2.24 -42.58
N TYR C 224 20.54 0.92 -42.69
CA TYR C 224 19.35 0.10 -42.71
C TYR C 224 19.13 -0.45 -41.31
N LEU C 225 20.23 -0.73 -40.63
CA LEU C 225 20.20 -1.25 -39.26
C LEU C 225 19.57 -0.24 -38.31
N SER C 226 19.83 1.04 -38.57
CA SER C 226 19.28 2.09 -37.72
C SER C 226 17.81 2.32 -38.00
N LYS C 227 17.38 1.97 -39.21
CA LYS C 227 15.98 2.14 -39.59
C LYS C 227 15.13 1.02 -39.01
N LEU C 228 15.79 -0.10 -38.67
CA LEU C 228 15.11 -1.25 -38.08
C LEU C 228 14.85 -1.00 -36.60
N LEU C 229 15.92 -0.67 -35.87
CA LEU C 229 15.82 -0.40 -34.45
C LEU C 229 14.95 0.82 -34.23
N GLY C 230 14.92 1.69 -35.24
CA GLY C 230 14.12 2.89 -35.16
C GLY C 230 12.65 2.57 -35.10
N LYS C 231 12.30 1.31 -35.33
CA LYS C 231 10.91 0.90 -35.31
C LYS C 231 10.41 0.62 -33.89
N LEU C 232 11.35 0.39 -32.97
CA LEU C 232 11.02 0.11 -31.59
C LEU C 232 10.45 1.35 -30.88
N PRO C 233 11.16 2.48 -30.95
CA PRO C 233 10.59 3.66 -30.27
C PRO C 233 9.25 4.04 -30.92
N GLU C 234 9.13 3.78 -32.21
CA GLU C 234 7.89 4.07 -32.93
C GLU C 234 6.78 3.13 -32.43
N LEU C 235 7.16 1.90 -32.11
CA LEU C 235 6.23 0.90 -31.61
C LEU C 235 5.68 1.36 -30.27
N ARG C 236 6.57 1.73 -29.36
CA ARG C 236 6.18 2.17 -28.02
C ARG C 236 5.23 3.36 -28.03
N THR C 237 5.41 4.27 -28.99
CA THR C 237 4.55 5.43 -29.06
C THR C 237 3.17 4.96 -29.49
N LEU C 238 3.14 4.06 -30.47
CA LEU C 238 1.88 3.49 -30.95
C LEU C 238 1.12 2.91 -29.77
N CYS C 239 1.82 2.17 -28.92
CA CYS C 239 1.18 1.55 -27.77
C CYS C 239 0.69 2.49 -26.67
N THR C 240 1.17 3.74 -26.68
CA THR C 240 0.71 4.70 -25.70
C THR C 240 -0.74 4.98 -26.06
N GLN C 241 -1.04 4.88 -27.35
CA GLN C 241 -2.42 5.10 -27.81
C GLN C 241 -3.27 3.93 -27.33
N GLY C 242 -2.65 2.76 -27.20
CA GLY C 242 -3.37 1.60 -26.71
C GLY C 242 -3.76 1.86 -25.26
N LEU C 243 -2.88 2.55 -24.54
CA LEU C 243 -3.15 2.90 -23.15
C LEU C 243 -4.31 3.89 -23.06
N GLN C 244 -4.34 4.84 -23.99
CA GLN C 244 -5.40 5.84 -24.00
C GLN C 244 -6.77 5.17 -24.20
N ARG C 245 -6.81 4.21 -25.11
CA ARG C 245 -8.04 3.49 -25.40
C ARG C 245 -8.58 2.76 -24.17
N ILE C 246 -7.70 2.09 -23.44
CA ILE C 246 -8.11 1.37 -22.25
C ILE C 246 -8.51 2.36 -21.15
N PHE C 247 -7.84 3.50 -21.11
CA PHE C 247 -8.14 4.52 -20.11
C PHE C 247 -9.54 5.03 -20.41
N TYR C 248 -9.81 5.22 -21.69
CA TYR C 248 -11.12 5.68 -22.14
C TYR C 248 -12.21 4.69 -21.74
N LEU C 249 -11.99 3.42 -22.04
CA LEU C 249 -12.96 2.38 -21.69
C LEU C 249 -13.21 2.34 -20.20
N LYS C 250 -12.19 2.59 -19.40
CA LYS C 250 -12.33 2.60 -17.93
C LYS C 250 -13.18 3.80 -17.48
N LEU C 251 -13.07 4.91 -18.20
CA LEU C 251 -13.82 6.13 -17.90
C LEU C 251 -15.27 6.01 -18.34
N GLU C 252 -15.47 5.50 -19.55
CA GLU C 252 -16.81 5.32 -20.10
C GLU C 252 -17.59 4.30 -19.28
N ASP C 253 -16.87 3.42 -18.59
CA ASP C 253 -17.46 2.39 -17.74
C ASP C 253 -18.64 1.62 -18.36
N LEU C 254 -18.64 1.48 -19.68
CA LEU C 254 -19.69 0.74 -20.37
C LEU C 254 -19.46 -0.74 -20.07
N VAL C 255 -18.19 -1.11 -20.06
CA VAL C 255 -17.77 -2.48 -19.79
C VAL C 255 -16.33 -2.41 -19.26
N PRO C 256 -16.18 -2.26 -17.94
CA PRO C 256 -14.87 -2.17 -17.28
C PRO C 256 -13.94 -3.31 -17.65
N PRO C 257 -12.64 -3.02 -17.75
CA PRO C 257 -11.64 -4.04 -18.10
C PRO C 257 -11.52 -5.07 -16.97
N PRO C 258 -11.30 -6.34 -17.33
CA PRO C 258 -11.17 -7.37 -16.29
C PRO C 258 -9.88 -7.07 -15.51
N ALA C 259 -9.63 -7.81 -14.45
CA ALA C 259 -8.44 -7.58 -13.65
C ALA C 259 -7.17 -7.72 -14.50
N ILE C 260 -7.10 -8.81 -15.26
CA ILE C 260 -5.94 -9.07 -16.11
C ILE C 260 -5.62 -7.90 -17.05
N ILE C 261 -6.65 -7.24 -17.57
CA ILE C 261 -6.45 -6.09 -18.46
C ILE C 261 -6.10 -4.84 -17.67
N ASP C 262 -6.61 -4.74 -16.44
CA ASP C 262 -6.31 -3.58 -15.60
C ASP C 262 -4.83 -3.63 -15.24
N LYS C 263 -4.35 -4.82 -14.90
CA LYS C 263 -2.94 -4.99 -14.55
C LYS C 263 -2.11 -4.67 -15.79
N LEU C 264 -2.54 -5.20 -16.93
CA LEU C 264 -1.84 -4.96 -18.20
C LEU C 264 -1.73 -3.44 -18.34
N PHE C 265 -2.82 -2.74 -18.04
CA PHE C 265 -2.86 -1.29 -18.11
C PHE C 265 -1.77 -0.70 -17.22
N LEU C 266 -1.78 -1.07 -15.94
CA LEU C 266 -0.79 -0.57 -15.01
C LEU C 266 0.64 -0.96 -15.38
N ASP C 267 0.85 -2.21 -15.80
CA ASP C 267 2.18 -2.67 -16.18
C ASP C 267 2.76 -1.93 -17.40
N THR C 268 1.90 -1.55 -18.35
CA THR C 268 2.38 -0.87 -19.56
C THR C 268 2.63 0.62 -19.37
N LEU C 269 2.04 1.21 -18.33
CA LEU C 269 2.24 2.63 -18.06
C LEU C 269 3.76 2.84 -17.95
N PRO C 270 4.29 3.86 -18.64
CA PRO C 270 5.73 4.11 -18.57
C PRO C 270 6.18 4.42 -17.14
N PHE C 271 5.32 5.09 -16.38
CA PHE C 271 5.60 5.43 -14.99
C PHE C 271 4.32 5.49 -14.17
N SER D 36 23.42 17.00 -0.66
CA SER D 36 24.57 17.44 0.20
C SER D 36 24.09 18.48 1.22
N LEU D 37 23.36 19.47 0.74
CA LEU D 37 22.86 20.52 1.62
C LEU D 37 21.99 19.93 2.72
N ILE D 38 21.00 19.13 2.33
CA ILE D 38 20.08 18.52 3.29
C ILE D 38 20.81 17.68 4.33
N SER D 39 21.81 16.94 3.87
CA SER D 39 22.62 16.09 4.73
C SER D 39 23.41 16.95 5.73
N ALA D 40 23.77 18.15 5.29
CA ALA D 40 24.48 19.09 6.14
C ALA D 40 23.48 19.69 7.13
N LEU D 41 22.24 19.84 6.68
CA LEU D 41 21.20 20.39 7.56
C LEU D 41 20.89 19.39 8.67
N VAL D 42 20.91 18.10 8.34
CA VAL D 42 20.64 17.07 9.33
C VAL D 42 21.75 17.01 10.39
N ARG D 43 23.01 17.12 9.97
CA ARG D 43 24.12 17.07 10.91
C ARG D 43 24.06 18.30 11.83
N ALA D 44 23.70 19.44 11.27
CA ALA D 44 23.59 20.65 12.05
C ALA D 44 22.56 20.45 13.15
N HIS D 45 21.47 19.76 12.83
CA HIS D 45 20.42 19.49 13.78
C HIS D 45 20.86 18.51 14.86
N VAL D 46 21.41 17.38 14.42
CA VAL D 46 21.88 16.34 15.32
C VAL D 46 22.94 16.85 16.30
N ASP D 47 23.89 17.60 15.78
CA ASP D 47 24.95 18.14 16.62
C ASP D 47 24.48 19.20 17.61
N SER D 48 23.42 19.92 17.27
CA SER D 48 22.94 20.97 18.18
C SER D 48 21.77 20.54 19.04
N ASN D 49 21.51 19.23 19.10
CA ASN D 49 20.41 18.72 19.91
C ASN D 49 20.90 17.64 20.86
N PRO D 50 20.19 17.45 21.99
CA PRO D 50 20.54 16.46 23.01
C PRO D 50 20.09 15.02 22.74
N ALA D 51 20.98 14.07 23.01
CA ALA D 51 20.66 12.66 22.82
C ALA D 51 19.62 12.31 23.89
N MET D 52 18.59 11.56 23.50
CA MET D 52 17.55 11.20 24.46
C MET D 52 18.06 10.34 25.61
N THR D 53 19.32 9.93 25.52
CA THR D 53 19.92 9.12 26.57
C THR D 53 20.83 9.97 27.45
N SER D 54 21.07 11.21 27.02
CA SER D 54 21.93 12.11 27.77
C SER D 54 21.16 13.27 28.41
N LEU D 55 19.87 13.07 28.63
CA LEU D 55 19.03 14.11 29.21
C LEU D 55 19.35 14.33 30.69
N ASP D 56 18.97 15.51 31.18
CA ASP D 56 19.20 15.91 32.57
C ASP D 56 17.88 16.04 33.33
N TYR D 57 17.57 15.07 34.18
CA TYR D 57 16.33 15.09 34.94
C TYR D 57 16.52 15.55 36.39
N SER D 58 17.73 16.00 36.71
CA SER D 58 18.06 16.45 38.07
C SER D 58 17.17 17.60 38.55
N ARG D 59 16.19 17.98 37.75
CA ARG D 59 15.30 19.07 38.11
C ARG D 59 13.85 18.71 37.79
N PHE D 60 13.67 17.61 37.06
CA PHE D 60 12.36 17.14 36.67
C PHE D 60 11.57 16.69 37.89
N GLN D 61 10.24 16.66 37.76
CA GLN D 61 9.37 16.22 38.85
C GLN D 61 8.08 15.60 38.31
N ALA D 62 7.23 16.42 37.70
CA ALA D 62 5.95 15.98 37.15
C ALA D 62 4.83 16.08 38.18
N ASN D 63 5.14 16.67 39.33
CA ASN D 63 4.18 16.84 40.41
C ASN D 63 4.46 18.10 41.22
N PRO D 64 3.46 18.58 41.99
CA PRO D 64 3.58 19.79 42.80
C PRO D 64 4.78 19.77 43.77
N ASP D 65 4.93 20.86 44.54
CA ASP D 65 6.03 20.98 45.48
C ASP D 65 5.87 22.24 46.32
N ASP D 72 6.97 32.54 41.59
CA ASP D 72 8.08 32.94 42.45
C ASP D 72 9.28 33.40 41.63
N THR D 73 10.06 34.30 42.21
CA THR D 73 11.25 34.85 41.56
C THR D 73 12.20 33.75 41.07
N GLN D 74 11.97 32.52 41.55
CA GLN D 74 12.80 31.38 41.17
C GLN D 74 12.45 30.80 39.81
N HIS D 75 11.15 30.67 39.52
CA HIS D 75 10.69 30.14 38.25
C HIS D 75 10.98 31.10 37.09
N ILE D 76 10.80 32.39 37.36
CA ILE D 76 11.03 33.41 36.36
C ILE D 76 12.48 33.47 35.92
N GLN D 77 13.40 33.34 36.88
CA GLN D 77 14.83 33.38 36.57
C GLN D 77 15.22 32.18 35.73
N GLN D 78 14.59 31.05 36.02
CA GLN D 78 14.83 29.81 35.30
C GLN D 78 14.35 29.98 33.86
N PHE D 79 13.20 30.63 33.72
CA PHE D 79 12.60 30.90 32.41
C PHE D 79 13.62 31.69 31.59
N TYR D 80 14.22 32.70 32.19
CA TYR D 80 15.23 33.52 31.51
C TYR D 80 16.48 32.71 31.18
N ASP D 81 16.88 31.83 32.09
CA ASP D 81 18.08 31.02 31.89
C ASP D 81 17.92 30.00 30.77
N LEU D 82 16.75 29.40 30.69
CA LEU D 82 16.49 28.43 29.62
C LEU D 82 16.64 29.12 28.28
N LEU D 83 16.11 30.35 28.17
CA LEU D 83 16.19 31.10 26.92
C LEU D 83 17.60 31.51 26.56
N THR D 84 18.30 32.10 27.52
CA THR D 84 19.67 32.55 27.27
C THR D 84 20.59 31.36 27.00
N GLY D 85 20.34 30.26 27.68
CA GLY D 85 21.16 29.07 27.50
C GLY D 85 21.04 28.43 26.12
N SER D 86 19.86 28.54 25.51
CA SER D 86 19.63 27.97 24.19
C SER D 86 20.27 28.84 23.11
N MET D 87 20.43 30.13 23.40
CA MET D 87 21.00 31.09 22.46
C MET D 87 22.31 30.64 21.81
N GLU D 88 23.26 30.22 22.62
CA GLU D 88 24.57 29.78 22.12
C GLU D 88 24.42 28.51 21.30
N ILE D 89 23.59 27.60 21.80
CA ILE D 89 23.35 26.33 21.11
C ILE D 89 22.79 26.59 19.72
N ILE D 90 21.69 27.33 19.68
CA ILE D 90 21.04 27.64 18.42
C ILE D 90 21.93 28.44 17.48
N ARG D 91 22.78 29.30 18.03
CA ARG D 91 23.68 30.09 17.20
C ARG D 91 24.70 29.12 16.60
N GLY D 92 25.09 28.12 17.38
CA GLY D 92 26.04 27.13 16.91
C GLY D 92 25.48 26.40 15.70
N TRP D 93 24.19 26.07 15.78
CA TRP D 93 23.48 25.39 14.71
C TRP D 93 23.42 26.26 13.46
N ALA D 94 23.06 27.52 13.65
CA ALA D 94 22.95 28.46 12.54
C ALA D 94 24.21 28.56 11.70
N GLU D 95 25.35 28.58 12.37
CA GLU D 95 26.64 28.69 11.69
C GLU D 95 26.95 27.43 10.88
N LYS D 96 26.32 26.32 11.25
CA LYS D 96 26.54 25.06 10.54
C LYS D 96 25.70 24.96 9.27
N ILE D 97 24.87 25.97 9.00
CA ILE D 97 24.05 25.96 7.79
C ILE D 97 24.86 26.49 6.61
N PRO D 98 25.15 25.62 5.63
CA PRO D 98 25.92 25.98 4.44
C PRO D 98 25.45 27.25 3.75
N GLY D 99 26.35 28.23 3.63
CA GLY D 99 25.99 29.46 2.96
C GLY D 99 25.57 30.58 3.90
N PHE D 100 25.18 30.23 5.12
CA PHE D 100 24.75 31.22 6.09
C PHE D 100 25.92 32.13 6.50
N ALA D 101 27.09 31.54 6.66
CA ALA D 101 28.28 32.30 7.05
C ALA D 101 28.79 33.18 5.91
N ASP D 102 28.21 33.03 4.73
CA ASP D 102 28.61 33.81 3.57
C ASP D 102 27.84 35.12 3.47
N LEU D 103 26.87 35.27 4.35
CA LEU D 103 26.05 36.48 4.40
C LEU D 103 26.76 37.51 5.26
N PRO D 104 26.48 38.81 5.03
CA PRO D 104 27.13 39.83 5.84
C PRO D 104 26.87 39.52 7.31
N LYS D 105 27.89 39.65 8.14
CA LYS D 105 27.72 39.36 9.57
C LYS D 105 26.47 40.06 10.09
N ALA D 106 26.24 41.29 9.62
CA ALA D 106 25.08 42.04 10.07
C ALA D 106 23.77 41.31 9.74
N ASP D 107 23.73 40.67 8.57
CA ASP D 107 22.54 39.93 8.16
C ASP D 107 22.42 38.66 8.98
N GLN D 108 23.56 38.11 9.40
CA GLN D 108 23.56 36.91 10.22
C GLN D 108 22.90 37.22 11.57
N ASP D 109 23.41 38.24 12.24
CA ASP D 109 22.85 38.64 13.54
C ASP D 109 21.37 38.95 13.41
N LEU D 110 21.01 39.73 12.40
CA LEU D 110 19.62 40.11 12.18
C LEU D 110 18.72 38.90 11.94
N LEU D 111 19.18 37.95 11.15
CA LEU D 111 18.37 36.76 10.87
C LEU D 111 18.26 35.90 12.12
N PHE D 112 19.38 35.68 12.79
CA PHE D 112 19.41 34.88 14.01
C PHE D 112 18.53 35.52 15.09
N GLU D 113 18.83 36.77 15.43
CA GLU D 113 18.08 37.49 16.45
C GLU D 113 16.58 37.52 16.19
N SER D 114 16.19 37.65 14.92
CA SER D 114 14.78 37.73 14.58
C SER D 114 14.02 36.41 14.69
N ALA D 115 14.74 35.30 14.61
CA ALA D 115 14.14 33.97 14.67
C ALA D 115 14.45 33.19 15.94
N PHE D 116 15.24 33.77 16.82
CA PHE D 116 15.61 33.08 18.04
C PHE D 116 14.46 32.39 18.75
N LEU D 117 13.44 33.16 19.11
CA LEU D 117 12.28 32.62 19.81
C LEU D 117 11.58 31.53 19.03
N GLU D 118 11.45 31.76 17.73
CA GLU D 118 10.80 30.79 16.87
C GLU D 118 11.61 29.50 16.86
N LEU D 119 12.93 29.62 16.78
CA LEU D 119 13.77 28.43 16.76
C LEU D 119 13.66 27.68 18.08
N PHE D 120 13.73 28.44 19.17
CA PHE D 120 13.62 27.89 20.52
C PHE D 120 12.34 27.07 20.63
N VAL D 121 11.22 27.67 20.25
CA VAL D 121 9.94 26.98 20.34
C VAL D 121 9.83 25.79 19.39
N LEU D 122 10.26 25.98 18.15
CA LEU D 122 10.18 24.89 17.17
C LEU D 122 10.96 23.68 17.60
N ARG D 123 12.22 23.89 17.99
CA ARG D 123 13.09 22.81 18.42
C ARG D 123 12.56 22.12 19.68
N LEU D 124 11.99 22.91 20.57
CA LEU D 124 11.42 22.41 21.83
C LEU D 124 10.21 21.53 21.52
N ALA D 125 9.36 22.00 20.61
CA ALA D 125 8.15 21.27 20.27
C ALA D 125 8.45 19.96 19.55
N TYR D 126 9.48 19.95 18.72
CA TYR D 126 9.85 18.75 17.99
C TYR D 126 10.42 17.64 18.88
N ARG D 127 11.36 18.00 19.75
CA ARG D 127 12.00 17.01 20.62
C ARG D 127 11.22 16.63 21.88
N SER D 128 10.35 17.51 22.36
CA SER D 128 9.59 17.21 23.57
C SER D 128 8.57 16.10 23.40
N ASN D 129 7.95 15.70 24.50
CA ASN D 129 6.91 14.67 24.46
C ASN D 129 5.69 15.26 25.13
N PRO D 130 4.75 15.79 24.32
CA PRO D 130 3.51 16.41 24.77
C PRO D 130 2.54 15.50 25.53
N VAL D 131 2.33 14.28 25.03
CA VAL D 131 1.44 13.34 25.68
C VAL D 131 1.74 13.24 27.17
N GLU D 132 3.01 13.06 27.50
CA GLU D 132 3.44 12.95 28.88
C GLU D 132 3.80 14.31 29.47
N GLY D 133 3.51 15.37 28.72
CA GLY D 133 3.80 16.72 29.19
C GLY D 133 5.23 16.93 29.60
N LYS D 134 6.17 16.30 28.90
CA LYS D 134 7.59 16.46 29.21
C LYS D 134 8.29 17.43 28.26
N LEU D 135 8.73 18.56 28.79
CA LEU D 135 9.43 19.55 27.97
C LEU D 135 10.93 19.29 28.04
N ILE D 136 11.55 19.14 26.88
CA ILE D 136 12.98 18.91 26.80
C ILE D 136 13.63 20.08 26.08
N PHE D 137 14.47 20.82 26.79
CA PHE D 137 15.11 21.99 26.21
C PHE D 137 16.42 21.73 25.50
N CYS D 138 16.84 22.71 24.70
CA CYS D 138 18.07 22.64 23.92
C CYS D 138 19.26 22.17 24.73
N ASN D 139 19.29 22.52 26.02
CA ASN D 139 20.40 22.16 26.90
C ASN D 139 20.33 20.78 27.57
N GLY D 140 19.26 20.03 27.29
CA GLY D 140 19.13 18.72 27.89
C GLY D 140 18.27 18.70 29.14
N VAL D 141 18.07 19.87 29.73
CA VAL D 141 17.25 19.98 30.93
C VAL D 141 15.82 19.53 30.64
N VAL D 142 15.24 18.75 31.55
CA VAL D 142 13.87 18.27 31.38
C VAL D 142 12.94 18.77 32.48
N LEU D 143 11.86 19.46 32.11
CA LEU D 143 10.89 19.94 33.07
C LEU D 143 9.49 19.49 32.66
N HIS D 144 8.61 19.36 33.65
CA HIS D 144 7.24 18.97 33.37
C HIS D 144 6.47 20.24 33.03
N ARG D 145 5.39 20.09 32.27
CA ARG D 145 4.56 21.22 31.88
C ARG D 145 4.22 22.08 33.10
N LEU D 146 3.70 21.44 34.14
CA LEU D 146 3.32 22.12 35.37
C LEU D 146 4.43 22.91 36.04
N GLN D 147 5.68 22.49 35.86
CA GLN D 147 6.79 23.23 36.47
C GLN D 147 7.09 24.48 35.66
N CYS D 148 6.66 24.50 34.41
CA CYS D 148 6.93 25.63 33.51
C CYS D 148 5.88 26.74 33.54
N VAL D 149 4.63 26.39 33.81
CA VAL D 149 3.56 27.37 33.80
C VAL D 149 3.75 28.61 34.69
N ARG D 150 4.65 28.54 35.66
CA ARG D 150 4.88 29.69 36.54
C ARG D 150 5.86 30.69 35.92
N GLY D 151 6.86 30.19 35.21
CA GLY D 151 7.83 31.06 34.58
C GLY D 151 7.46 31.43 33.16
N PHE D 152 6.91 30.47 32.43
CA PHE D 152 6.50 30.66 31.04
C PHE D 152 5.12 31.27 30.93
N GLY D 153 4.25 30.95 31.88
CA GLY D 153 2.89 31.48 31.84
C GLY D 153 2.07 30.50 31.02
N GLU D 154 0.84 30.88 30.68
CA GLU D 154 -0.03 30.01 29.89
C GLU D 154 0.54 29.69 28.51
N TRP D 155 1.54 30.48 28.10
CA TRP D 155 2.17 30.27 26.81
C TRP D 155 2.68 28.84 26.69
N ILE D 156 3.12 28.28 27.83
CA ILE D 156 3.63 26.92 27.87
C ILE D 156 2.56 25.96 27.37
N ASP D 157 1.30 26.29 27.62
CA ASP D 157 0.18 25.46 27.17
C ASP D 157 0.01 25.59 25.66
N SER D 158 0.32 26.77 25.12
CA SER D 158 0.22 26.99 23.69
C SER D 158 1.32 26.18 22.99
N ILE D 159 2.50 26.18 23.59
CA ILE D 159 3.63 25.44 23.07
C ILE D 159 3.36 23.93 23.03
N VAL D 160 2.87 23.39 24.14
CA VAL D 160 2.57 21.96 24.22
C VAL D 160 1.55 21.56 23.14
N GLU D 161 0.59 22.45 22.88
CA GLU D 161 -0.41 22.17 21.85
C GLU D 161 0.26 22.12 20.49
N PHE D 162 1.06 23.13 20.19
CA PHE D 162 1.78 23.21 18.92
C PHE D 162 2.69 21.97 18.81
N SER D 163 3.29 21.59 19.92
CA SER D 163 4.16 20.42 19.95
C SER D 163 3.32 19.22 19.54
N SER D 164 2.12 19.14 20.09
CA SER D 164 1.21 18.05 19.81
C SER D 164 0.81 18.01 18.34
N ASN D 165 0.44 19.15 17.77
CA ASN D 165 0.04 19.18 16.36
C ASN D 165 1.22 18.79 15.49
N LEU D 166 2.39 19.29 15.85
CA LEU D 166 3.61 19.03 15.12
C LEU D 166 3.97 17.55 15.09
N GLN D 167 3.97 16.91 16.25
CA GLN D 167 4.32 15.51 16.33
C GLN D 167 3.34 14.59 15.61
N ASN D 168 2.08 15.00 15.50
CA ASN D 168 1.10 14.16 14.81
C ASN D 168 1.41 14.08 13.33
N MSE D 169 2.17 15.04 12.82
CA MSE D 169 2.55 15.07 11.41
C MSE D 169 3.69 14.09 11.14
O MSE D 169 3.97 13.74 10.01
CB MSE D 169 2.99 16.48 11.01
CG MSE D 169 1.88 17.53 11.06
SE MSE D 169 2.51 19.32 10.62
CE MSE D 169 2.85 19.07 8.74
N ASN D 170 4.37 13.69 12.22
CA ASN D 170 5.49 12.77 12.12
C ASN D 170 6.54 13.15 11.08
N ILE D 171 6.99 14.41 11.15
CA ILE D 171 8.02 14.93 10.26
C ILE D 171 9.33 14.18 10.48
N ASP D 172 9.95 13.68 9.41
CA ASP D 172 11.21 12.98 9.58
C ASP D 172 12.32 14.00 9.80
N ILE D 173 13.50 13.54 10.24
CA ILE D 173 14.60 14.44 10.55
C ILE D 173 15.10 15.32 9.40
N SER D 174 15.10 14.79 8.18
CA SER D 174 15.55 15.54 7.02
C SER D 174 14.61 16.71 6.71
N ALA D 175 13.31 16.43 6.73
CA ALA D 175 12.35 17.48 6.46
C ALA D 175 12.37 18.49 7.58
N PHE D 176 12.47 18.03 8.81
CA PHE D 176 12.48 18.97 9.93
C PHE D 176 13.72 19.85 9.89
N SER D 177 14.84 19.28 9.48
CA SER D 177 16.08 20.03 9.44
C SER D 177 16.00 21.18 8.45
N CYS D 178 15.17 21.01 7.42
CA CYS D 178 14.99 22.04 6.41
C CYS D 178 14.06 23.12 6.94
N ILE D 179 12.97 22.70 7.57
CA ILE D 179 12.01 23.66 8.10
C ILE D 179 12.61 24.55 9.17
N ALA D 180 13.52 23.99 9.96
CA ALA D 180 14.18 24.78 11.01
C ALA D 180 15.04 25.83 10.32
N ALA D 181 15.78 25.42 9.30
CA ALA D 181 16.64 26.36 8.55
C ALA D 181 15.78 27.47 7.95
N LEU D 182 14.61 27.10 7.42
CA LEU D 182 13.71 28.06 6.80
C LEU D 182 13.12 29.08 7.76
N ALA D 183 12.90 28.69 9.01
CA ALA D 183 12.38 29.61 10.00
C ALA D 183 13.33 30.80 10.14
N MSE D 184 14.63 30.55 9.98
CA MSE D 184 15.61 31.61 10.11
C MSE D 184 15.98 32.28 8.78
O MSE D 184 16.00 33.50 8.69
CB MSE D 184 16.87 31.10 10.81
CG MSE D 184 17.79 32.24 11.20
SE MSE D 184 19.41 31.64 11.96
CE MSE D 184 20.04 30.57 10.48
N VAL D 185 16.28 31.47 7.76
CA VAL D 185 16.62 32.02 6.43
C VAL D 185 15.31 32.43 5.76
N THR D 186 14.88 33.64 6.06
CA THR D 186 13.63 34.15 5.55
C THR D 186 13.79 35.66 5.51
N GLU D 187 12.86 36.34 4.85
CA GLU D 187 12.94 37.80 4.73
C GLU D 187 12.64 38.54 6.02
N ARG D 188 13.44 39.58 6.27
CA ARG D 188 13.31 40.46 7.43
C ARG D 188 13.61 41.88 6.93
N HIS D 189 13.08 42.88 7.62
CA HIS D 189 13.32 44.27 7.27
C HIS D 189 14.70 44.68 7.71
N GLY D 190 15.43 45.36 6.84
CA GLY D 190 16.77 45.81 7.19
C GLY D 190 17.91 44.94 6.72
N LEU D 191 17.62 43.92 5.92
CA LEU D 191 18.67 43.05 5.41
C LEU D 191 19.53 43.84 4.45
N LYS D 192 20.83 43.59 4.47
CA LYS D 192 21.75 44.29 3.57
C LYS D 192 21.76 43.56 2.22
N GLU D 193 21.58 42.24 2.26
CA GLU D 193 21.57 41.43 1.05
C GLU D 193 20.27 40.60 0.90
N PRO D 194 19.13 41.28 0.78
CA PRO D 194 17.87 40.54 0.65
C PRO D 194 17.85 39.50 -0.48
N LYS D 195 18.64 39.73 -1.53
CA LYS D 195 18.69 38.79 -2.65
C LYS D 195 19.51 37.54 -2.31
N ARG D 196 20.61 37.72 -1.59
CA ARG D 196 21.44 36.57 -1.20
C ARG D 196 20.62 35.67 -0.28
N VAL D 197 19.91 36.28 0.66
CA VAL D 197 19.07 35.54 1.60
C VAL D 197 17.97 34.79 0.84
N GLU D 198 17.32 35.49 -0.09
CA GLU D 198 16.26 34.88 -0.87
C GLU D 198 16.82 33.66 -1.61
N GLU D 199 18.08 33.74 -2.01
CA GLU D 199 18.73 32.66 -2.73
C GLU D 199 19.05 31.45 -1.86
N LEU D 200 19.52 31.68 -0.64
CA LEU D 200 19.82 30.56 0.24
C LEU D 200 18.48 29.92 0.63
N GLN D 201 17.46 30.75 0.81
CA GLN D 201 16.12 30.28 1.16
C GLN D 201 15.54 29.35 0.11
N ASN D 202 15.54 29.81 -1.14
CA ASN D 202 15.00 29.02 -2.23
C ASN D 202 15.76 27.71 -2.42
N LYS D 203 17.06 27.73 -2.19
CA LYS D 203 17.87 26.53 -2.31
C LYS D 203 17.41 25.50 -1.28
N ILE D 204 17.03 25.99 -0.11
CA ILE D 204 16.59 25.12 0.97
C ILE D 204 15.19 24.55 0.72
N VAL D 205 14.27 25.38 0.23
CA VAL D 205 12.94 24.86 -0.04
C VAL D 205 13.05 23.85 -1.19
N ASN D 206 13.96 24.09 -2.13
CA ASN D 206 14.12 23.16 -3.25
C ASN D 206 14.61 21.85 -2.67
N CYS D 207 15.60 21.96 -1.80
CA CYS D 207 16.15 20.81 -1.13
C CYS D 207 15.02 20.05 -0.41
N LEU D 208 14.12 20.80 0.22
CA LEU D 208 12.98 20.23 0.92
C LEU D 208 11.95 19.61 -0.03
N LYS D 209 11.67 20.27 -1.15
CA LYS D 209 10.71 19.75 -2.13
C LYS D 209 11.16 18.41 -2.70
N ASP D 210 12.46 18.27 -3.00
CA ASP D 210 12.98 17.01 -3.53
C ASP D 210 12.83 15.89 -2.50
N HIS D 211 13.19 16.17 -1.26
CA HIS D 211 13.10 15.16 -0.22
C HIS D 211 11.66 14.72 0.04
N VAL D 212 10.75 15.69 0.08
CA VAL D 212 9.33 15.40 0.34
C VAL D 212 8.67 14.62 -0.80
N THR D 213 9.00 14.97 -2.04
CA THR D 213 8.41 14.26 -3.16
C THR D 213 8.94 12.83 -3.27
N PHE D 214 10.24 12.61 -3.08
CA PHE D 214 10.75 11.25 -3.20
C PHE D 214 10.83 10.41 -1.93
N ASN D 215 10.67 11.01 -0.76
CA ASN D 215 10.75 10.23 0.46
C ASN D 215 9.57 10.42 1.38
N ASN D 216 8.81 11.49 1.19
CA ASN D 216 7.65 11.74 2.03
C ASN D 216 6.30 11.49 1.30
N GLY D 217 6.31 10.55 0.37
CA GLY D 217 5.11 10.17 -0.35
C GLY D 217 4.63 10.93 -1.57
N GLY D 218 5.23 12.08 -1.87
CA GLY D 218 4.78 12.85 -3.01
C GLY D 218 3.26 13.05 -2.95
N LEU D 219 2.56 12.78 -4.05
CA LEU D 219 1.11 12.95 -4.07
C LEU D 219 0.33 12.00 -3.15
N ASN D 220 0.99 10.99 -2.58
CA ASN D 220 0.28 10.10 -1.66
C ASN D 220 0.11 10.82 -0.34
N ARG D 221 0.62 12.05 -0.29
CA ARG D 221 0.52 12.96 0.85
C ARG D 221 0.54 14.32 0.17
N PRO D 222 -0.51 14.60 -0.63
CA PRO D 222 -0.73 15.83 -1.41
C PRO D 222 -0.55 17.16 -0.72
N ASN D 223 -1.06 17.29 0.50
CA ASN D 223 -0.95 18.56 1.22
C ASN D 223 0.13 18.59 2.30
N TYR D 224 1.02 17.61 2.29
CA TYR D 224 2.07 17.57 3.30
C TYR D 224 3.05 18.75 3.21
N LEU D 225 3.69 18.93 2.06
CA LEU D 225 4.64 20.03 1.86
C LEU D 225 4.02 21.37 2.22
N SER D 226 2.73 21.51 1.93
CA SER D 226 2.00 22.74 2.21
C SER D 226 1.73 22.89 3.71
N LYS D 227 1.33 21.80 4.37
CA LYS D 227 1.05 21.83 5.81
C LYS D 227 2.34 22.09 6.59
N LEU D 228 3.44 21.55 6.06
CA LEU D 228 4.76 21.69 6.64
C LEU D 228 5.21 23.15 6.62
N LEU D 229 5.21 23.77 5.44
CA LEU D 229 5.59 25.18 5.36
C LEU D 229 4.58 26.01 6.16
N GLY D 230 3.33 25.56 6.18
CA GLY D 230 2.30 26.28 6.90
C GLY D 230 2.59 26.40 8.40
N LYS D 231 3.49 25.57 8.90
CA LYS D 231 3.83 25.61 10.32
C LYS D 231 4.72 26.82 10.67
N LEU D 232 5.35 27.41 9.66
CA LEU D 232 6.20 28.58 9.90
C LEU D 232 5.34 29.77 10.38
N PRO D 233 4.29 30.10 9.62
CA PRO D 233 3.46 31.23 10.06
C PRO D 233 2.82 30.95 11.43
N GLU D 234 2.45 29.70 11.68
CA GLU D 234 1.85 29.34 12.96
C GLU D 234 2.87 29.52 14.07
N LEU D 235 4.10 29.12 13.79
CA LEU D 235 5.20 29.25 14.73
C LEU D 235 5.40 30.72 15.11
N ARG D 236 5.36 31.58 14.10
CA ARG D 236 5.55 33.02 14.33
C ARG D 236 4.46 33.57 15.25
N THR D 237 3.21 33.23 14.96
CA THR D 237 2.09 33.67 15.76
C THR D 237 2.26 33.15 17.19
N LEU D 238 2.67 31.90 17.30
CA LEU D 238 2.87 31.26 18.59
C LEU D 238 3.84 32.07 19.44
N CYS D 239 4.95 32.47 18.84
CA CYS D 239 5.94 33.23 19.58
C CYS D 239 5.56 34.66 19.95
N THR D 240 4.49 35.20 19.36
CA THR D 240 4.09 36.55 19.75
C THR D 240 3.62 36.46 21.19
N GLN D 241 3.04 35.32 21.56
CA GLN D 241 2.58 35.11 22.92
C GLN D 241 3.81 35.08 23.84
N GLY D 242 4.96 34.73 23.28
CA GLY D 242 6.19 34.69 24.04
C GLY D 242 6.63 36.11 24.33
N LEU D 243 6.41 37.00 23.36
CA LEU D 243 6.75 38.40 23.53
C LEU D 243 5.82 39.00 24.58
N GLN D 244 4.55 38.61 24.54
CA GLN D 244 3.59 39.11 25.52
C GLN D 244 4.01 38.66 26.92
N ARG D 245 4.48 37.43 27.02
CA ARG D 245 4.91 36.90 28.31
C ARG D 245 6.02 37.78 28.87
N ILE D 246 7.04 38.01 28.05
CA ILE D 246 8.17 38.84 28.46
C ILE D 246 7.69 40.26 28.77
N PHE D 247 6.64 40.69 28.10
CA PHE D 247 6.08 42.03 28.32
C PHE D 247 5.54 42.06 29.75
N TYR D 248 4.66 41.10 30.02
CA TYR D 248 4.03 40.95 31.32
C TYR D 248 5.09 40.93 32.42
N LEU D 249 6.08 40.07 32.28
CA LEU D 249 7.14 39.97 33.27
C LEU D 249 7.84 41.31 33.48
N LYS D 250 7.95 42.09 32.40
CA LYS D 250 8.61 43.39 32.49
C LYS D 250 7.73 44.37 33.28
N LEU D 251 6.42 44.28 33.06
CA LEU D 251 5.47 45.15 33.75
C LEU D 251 5.35 44.83 35.23
N GLU D 252 5.48 43.54 35.57
CA GLU D 252 5.38 43.08 36.94
C GLU D 252 6.66 43.41 37.72
N ASP D 253 7.74 43.65 36.97
CA ASP D 253 9.05 43.98 37.53
C ASP D 253 9.46 43.15 38.75
N LEU D 254 8.93 41.93 38.84
CA LEU D 254 9.26 41.03 39.95
C LEU D 254 10.74 40.69 39.86
N VAL D 255 11.23 40.60 38.63
CA VAL D 255 12.63 40.30 38.35
C VAL D 255 12.95 40.72 36.92
N PRO D 256 13.44 41.96 36.75
CA PRO D 256 13.82 42.56 35.47
C PRO D 256 14.57 41.64 34.52
N PRO D 257 14.06 41.50 33.29
CA PRO D 257 14.69 40.64 32.28
C PRO D 257 16.13 41.06 32.00
N PRO D 258 17.03 40.09 31.84
CA PRO D 258 18.43 40.42 31.56
C PRO D 258 18.53 41.11 30.21
N ALA D 259 19.48 42.02 30.06
CA ALA D 259 19.66 42.75 28.82
C ALA D 259 19.50 41.82 27.63
N ILE D 260 20.08 40.63 27.74
CA ILE D 260 20.00 39.64 26.68
C ILE D 260 18.55 39.42 26.25
N ILE D 261 17.69 39.11 27.21
CA ILE D 261 16.28 38.88 26.92
C ILE D 261 15.51 40.19 26.69
N ASP D 262 15.81 41.20 27.50
CA ASP D 262 15.16 42.50 27.34
C ASP D 262 15.44 42.90 25.90
N LYS D 263 16.62 42.51 25.43
CA LYS D 263 17.05 42.76 24.07
C LYS D 263 16.17 41.88 23.19
N LEU D 264 16.19 40.57 23.47
CA LEU D 264 15.38 39.61 22.73
C LEU D 264 13.99 40.18 22.49
N PHE D 265 13.53 40.98 23.43
CA PHE D 265 12.22 41.60 23.34
C PHE D 265 12.18 42.47 22.09
N LEU D 266 13.07 43.46 22.03
CA LEU D 266 13.15 44.38 20.91
C LEU D 266 13.90 43.78 19.73
N ASP D 267 14.31 42.52 19.89
CA ASP D 267 15.04 41.80 18.86
C ASP D 267 14.11 40.81 18.17
N THR D 268 12.94 40.59 18.77
CA THR D 268 11.96 39.65 18.23
C THR D 268 10.72 40.42 17.80
N LEU D 269 10.52 41.59 18.41
CA LEU D 269 9.38 42.45 18.12
C LEU D 269 9.15 42.54 16.62
N PRO D 270 7.91 42.25 16.16
CA PRO D 270 7.53 42.28 14.75
C PRO D 270 7.98 43.55 14.04
N PHE D 271 8.57 44.46 14.81
CA PHE D 271 9.07 45.72 14.30
C PHE D 271 10.26 46.18 15.14
N ARG E 7 7.39 5.67 -10.09
CA ARG E 7 7.13 6.15 -8.71
C ARG E 7 5.85 5.60 -8.08
N THR E 8 5.87 5.51 -6.76
CA THR E 8 4.77 4.98 -5.95
C THR E 8 3.64 6.01 -5.90
N ASP E 9 3.88 7.12 -6.58
CA ASP E 9 2.99 8.27 -6.63
C ASP E 9 1.95 8.34 -7.75
N SER E 10 1.97 7.35 -8.64
CA SER E 10 1.06 7.36 -9.79
C SER E 10 0.00 6.26 -9.78
N LEU E 11 -0.75 6.16 -10.87
CA LEU E 11 -1.76 5.11 -10.96
C LEU E 11 -1.00 3.78 -10.92
N LYS E 12 0.09 3.73 -11.67
CA LYS E 12 0.95 2.55 -11.74
C LYS E 12 1.47 2.17 -10.34
N GLY E 13 1.97 3.17 -9.63
CA GLY E 13 2.52 2.91 -8.31
C GLY E 13 1.51 2.57 -7.23
N ARG E 14 0.31 3.14 -7.31
CA ARG E 14 -0.70 2.85 -6.29
C ARG E 14 -1.29 1.46 -6.44
N ARG E 15 -1.23 0.93 -7.66
CA ARG E 15 -1.74 -0.41 -7.94
C ARG E 15 -3.16 -0.59 -7.44
N GLY E 16 -4.03 0.36 -7.74
CA GLY E 16 -5.42 0.29 -7.33
C GLY E 16 -5.76 0.79 -5.94
N ARG E 17 -4.76 1.15 -5.15
CA ARG E 17 -5.03 1.63 -3.80
C ARG E 17 -5.04 3.16 -3.72
N LEU E 18 -5.45 3.66 -2.57
CA LEU E 18 -5.50 5.10 -2.34
C LEU E 18 -4.84 5.38 -0.99
N PRO E 19 -4.25 6.56 -0.82
CA PRO E 19 -3.59 6.94 0.44
C PRO E 19 -4.57 6.98 1.60
N SER E 20 -4.07 7.00 2.82
CA SER E 20 -4.92 7.04 4.01
C SER E 20 -5.55 8.40 4.21
N SER E 36 11.28 7.34 17.32
CA SER E 36 12.07 7.06 18.55
C SER E 36 13.19 6.09 18.24
N LEU E 37 12.85 4.86 17.85
CA LEU E 37 13.87 3.88 17.51
C LEU E 37 14.64 4.32 16.26
N ILE E 38 13.94 4.89 15.28
CA ILE E 38 14.61 5.34 14.07
C ILE E 38 15.47 6.58 14.32
N SER E 39 15.01 7.46 15.21
CA SER E 39 15.76 8.66 15.56
C SER E 39 17.07 8.26 16.22
N ALA E 40 17.00 7.32 17.15
CA ALA E 40 18.19 6.84 17.85
C ALA E 40 19.11 6.24 16.80
N LEU E 41 18.55 5.43 15.91
CA LEU E 41 19.33 4.79 14.86
C LEU E 41 20.01 5.82 13.95
N VAL E 42 19.36 6.97 13.76
CA VAL E 42 19.94 8.01 12.91
C VAL E 42 21.05 8.73 13.65
N ARG E 43 20.84 8.99 14.93
CA ARG E 43 21.84 9.67 15.74
C ARG E 43 23.11 8.80 15.79
N ALA E 44 22.92 7.51 16.07
CA ALA E 44 24.04 6.59 16.11
C ALA E 44 24.86 6.72 14.83
N HIS E 45 24.16 6.85 13.70
CA HIS E 45 24.84 6.97 12.41
C HIS E 45 25.55 8.30 12.20
N VAL E 46 24.88 9.40 12.50
CA VAL E 46 25.49 10.73 12.33
C VAL E 46 26.70 10.92 13.23
N ASP E 47 26.59 10.44 14.47
CA ASP E 47 27.68 10.56 15.43
C ASP E 47 28.91 9.73 15.07
N SER E 48 28.69 8.59 14.40
CA SER E 48 29.79 7.72 14.02
C SER E 48 30.30 7.88 12.59
N ASN E 49 30.00 9.00 11.95
CA ASN E 49 30.47 9.25 10.59
C ASN E 49 31.10 10.62 10.48
N PRO E 50 32.16 10.74 9.66
CA PRO E 50 32.86 12.01 9.46
C PRO E 50 32.03 13.08 8.78
N ALA E 51 32.06 14.29 9.33
CA ALA E 51 31.34 15.40 8.74
C ALA E 51 31.87 15.56 7.33
N MET E 52 30.98 15.52 6.34
CA MET E 52 31.39 15.64 4.95
C MET E 52 32.02 17.00 4.69
N THR E 53 32.31 17.73 5.76
CA THR E 53 32.94 19.03 5.65
C THR E 53 34.26 19.03 6.41
N SER E 54 34.61 17.87 6.95
CA SER E 54 35.85 17.69 7.69
C SER E 54 36.68 16.58 7.03
N LEU E 55 36.44 16.39 5.74
CA LEU E 55 37.14 15.36 4.98
C LEU E 55 38.62 15.68 4.85
N ASP E 56 39.44 14.62 4.82
CA ASP E 56 40.89 14.75 4.70
C ASP E 56 41.36 14.32 3.32
N TYR E 57 41.57 15.30 2.44
CA TYR E 57 42.03 15.03 1.07
C TYR E 57 43.54 15.12 0.92
N SER E 58 44.28 15.14 2.03
CA SER E 58 45.74 15.27 1.97
C SER E 58 46.46 14.23 1.11
N ARG E 59 45.98 12.99 1.13
CA ARG E 59 46.62 11.94 0.33
C ARG E 59 45.79 11.47 -0.86
N PHE E 60 44.79 12.27 -1.23
CA PHE E 60 43.92 11.92 -2.37
C PHE E 60 44.60 12.20 -3.70
N GLN E 61 45.11 11.15 -4.33
CA GLN E 61 45.79 11.30 -5.60
C GLN E 61 45.03 10.54 -6.67
N ALA E 62 44.34 11.27 -7.54
CA ALA E 62 43.56 10.65 -8.61
C ALA E 62 44.38 10.59 -9.90
N ASN E 63 45.56 11.21 -9.90
CA ASN E 63 46.42 11.23 -11.08
C ASN E 63 47.05 9.85 -11.30
N PRO E 64 46.68 9.19 -12.40
CA PRO E 64 47.21 7.87 -12.75
C PRO E 64 48.72 7.82 -12.73
N ASP E 65 49.35 8.91 -13.17
CA ASP E 65 50.80 9.00 -13.23
C ASP E 65 51.46 9.14 -11.87
N TYR E 66 50.81 9.84 -10.95
CA TYR E 66 51.38 10.05 -9.62
C TYR E 66 51.12 8.95 -8.61
N GLN E 67 51.02 7.71 -9.09
CA GLN E 67 50.81 6.58 -8.20
C GLN E 67 52.20 6.24 -7.65
N MET E 68 52.50 6.81 -6.48
CA MET E 68 53.79 6.63 -5.81
C MET E 68 54.57 5.38 -6.19
N SER E 69 55.85 5.58 -6.47
CA SER E 69 56.77 4.52 -6.88
C SER E 69 56.63 3.18 -6.17
N GLY E 70 55.95 2.25 -6.83
CA GLY E 70 55.75 0.92 -6.28
C GLY E 70 55.64 0.84 -4.77
N ASP E 71 56.28 -0.18 -4.20
CA ASP E 71 56.25 -0.41 -2.76
C ASP E 71 54.86 -0.87 -2.38
N ASP E 72 54.56 -2.13 -2.73
CA ASP E 72 53.28 -2.73 -2.44
C ASP E 72 53.02 -2.73 -0.94
N THR E 73 54.09 -2.91 -0.16
CA THR E 73 54.01 -2.94 1.29
C THR E 73 53.25 -1.77 1.90
N GLN E 74 53.57 -0.55 1.46
CA GLN E 74 52.91 0.64 1.99
C GLN E 74 51.40 0.51 1.89
N HIS E 75 50.90 0.31 0.67
CA HIS E 75 49.46 0.18 0.44
C HIS E 75 48.80 -0.95 1.19
N ILE E 76 49.47 -2.10 1.30
CA ILE E 76 48.89 -3.22 2.01
C ILE E 76 48.73 -2.91 3.49
N GLN E 77 49.72 -2.26 4.08
CA GLN E 77 49.64 -1.92 5.49
C GLN E 77 48.50 -0.93 5.68
N GLN E 78 48.34 -0.04 4.70
CA GLN E 78 47.28 0.95 4.75
C GLN E 78 45.94 0.23 4.79
N PHE E 79 45.81 -0.81 3.97
CA PHE E 79 44.58 -1.62 3.93
C PHE E 79 44.27 -2.12 5.34
N TYR E 80 45.28 -2.70 5.99
CA TYR E 80 45.08 -3.21 7.36
C TYR E 80 44.72 -2.10 8.34
N ASP E 81 45.37 -0.95 8.21
CA ASP E 81 45.13 0.18 9.10
C ASP E 81 43.72 0.77 8.97
N LEU E 82 43.23 0.88 7.74
CA LEU E 82 41.89 1.41 7.54
C LEU E 82 40.86 0.52 8.21
N LEU E 83 41.10 -0.78 8.19
CA LEU E 83 40.20 -1.74 8.81
C LEU E 83 40.21 -1.61 10.32
N THR E 84 41.40 -1.74 10.91
CA THR E 84 41.54 -1.62 12.36
C THR E 84 41.11 -0.24 12.85
N GLY E 85 41.47 0.80 12.09
CA GLY E 85 41.12 2.15 12.45
C GLY E 85 39.63 2.46 12.53
N SER E 86 38.79 1.55 12.06
CA SER E 86 37.34 1.77 12.09
C SER E 86 36.65 0.92 13.14
N MSE E 87 37.36 -0.05 13.67
CA MSE E 87 36.80 -0.96 14.66
C MSE E 87 36.17 -0.29 15.86
O MSE E 87 35.02 -0.57 16.21
CB MSE E 87 37.86 -1.96 15.14
CG MSE E 87 37.97 -3.18 14.26
SE MSE E 87 39.48 -4.31 14.70
CE MSE E 87 39.99 -4.79 12.89
N GLU E 88 36.92 0.61 16.50
CA GLU E 88 36.41 1.30 17.67
C GLU E 88 35.22 2.18 17.32
N ILE E 89 35.26 2.79 16.14
CA ILE E 89 34.18 3.65 15.69
C ILE E 89 32.88 2.84 15.51
N ILE E 90 32.95 1.79 14.71
CA ILE E 90 31.78 0.95 14.47
C ILE E 90 31.32 0.27 15.75
N ARG E 91 32.23 -0.02 16.68
CA ARG E 91 31.80 -0.64 17.92
C ARG E 91 30.97 0.37 18.71
N GLY E 92 31.39 1.63 18.67
CA GLY E 92 30.65 2.66 19.38
C GLY E 92 29.23 2.72 18.83
N TRP E 93 29.11 2.89 17.52
CA TRP E 93 27.81 2.95 16.86
C TRP E 93 26.92 1.79 17.31
N ALA E 94 27.46 0.59 17.28
CA ALA E 94 26.73 -0.61 17.67
C ALA E 94 26.17 -0.50 19.08
N GLU E 95 26.91 0.19 19.94
CA GLU E 95 26.48 0.36 21.32
C GLU E 95 25.35 1.37 21.45
N LYS E 96 25.08 2.12 20.39
CA LYS E 96 24.02 3.13 20.43
C LYS E 96 22.72 2.60 19.84
N ILE E 97 22.72 1.31 19.52
CA ILE E 97 21.54 0.68 18.95
C ILE E 97 20.63 0.23 20.09
N PRO E 98 19.48 0.89 20.26
CA PRO E 98 18.53 0.56 21.32
C PRO E 98 18.26 -0.93 21.38
N GLY E 99 18.29 -1.48 22.58
CA GLY E 99 18.03 -2.90 22.76
C GLY E 99 19.25 -3.79 22.62
N PHE E 100 20.31 -3.28 21.99
CA PHE E 100 21.52 -4.06 21.79
C PHE E 100 22.19 -4.47 23.09
N ALA E 101 22.33 -3.52 24.01
CA ALA E 101 22.97 -3.80 25.30
C ALA E 101 22.26 -4.91 26.09
N ASP E 102 20.94 -4.90 26.06
CA ASP E 102 20.16 -5.91 26.78
C ASP E 102 20.55 -7.33 26.38
N LEU E 103 21.20 -7.47 25.24
CA LEU E 103 21.63 -8.78 24.75
C LEU E 103 22.81 -9.29 25.58
N PRO E 104 22.92 -10.61 25.72
CA PRO E 104 24.03 -11.18 26.50
C PRO E 104 25.34 -10.66 25.91
N LYS E 105 26.21 -10.15 26.76
CA LYS E 105 27.50 -9.62 26.32
C LYS E 105 28.13 -10.55 25.27
N ALA E 106 28.04 -11.85 25.51
CA ALA E 106 28.59 -12.84 24.59
C ALA E 106 28.00 -12.69 23.19
N ASP E 107 26.68 -12.49 23.11
CA ASP E 107 26.04 -12.35 21.81
C ASP E 107 26.39 -11.00 21.18
N GLN E 108 26.56 -9.98 22.02
CA GLN E 108 26.93 -8.67 21.51
C GLN E 108 28.25 -8.81 20.78
N ASP E 109 29.19 -9.51 21.42
CA ASP E 109 30.51 -9.71 20.83
C ASP E 109 30.43 -10.54 19.56
N LEU E 110 29.66 -11.63 19.61
CA LEU E 110 29.51 -12.51 18.45
C LEU E 110 28.90 -11.78 17.24
N LEU E 111 27.83 -11.03 17.47
CA LEU E 111 27.18 -10.27 16.40
C LEU E 111 28.07 -9.18 15.85
N PHE E 112 28.78 -8.49 16.74
CA PHE E 112 29.65 -7.42 16.30
C PHE E 112 30.81 -7.93 15.46
N GLU E 113 31.50 -8.93 15.97
CA GLU E 113 32.64 -9.51 15.28
C GLU E 113 32.22 -10.15 13.96
N SER E 114 31.03 -10.72 13.95
CA SER E 114 30.51 -11.36 12.75
C SER E 114 30.14 -10.37 11.66
N ALA E 115 29.76 -9.17 12.06
CA ALA E 115 29.33 -8.15 11.11
C ALA E 115 30.31 -7.04 10.81
N PHE E 116 31.35 -6.90 11.63
CA PHE E 116 32.29 -5.80 11.42
C PHE E 116 32.68 -5.49 9.98
N LEU E 117 33.09 -6.50 9.24
CA LEU E 117 33.53 -6.31 7.86
C LEU E 117 32.39 -5.78 7.00
N GLU E 118 31.24 -6.43 7.08
CA GLU E 118 30.07 -6.03 6.31
C GLU E 118 29.69 -4.59 6.67
N LEU E 119 29.72 -4.28 7.96
CA LEU E 119 29.38 -2.95 8.42
C LEU E 119 30.38 -1.92 7.90
N PHE E 120 31.64 -2.34 7.81
CA PHE E 120 32.69 -1.47 7.31
C PHE E 120 32.49 -1.15 5.83
N VAL E 121 32.15 -2.16 5.04
CA VAL E 121 31.93 -1.94 3.61
C VAL E 121 30.63 -1.19 3.34
N LEU E 122 29.57 -1.52 4.07
CA LEU E 122 28.28 -0.86 3.87
C LEU E 122 28.36 0.65 4.09
N ARG E 123 28.98 1.03 5.20
CA ARG E 123 29.12 2.44 5.56
C ARG E 123 30.03 3.16 4.58
N LEU E 124 31.06 2.45 4.12
CA LEU E 124 31.99 3.03 3.16
C LEU E 124 31.26 3.23 1.84
N ALA E 125 30.49 2.22 1.44
CA ALA E 125 29.76 2.28 0.18
C ALA E 125 28.71 3.40 0.17
N TYR E 126 28.11 3.65 1.32
CA TYR E 126 27.08 4.68 1.42
C TYR E 126 27.61 6.11 1.37
N ARG E 127 28.71 6.38 2.06
CA ARG E 127 29.24 7.75 2.10
C ARG E 127 30.18 8.11 0.95
N SER E 128 30.69 7.10 0.27
CA SER E 128 31.62 7.33 -0.82
C SER E 128 30.98 7.96 -2.05
N ASN E 129 31.81 8.24 -3.05
CA ASN E 129 31.35 8.85 -4.30
C ASN E 129 31.80 7.93 -5.43
N PRO E 130 31.00 6.90 -5.74
CA PRO E 130 31.32 5.94 -6.81
C PRO E 130 31.61 6.50 -8.20
N VAL E 131 30.85 7.50 -8.61
CA VAL E 131 31.05 8.11 -9.92
C VAL E 131 32.43 8.74 -10.10
N GLU E 132 32.97 9.28 -9.02
CA GLU E 132 34.29 9.92 -9.08
C GLU E 132 35.41 9.00 -8.59
N GLY E 133 35.06 7.78 -8.20
CA GLY E 133 36.07 6.85 -7.72
C GLY E 133 36.65 7.29 -6.39
N LYS E 134 35.85 8.04 -5.62
CA LYS E 134 36.29 8.54 -4.33
C LYS E 134 35.81 7.69 -3.16
N LEU E 135 36.77 7.09 -2.45
CA LEU E 135 36.46 6.27 -1.30
C LEU E 135 36.67 7.10 -0.04
N ILE E 136 35.61 7.25 0.76
CA ILE E 136 35.68 8.02 2.00
C ILE E 136 35.48 7.09 3.18
N PHE E 137 36.54 6.95 3.99
CA PHE E 137 36.51 6.06 5.14
C PHE E 137 35.97 6.61 6.44
N CYS E 138 35.57 5.68 7.32
CA CYS E 138 35.00 6.00 8.63
C CYS E 138 35.79 7.10 9.35
N ASN E 139 37.09 7.17 9.11
CA ASN E 139 37.95 8.17 9.76
C ASN E 139 38.19 9.48 9.00
N GLY E 140 37.54 9.66 7.86
CA GLY E 140 37.71 10.91 7.12
C GLY E 140 38.69 10.89 5.97
N VAL E 141 39.53 9.87 5.89
CA VAL E 141 40.50 9.78 4.80
C VAL E 141 39.80 9.61 3.45
N VAL E 142 40.21 10.39 2.45
CA VAL E 142 39.64 10.30 1.11
C VAL E 142 40.70 9.79 0.13
N LEU E 143 40.53 8.54 -0.33
CA LEU E 143 41.46 7.92 -1.26
C LEU E 143 40.78 7.62 -2.58
N HIS E 144 41.55 7.64 -3.66
CA HIS E 144 41.00 7.34 -4.96
C HIS E 144 41.05 5.83 -5.20
N ARG E 145 40.09 5.32 -5.97
CA ARG E 145 40.00 3.91 -6.29
C ARG E 145 41.33 3.30 -6.74
N LEU E 146 42.08 4.04 -7.54
CA LEU E 146 43.36 3.54 -8.04
C LEU E 146 44.41 3.34 -6.97
N GLN E 147 44.26 4.04 -5.84
CA GLN E 147 45.21 3.91 -4.74
C GLN E 147 44.85 2.69 -3.90
N CYS E 148 43.56 2.42 -3.76
CA CYS E 148 43.06 1.30 -2.97
C CYS E 148 43.27 -0.07 -3.60
N VAL E 149 43.24 -0.14 -4.92
CA VAL E 149 43.42 -1.41 -5.60
C VAL E 149 44.72 -2.09 -5.18
N ARG E 150 45.72 -1.29 -4.80
CA ARG E 150 47.00 -1.82 -4.36
C ARG E 150 46.83 -2.57 -3.03
N GLY E 151 46.03 -2.01 -2.13
CA GLY E 151 45.82 -2.64 -0.83
C GLY E 151 44.63 -3.58 -0.81
N PHE E 152 43.44 -3.05 -1.11
CA PHE E 152 42.22 -3.85 -1.12
C PHE E 152 42.26 -4.92 -2.19
N GLY E 153 42.92 -4.62 -3.30
CA GLY E 153 43.00 -5.58 -4.39
C GLY E 153 41.84 -5.33 -5.33
N GLU E 154 41.62 -6.25 -6.27
CA GLU E 154 40.53 -6.12 -7.23
C GLU E 154 39.18 -5.95 -6.53
N TRP E 155 39.13 -6.36 -5.26
CA TRP E 155 37.91 -6.26 -4.47
C TRP E 155 37.35 -4.84 -4.40
N ILE E 156 38.23 -3.84 -4.43
CA ILE E 156 37.77 -2.45 -4.34
C ILE E 156 36.82 -2.07 -5.48
N ASP E 157 36.98 -2.71 -6.64
CA ASP E 157 36.11 -2.42 -7.78
C ASP E 157 34.70 -2.97 -7.53
N SER E 158 34.60 -4.10 -6.84
CA SER E 158 33.31 -4.68 -6.51
C SER E 158 32.59 -3.79 -5.49
N ILE E 159 33.37 -3.24 -4.55
CA ILE E 159 32.80 -2.37 -3.52
C ILE E 159 32.22 -1.15 -4.19
N VAL E 160 32.97 -0.58 -5.12
CA VAL E 160 32.54 0.59 -5.84
C VAL E 160 31.25 0.26 -6.60
N GLU E 161 31.20 -0.91 -7.22
CA GLU E 161 30.01 -1.32 -7.94
C GLU E 161 28.82 -1.37 -7.00
N PHE E 162 29.04 -1.96 -5.82
CA PHE E 162 28.02 -2.08 -4.80
C PHE E 162 27.60 -0.69 -4.35
N SER E 163 28.59 0.15 -4.10
CA SER E 163 28.36 1.52 -3.68
C SER E 163 27.45 2.19 -4.69
N SER E 164 27.81 2.05 -5.97
CA SER E 164 27.06 2.63 -7.06
C SER E 164 25.61 2.15 -7.06
N ASN E 165 25.40 0.84 -6.93
CA ASN E 165 24.06 0.29 -6.90
C ASN E 165 23.27 0.75 -5.67
N LEU E 166 23.96 0.87 -4.54
CA LEU E 166 23.33 1.29 -3.30
C LEU E 166 22.83 2.73 -3.42
N GLN E 167 23.67 3.61 -3.95
CA GLN E 167 23.27 5.00 -4.09
C GLN E 167 22.20 5.28 -5.17
N ASN E 168 22.07 4.40 -6.16
CA ASN E 168 21.05 4.59 -7.20
C ASN E 168 19.66 4.40 -6.58
N MSE E 169 19.60 3.82 -5.39
CA MSE E 169 18.32 3.60 -4.71
C MSE E 169 17.89 4.86 -3.94
O MSE E 169 16.76 4.95 -3.46
CB MSE E 169 18.42 2.42 -3.74
CG MSE E 169 18.59 1.07 -4.42
SE MSE E 169 18.50 -0.43 -3.21
CE MSE E 169 16.69 -0.19 -2.57
N ASN E 170 18.79 5.82 -3.83
CA ASN E 170 18.50 7.06 -3.12
C ASN E 170 17.84 6.80 -1.76
N ILE E 171 18.52 5.99 -0.95
CA ILE E 171 18.03 5.64 0.37
C ILE E 171 18.31 6.81 1.31
N ASP E 172 17.27 7.34 1.93
CA ASP E 172 17.43 8.46 2.84
C ASP E 172 18.04 7.99 4.17
N ILE E 173 18.60 8.92 4.92
CA ILE E 173 19.26 8.61 6.18
C ILE E 173 18.50 7.73 7.16
N SER E 174 17.19 7.96 7.29
CA SER E 174 16.37 7.17 8.21
C SER E 174 16.35 5.69 7.80
N ALA E 175 16.16 5.44 6.51
CA ALA E 175 16.14 4.08 5.97
C ALA E 175 17.48 3.38 6.12
N PHE E 176 18.55 4.04 5.67
CA PHE E 176 19.89 3.46 5.76
C PHE E 176 20.29 3.09 7.18
N SER E 177 19.86 3.88 8.16
CA SER E 177 20.21 3.62 9.55
C SER E 177 19.63 2.31 10.06
N CYS E 178 18.49 1.91 9.50
CA CYS E 178 17.84 0.67 9.88
C CYS E 178 18.56 -0.50 9.21
N ILE E 179 18.89 -0.31 7.93
CA ILE E 179 19.57 -1.35 7.17
C ILE E 179 20.92 -1.64 7.79
N ALA E 180 21.65 -0.58 8.17
CA ALA E 180 22.96 -0.76 8.78
C ALA E 180 22.80 -1.58 10.05
N ALA E 181 21.78 -1.26 10.84
CA ALA E 181 21.54 -1.98 12.09
C ALA E 181 21.19 -3.44 11.83
N LEU E 182 20.46 -3.70 10.75
CA LEU E 182 20.07 -5.07 10.40
C LEU E 182 21.25 -5.87 9.87
N ALA E 183 22.30 -5.18 9.43
CA ALA E 183 23.48 -5.89 8.93
C ALA E 183 24.12 -6.62 10.10
N MSE E 184 23.83 -6.16 11.32
CA MSE E 184 24.39 -6.78 12.50
C MSE E 184 23.41 -7.56 13.36
O MSE E 184 23.72 -8.67 13.81
CB MSE E 184 25.07 -5.73 13.38
CG MSE E 184 25.70 -6.31 14.62
SE MSE E 184 26.71 -4.99 15.57
CE MSE E 184 25.23 -4.03 16.36
N VAL E 185 22.23 -7.00 13.61
CA VAL E 185 21.23 -7.69 14.43
C VAL E 185 20.60 -8.73 13.53
N THR E 186 21.36 -9.79 13.29
CA THR E 186 20.92 -10.86 12.42
C THR E 186 21.37 -12.19 13.03
N GLU E 187 20.70 -13.26 12.67
CA GLU E 187 21.03 -14.59 13.21
C GLU E 187 22.45 -15.00 12.90
N ARG E 188 23.12 -15.56 13.91
CA ARG E 188 24.48 -16.05 13.78
C ARG E 188 24.56 -17.35 14.58
N HIS E 189 25.27 -18.33 14.04
CA HIS E 189 25.40 -19.62 14.71
C HIS E 189 26.27 -19.48 15.96
N GLY E 190 25.77 -19.98 17.07
CA GLY E 190 26.51 -19.91 18.33
C GLY E 190 26.00 -18.79 19.22
N LEU E 191 24.73 -18.45 19.08
CA LEU E 191 24.11 -17.39 19.88
C LEU E 191 23.52 -17.94 21.17
N LYS E 192 23.77 -17.26 22.28
CA LYS E 192 23.25 -17.67 23.57
C LYS E 192 21.73 -17.59 23.55
N GLU E 193 21.21 -16.40 23.21
CA GLU E 193 19.78 -16.18 23.14
C GLU E 193 19.40 -15.63 21.76
N PRO E 194 19.45 -16.49 20.74
CA PRO E 194 19.11 -16.13 19.35
C PRO E 194 17.68 -15.64 19.18
N LYS E 195 16.82 -15.96 20.14
CA LYS E 195 15.43 -15.55 20.07
C LYS E 195 15.34 -14.06 20.40
N ARG E 196 16.15 -13.63 21.37
CA ARG E 196 16.19 -12.23 21.78
C ARG E 196 16.73 -11.42 20.59
N VAL E 197 17.58 -12.05 19.80
CA VAL E 197 18.16 -11.41 18.63
C VAL E 197 17.07 -11.24 17.59
N GLU E 198 16.37 -12.31 17.28
CA GLU E 198 15.30 -12.28 16.29
C GLU E 198 14.22 -11.26 16.65
N GLU E 199 14.06 -11.00 17.95
CA GLU E 199 13.06 -10.04 18.39
C GLU E 199 13.53 -8.61 18.19
N LEU E 200 14.84 -8.38 18.27
CA LEU E 200 15.37 -7.04 18.07
C LEU E 200 15.34 -6.81 16.57
N GLN E 201 15.78 -7.80 15.82
CA GLN E 201 15.81 -7.76 14.36
C GLN E 201 14.42 -7.40 13.82
N ASN E 202 13.41 -8.14 14.28
CA ASN E 202 12.04 -7.91 13.85
C ASN E 202 11.56 -6.53 14.27
N LYS E 203 11.94 -6.10 15.47
CA LYS E 203 11.56 -4.79 15.94
C LYS E 203 12.08 -3.74 14.98
N ILE E 204 13.35 -3.89 14.57
CA ILE E 204 13.98 -2.95 13.65
C ILE E 204 13.37 -3.02 12.25
N VAL E 205 13.03 -4.21 11.78
CA VAL E 205 12.44 -4.33 10.46
C VAL E 205 11.03 -3.72 10.46
N ASN E 206 10.25 -3.97 11.51
CA ASN E 206 8.89 -3.41 11.58
C ASN E 206 8.95 -1.89 11.72
N CYS E 207 10.06 -1.41 12.27
CA CYS E 207 10.28 0.01 12.45
C CYS E 207 10.52 0.63 11.08
N LEU E 208 11.26 -0.09 10.24
CA LEU E 208 11.57 0.35 8.90
C LEU E 208 10.30 0.31 8.05
N LYS E 209 9.57 -0.79 8.12
CA LYS E 209 8.33 -0.93 7.35
C LYS E 209 7.32 0.16 7.67
N ASP E 210 7.06 0.37 8.96
CA ASP E 210 6.10 1.39 9.38
C ASP E 210 6.56 2.79 8.94
N HIS E 211 7.86 3.04 8.96
CA HIS E 211 8.38 4.33 8.55
C HIS E 211 8.20 4.57 7.05
N VAL E 212 8.50 3.56 6.25
CA VAL E 212 8.35 3.69 4.81
C VAL E 212 6.87 3.78 4.41
N THR E 213 6.03 2.95 5.03
CA THR E 213 4.60 2.91 4.76
C THR E 213 3.95 4.23 5.14
N PHE E 214 4.19 4.67 6.38
CA PHE E 214 3.64 5.94 6.82
C PHE E 214 4.04 7.08 5.90
N ASN E 215 5.33 7.14 5.55
CA ASN E 215 5.78 8.21 4.68
C ASN E 215 5.31 8.11 3.24
N ASN E 216 4.66 7.00 2.90
CA ASN E 216 4.13 6.84 1.56
C ASN E 216 2.60 6.99 1.63
N GLY E 217 2.14 7.71 2.66
CA GLY E 217 0.72 7.93 2.84
C GLY E 217 -0.06 6.73 3.34
N GLY E 218 0.61 5.80 4.01
CA GLY E 218 -0.07 4.63 4.52
C GLY E 218 0.00 3.46 3.55
N LEU E 219 0.46 3.72 2.33
CA LEU E 219 0.59 2.70 1.29
C LEU E 219 1.96 2.02 1.40
N ASN E 220 1.97 0.72 1.64
CA ASN E 220 3.21 -0.03 1.78
C ASN E 220 3.94 -0.17 0.44
N ARG E 221 5.24 -0.44 0.49
CA ARG E 221 6.05 -0.59 -0.71
C ARG E 221 6.89 -1.85 -0.59
N PRO E 222 6.25 -3.03 -0.70
CA PRO E 222 6.94 -4.33 -0.59
C PRO E 222 8.13 -4.56 -1.51
N ASN E 223 8.07 -4.01 -2.72
CA ASN E 223 9.16 -4.18 -3.67
C ASN E 223 10.39 -3.39 -3.24
N TYR E 224 10.16 -2.16 -2.80
CA TYR E 224 11.24 -1.32 -2.32
C TYR E 224 11.87 -2.01 -1.10
N LEU E 225 11.01 -2.44 -0.18
CA LEU E 225 11.43 -3.10 1.04
C LEU E 225 12.19 -4.39 0.76
N SER E 226 11.81 -5.10 -0.29
CA SER E 226 12.52 -6.33 -0.62
C SER E 226 13.88 -5.96 -1.20
N LYS E 227 13.93 -4.81 -1.87
CA LYS E 227 15.18 -4.35 -2.47
C LYS E 227 16.17 -3.86 -1.41
N LEU E 228 15.65 -3.15 -0.40
CA LEU E 228 16.49 -2.66 0.69
C LEU E 228 17.12 -3.82 1.43
N LEU E 229 16.28 -4.76 1.87
CA LEU E 229 16.77 -5.92 2.60
C LEU E 229 17.61 -6.83 1.72
N GLY E 230 17.34 -6.82 0.42
CA GLY E 230 18.10 -7.65 -0.49
C GLY E 230 19.55 -7.21 -0.55
N LYS E 231 19.80 -5.97 -0.14
CA LYS E 231 21.16 -5.44 -0.14
C LYS E 231 22.06 -6.14 0.88
N LEU E 232 21.48 -6.70 1.94
CA LEU E 232 22.26 -7.38 2.96
C LEU E 232 22.89 -8.67 2.43
N PRO E 233 22.10 -9.51 1.72
CA PRO E 233 22.68 -10.75 1.18
C PRO E 233 23.79 -10.39 0.19
N GLU E 234 23.57 -9.33 -0.59
CA GLU E 234 24.57 -8.87 -1.55
C GLU E 234 25.84 -8.41 -0.83
N LEU E 235 25.65 -7.77 0.33
CA LEU E 235 26.76 -7.29 1.14
C LEU E 235 27.56 -8.46 1.72
N ARG E 236 26.85 -9.48 2.21
CA ARG E 236 27.48 -10.65 2.78
C ARG E 236 28.35 -11.30 1.70
N THR E 237 27.80 -11.42 0.50
CA THR E 237 28.50 -12.01 -0.63
C THR E 237 29.70 -11.16 -1.05
N LEU E 238 29.52 -9.85 -1.03
CA LEU E 238 30.59 -8.91 -1.42
C LEU E 238 31.80 -9.07 -0.52
N CYS E 239 31.55 -9.21 0.77
CA CYS E 239 32.63 -9.32 1.74
C CYS E 239 33.41 -10.64 1.70
N THR E 240 32.81 -11.71 1.19
CA THR E 240 33.55 -12.97 1.10
C THR E 240 34.80 -12.67 0.27
N GLN E 241 34.68 -11.74 -0.66
CA GLN E 241 35.81 -11.35 -1.51
C GLN E 241 36.86 -10.64 -0.65
N GLY E 242 36.41 -10.03 0.44
CA GLY E 242 37.34 -9.36 1.33
C GLY E 242 38.12 -10.43 2.06
N LEU E 243 37.43 -11.50 2.44
CA LEU E 243 38.09 -12.61 3.11
C LEU E 243 39.11 -13.21 2.14
N GLN E 244 38.75 -13.28 0.86
CA GLN E 244 39.65 -13.83 -0.13
C GLN E 244 40.92 -12.98 -0.26
N ARG E 245 40.79 -11.68 -0.05
CA ARG E 245 41.94 -10.79 -0.16
C ARG E 245 42.88 -11.05 1.02
N ILE E 246 42.31 -11.11 2.21
CA ILE E 246 43.12 -11.34 3.40
C ILE E 246 43.79 -12.70 3.30
N PHE E 247 43.08 -13.69 2.74
CA PHE E 247 43.62 -15.03 2.59
C PHE E 247 44.80 -14.98 1.61
N TYR E 248 44.64 -14.21 0.55
CA TYR E 248 45.68 -14.05 -0.46
C TYR E 248 46.94 -13.44 0.15
N LEU E 249 46.76 -12.30 0.83
CA LEU E 249 47.87 -11.61 1.46
C LEU E 249 48.67 -12.46 2.43
N LYS E 250 48.00 -13.39 3.12
CA LYS E 250 48.72 -14.24 4.06
C LYS E 250 49.40 -15.39 3.30
N LEU E 251 48.78 -15.85 2.22
CA LEU E 251 49.37 -16.92 1.42
C LEU E 251 50.63 -16.37 0.75
N GLU E 252 50.55 -15.14 0.27
CA GLU E 252 51.66 -14.47 -0.39
C GLU E 252 52.79 -14.18 0.58
N ASP E 253 52.43 -14.06 1.86
CA ASP E 253 53.39 -13.81 2.93
C ASP E 253 54.41 -12.70 2.65
N LEU E 254 53.98 -11.63 1.99
CA LEU E 254 54.87 -10.50 1.70
C LEU E 254 54.69 -9.50 2.85
N VAL E 255 53.42 -9.27 3.20
CA VAL E 255 53.05 -8.38 4.30
C VAL E 255 51.99 -9.16 5.07
N PRO E 256 52.42 -10.18 5.84
CA PRO E 256 51.54 -11.03 6.64
C PRO E 256 50.51 -10.22 7.40
N PRO E 257 49.32 -10.79 7.60
CA PRO E 257 48.28 -10.07 8.34
C PRO E 257 48.62 -10.01 9.83
N PRO E 258 48.59 -8.81 10.43
CA PRO E 258 48.91 -8.71 11.86
C PRO E 258 47.84 -9.45 12.66
N ALA E 259 48.09 -9.65 13.94
CA ALA E 259 47.17 -10.37 14.82
C ALA E 259 45.72 -9.89 14.79
N ILE E 260 45.51 -8.58 14.71
CA ILE E 260 44.17 -8.03 14.70
C ILE E 260 43.43 -8.37 13.40
N ILE E 261 44.15 -8.37 12.28
CA ILE E 261 43.52 -8.71 11.02
C ILE E 261 43.28 -10.22 10.99
N ASP E 262 44.13 -10.96 11.69
CA ASP E 262 43.99 -12.41 11.75
C ASP E 262 42.69 -12.76 12.46
N LYS E 263 42.40 -12.02 13.52
CA LYS E 263 41.17 -12.24 14.27
C LYS E 263 39.99 -11.84 13.40
N LEU E 264 40.13 -10.73 12.68
CA LEU E 264 39.07 -10.24 11.80
C LEU E 264 38.66 -11.36 10.86
N PHE E 265 39.67 -12.00 10.26
CA PHE E 265 39.46 -13.10 9.33
C PHE E 265 38.65 -14.23 9.97
N LEU E 266 39.13 -14.71 11.11
CA LEU E 266 38.46 -15.80 11.80
C LEU E 266 37.10 -15.42 12.36
N ASP E 267 36.88 -14.15 12.67
CA ASP E 267 35.59 -13.72 13.20
C ASP E 267 34.55 -13.64 12.09
N THR E 268 35.01 -13.32 10.88
CA THR E 268 34.13 -13.18 9.73
C THR E 268 33.84 -14.50 9.01
N LEU E 269 34.65 -15.51 9.26
CA LEU E 269 34.46 -16.81 8.62
C LEU E 269 33.06 -17.36 8.89
N PRO E 270 32.30 -17.63 7.82
CA PRO E 270 30.94 -18.16 7.93
C PRO E 270 30.91 -19.61 8.38
N PHE E 271 32.08 -20.22 8.47
CA PHE E 271 32.19 -21.61 8.91
C PHE E 271 33.19 -21.77 10.04
N SER F 36 -33.20 33.96 0.09
CA SER F 36 -32.10 33.89 1.08
C SER F 36 -30.98 32.98 0.57
N LEU F 37 -31.34 31.80 0.09
CA LEU F 37 -30.35 30.86 -0.43
C LEU F 37 -29.99 31.27 -1.85
N ILE F 38 -30.99 31.45 -2.70
CA ILE F 38 -30.76 31.84 -4.08
C ILE F 38 -29.90 33.10 -4.15
N SER F 39 -30.18 34.04 -3.28
CA SER F 39 -29.43 35.30 -3.23
C SER F 39 -27.97 35.07 -2.90
N ALA F 40 -27.74 34.30 -1.84
CA ALA F 40 -26.38 33.99 -1.43
C ALA F 40 -25.66 33.23 -2.54
N LEU F 41 -26.40 32.38 -3.25
CA LEU F 41 -25.84 31.61 -4.36
C LEU F 41 -25.48 32.51 -5.53
N VAL F 42 -26.34 33.49 -5.82
CA VAL F 42 -26.07 34.42 -6.92
C VAL F 42 -24.87 35.30 -6.57
N ARG F 43 -24.83 35.77 -5.33
CA ARG F 43 -23.74 36.62 -4.86
C ARG F 43 -22.41 35.84 -4.93
N ALA F 44 -22.42 34.60 -4.46
CA ALA F 44 -21.21 33.78 -4.48
C ALA F 44 -20.72 33.73 -5.91
N HIS F 45 -21.67 33.57 -6.84
CA HIS F 45 -21.36 33.50 -8.26
C HIS F 45 -20.79 34.79 -8.82
N VAL F 46 -21.43 35.93 -8.53
CA VAL F 46 -20.98 37.22 -9.04
C VAL F 46 -19.60 37.60 -8.47
N ASP F 47 -19.39 37.32 -7.19
CA ASP F 47 -18.13 37.63 -6.53
C ASP F 47 -16.95 36.80 -7.03
N SER F 48 -17.24 35.63 -7.59
CA SER F 48 -16.19 34.75 -8.10
C SER F 48 -16.05 34.76 -9.62
N ASN F 49 -16.73 35.67 -10.30
CA ASN F 49 -16.59 35.74 -11.76
C ASN F 49 -16.12 37.14 -12.17
N PRO F 50 -15.37 37.23 -13.27
CA PRO F 50 -14.85 38.51 -13.76
C PRO F 50 -15.90 39.44 -14.35
N ALA F 51 -15.75 40.74 -14.10
CA ALA F 51 -16.66 41.72 -14.64
C ALA F 51 -16.50 41.66 -16.15
N MET F 52 -17.57 41.30 -16.86
CA MET F 52 -17.52 41.18 -18.32
C MET F 52 -17.19 42.49 -19.03
N THR F 53 -16.98 43.55 -18.25
CA THR F 53 -16.63 44.85 -18.82
C THR F 53 -15.16 45.13 -18.57
N SER F 54 -14.51 44.25 -17.80
CA SER F 54 -13.10 44.41 -17.48
C SER F 54 -12.33 43.10 -17.75
N LEU F 55 -12.51 42.56 -18.95
CA LEU F 55 -11.85 41.33 -19.37
C LEU F 55 -10.40 41.63 -19.77
N ASP F 56 -9.55 40.63 -19.68
CA ASP F 56 -8.14 40.79 -20.01
C ASP F 56 -7.80 40.15 -21.36
N TYR F 57 -7.54 40.99 -22.36
CA TYR F 57 -7.22 40.52 -23.71
C TYR F 57 -5.73 40.56 -24.04
N SER F 58 -4.89 40.86 -23.06
CA SER F 58 -3.45 40.97 -23.32
C SER F 58 -2.79 39.74 -23.93
N ARG F 59 -3.46 38.60 -23.84
CA ARG F 59 -2.90 37.36 -24.41
C ARG F 59 -3.76 36.82 -25.55
N PHE F 60 -4.77 37.59 -25.95
CA PHE F 60 -5.68 37.17 -27.02
C PHE F 60 -5.07 37.29 -28.42
N GLN F 61 -5.46 36.39 -29.31
CA GLN F 61 -4.95 36.39 -30.69
C GLN F 61 -5.73 35.46 -31.60
N ALA F 62 -6.23 36.01 -32.70
CA ALA F 62 -7.00 35.24 -33.68
C ALA F 62 -6.25 35.21 -35.01
N ASN F 63 -5.31 34.28 -35.14
CA ASN F 63 -4.51 34.16 -36.36
C ASN F 63 -4.93 32.94 -37.19
N ASP F 72 2.92 24.49 -29.37
CA ASP F 72 4.18 24.20 -28.71
C ASP F 72 4.00 23.95 -27.21
N THR F 73 5.11 23.87 -26.49
CA THR F 73 5.10 23.61 -25.06
C THR F 73 4.52 24.76 -24.23
N GLN F 74 4.50 25.96 -24.80
CA GLN F 74 3.97 27.13 -24.10
C GLN F 74 2.47 27.05 -23.92
N HIS F 75 1.74 26.72 -24.98
CA HIS F 75 0.28 26.60 -24.90
C HIS F 75 -0.14 25.53 -23.91
N ILE F 76 0.63 24.44 -23.85
CA ILE F 76 0.33 23.36 -22.93
C ILE F 76 0.52 23.89 -21.51
N GLN F 77 1.59 24.67 -21.31
CA GLN F 77 1.90 25.24 -20.01
C GLN F 77 0.80 26.21 -19.61
N GLN F 78 0.29 26.96 -20.59
CA GLN F 78 -0.77 27.93 -20.36
C GLN F 78 -2.05 27.16 -20.01
N PHE F 79 -2.21 26.00 -20.61
CA PHE F 79 -3.35 25.16 -20.33
C PHE F 79 -3.26 24.80 -18.85
N TYR F 80 -2.06 24.44 -18.40
CA TYR F 80 -1.87 24.09 -16.99
C TYR F 80 -2.15 25.25 -16.05
N ASP F 81 -1.64 26.44 -16.40
CA ASP F 81 -1.82 27.63 -15.57
C ASP F 81 -3.27 28.07 -15.38
N LEU F 82 -4.04 28.10 -16.46
CA LEU F 82 -5.43 28.50 -16.38
C LEU F 82 -6.12 27.66 -15.33
N LEU F 83 -5.87 26.36 -15.37
CA LEU F 83 -6.46 25.43 -14.42
C LEU F 83 -6.03 25.71 -12.98
N THR F 84 -4.73 25.86 -12.76
CA THR F 84 -4.22 26.10 -11.43
C THR F 84 -4.65 27.46 -10.87
N GLY F 85 -4.85 28.43 -11.76
CA GLY F 85 -5.26 29.75 -11.33
C GLY F 85 -6.71 29.82 -10.89
N SER F 86 -7.56 28.97 -11.48
CA SER F 86 -8.98 28.98 -11.13
C SER F 86 -9.25 28.25 -9.81
N MSE F 87 -8.25 27.56 -9.27
CA MSE F 87 -8.43 26.80 -8.04
C MSE F 87 -8.85 27.62 -6.81
O MSE F 87 -9.85 27.32 -6.17
CB MSE F 87 -7.17 25.99 -7.73
CG MSE F 87 -6.77 25.10 -8.89
SE MSE F 87 -5.45 23.73 -8.49
CE MSE F 87 -6.68 22.26 -8.30
N GLU F 88 -8.06 28.65 -6.48
CA GLU F 88 -8.38 29.49 -5.33
C GLU F 88 -9.68 30.24 -5.58
N ILE F 89 -9.89 30.66 -6.83
CA ILE F 89 -11.10 31.39 -7.19
C ILE F 89 -12.36 30.55 -6.98
N ILE F 90 -12.36 29.31 -7.45
CA ILE F 90 -13.52 28.46 -7.27
C ILE F 90 -13.62 28.00 -5.81
N ARG F 91 -12.48 27.91 -5.13
CA ARG F 91 -12.48 27.50 -3.73
C ARG F 91 -13.24 28.58 -2.95
N GLY F 92 -12.96 29.85 -3.23
CA GLY F 92 -13.64 30.94 -2.55
C GLY F 92 -15.14 30.87 -2.75
N TRP F 93 -15.55 30.60 -3.98
CA TRP F 93 -16.95 30.48 -4.33
C TRP F 93 -17.62 29.39 -3.49
N ALA F 94 -17.00 28.21 -3.48
CA ALA F 94 -17.53 27.09 -2.72
C ALA F 94 -17.69 27.49 -1.26
N GLU F 95 -16.72 28.26 -0.77
CA GLU F 95 -16.73 28.73 0.60
C GLU F 95 -17.90 29.68 0.90
N LYS F 96 -18.52 30.21 -0.15
CA LYS F 96 -19.64 31.14 0.05
C LYS F 96 -20.98 30.45 -0.16
N ILE F 97 -20.96 29.12 -0.29
CA ILE F 97 -22.19 28.39 -0.47
C ILE F 97 -22.75 28.11 0.94
N PRO F 98 -23.98 28.56 1.20
CA PRO F 98 -24.63 28.37 2.51
C PRO F 98 -24.75 26.90 2.89
N GLY F 99 -24.15 26.54 4.01
CA GLY F 99 -24.20 25.16 4.46
C GLY F 99 -23.02 24.30 4.07
N PHE F 100 -22.20 24.81 3.16
CA PHE F 100 -21.04 24.06 2.71
C PHE F 100 -19.99 24.01 3.81
N ALA F 101 -19.61 25.19 4.28
CA ALA F 101 -18.61 25.32 5.34
C ALA F 101 -18.97 24.60 6.63
N ASP F 102 -20.23 24.20 6.77
CA ASP F 102 -20.67 23.50 7.97
C ASP F 102 -20.43 22.00 7.88
N LEU F 103 -20.22 21.49 6.67
CA LEU F 103 -19.98 20.06 6.48
C LEU F 103 -18.61 19.72 7.05
N PRO F 104 -18.37 18.43 7.31
CA PRO F 104 -17.06 18.04 7.85
C PRO F 104 -15.98 18.51 6.88
N LYS F 105 -14.91 19.07 7.43
CA LYS F 105 -13.80 19.58 6.60
C LYS F 105 -13.37 18.57 5.54
N ALA F 106 -13.32 17.30 5.91
CA ALA F 106 -12.90 16.27 4.98
C ALA F 106 -13.86 16.19 3.80
N ASP F 107 -15.15 16.32 4.08
CA ASP F 107 -16.17 16.26 3.03
C ASP F 107 -16.08 17.51 2.15
N GLN F 108 -15.77 18.64 2.75
CA GLN F 108 -15.64 19.88 2.00
C GLN F 108 -14.55 19.69 0.95
N ASP F 109 -13.41 19.17 1.40
CA ASP F 109 -12.28 18.95 0.50
C ASP F 109 -12.58 17.85 -0.51
N LEU F 110 -13.37 16.87 -0.10
CA LEU F 110 -13.72 15.78 -1.00
C LEU F 110 -14.65 16.23 -2.13
N LEU F 111 -15.66 17.02 -1.80
CA LEU F 111 -16.59 17.49 -2.82
C LEU F 111 -15.91 18.49 -3.79
N PHE F 112 -15.12 19.40 -3.25
CA PHE F 112 -14.41 20.40 -4.05
C PHE F 112 -13.41 19.74 -4.98
N GLU F 113 -12.55 18.91 -4.41
CA GLU F 113 -11.55 18.22 -5.20
C GLU F 113 -12.14 17.34 -6.30
N SER F 114 -13.31 16.75 -6.03
CA SER F 114 -13.96 15.87 -7.02
C SER F 114 -14.73 16.61 -8.11
N ALA F 115 -15.21 17.81 -7.82
CA ALA F 115 -15.98 18.56 -8.81
C ALA F 115 -15.22 19.75 -9.42
N PHE F 116 -14.01 20.01 -8.95
CA PHE F 116 -13.26 21.14 -9.47
C PHE F 116 -13.22 21.24 -11.00
N LEU F 117 -12.80 20.17 -11.67
CA LEU F 117 -12.70 20.17 -13.13
C LEU F 117 -14.04 20.50 -13.77
N GLU F 118 -15.10 19.88 -13.26
CA GLU F 118 -16.43 20.13 -13.80
C GLU F 118 -16.86 21.58 -13.55
N LEU F 119 -16.55 22.11 -12.36
CA LEU F 119 -16.92 23.49 -12.04
C LEU F 119 -16.19 24.49 -12.94
N PHE F 120 -14.91 24.20 -13.18
CA PHE F 120 -14.06 25.04 -14.02
C PHE F 120 -14.61 25.08 -15.43
N VAL F 121 -15.01 23.90 -15.92
CA VAL F 121 -15.56 23.78 -17.27
C VAL F 121 -16.95 24.41 -17.37
N LEU F 122 -17.82 24.08 -16.43
CA LEU F 122 -19.17 24.63 -16.42
C LEU F 122 -19.15 26.15 -16.38
N ARG F 123 -18.34 26.71 -15.50
CA ARG F 123 -18.26 28.15 -15.37
C ARG F 123 -17.71 28.81 -16.62
N LEU F 124 -16.78 28.12 -17.28
CA LEU F 124 -16.16 28.60 -18.51
C LEU F 124 -17.17 28.59 -19.67
N ALA F 125 -17.93 27.51 -19.75
CA ALA F 125 -18.93 27.34 -20.80
C ALA F 125 -20.00 28.41 -20.69
N TYR F 126 -20.34 28.77 -19.45
CA TYR F 126 -21.38 29.76 -19.20
C TYR F 126 -20.98 31.21 -19.50
N ARG F 127 -19.75 31.60 -19.21
CA ARG F 127 -19.35 32.98 -19.44
C ARG F 127 -18.74 33.27 -20.80
N SER F 128 -18.32 32.23 -21.52
CA SER F 128 -17.68 32.43 -22.81
C SER F 128 -18.63 32.77 -23.94
N ASN F 129 -18.05 32.96 -25.13
CA ASN F 129 -18.82 33.30 -26.32
C ASN F 129 -18.52 32.27 -27.40
N PRO F 130 -19.28 31.17 -27.42
CA PRO F 130 -19.08 30.11 -28.42
C PRO F 130 -19.17 30.57 -29.87
N VAL F 131 -20.12 31.43 -30.18
CA VAL F 131 -20.28 31.91 -31.55
C VAL F 131 -19.00 32.60 -32.06
N GLU F 132 -18.37 33.40 -31.22
CA GLU F 132 -17.16 34.10 -31.61
C GLU F 132 -15.88 33.35 -31.26
N GLY F 133 -16.04 32.13 -30.75
CA GLY F 133 -14.89 31.33 -30.38
C GLY F 133 -13.96 31.93 -29.34
N LYS F 134 -14.53 32.71 -28.41
CA LYS F 134 -13.72 33.33 -27.37
C LYS F 134 -13.96 32.66 -26.02
N LEU F 135 -12.90 32.11 -25.44
CA LEU F 135 -12.99 31.47 -24.14
C LEU F 135 -12.60 32.47 -23.07
N ILE F 136 -13.48 32.68 -22.10
CA ILE F 136 -13.21 33.61 -21.00
C ILE F 136 -13.08 32.84 -19.69
N PHE F 137 -11.90 32.92 -19.08
CA PHE F 137 -11.62 32.19 -17.86
C PHE F 137 -11.93 32.90 -16.53
N CYS F 138 -12.01 32.12 -15.46
CA CYS F 138 -12.31 32.63 -14.13
C CYS F 138 -11.53 33.88 -13.77
N ASN F 139 -10.28 33.96 -14.23
CA ASN F 139 -9.42 35.10 -13.92
C ASN F 139 -9.58 36.29 -14.86
N GLY F 140 -10.50 36.20 -15.81
CA GLY F 140 -10.73 37.30 -16.73
C GLY F 140 -9.94 37.24 -18.03
N VAL F 141 -9.08 36.24 -18.17
CA VAL F 141 -8.28 36.08 -19.38
C VAL F 141 -9.13 35.61 -20.55
N VAL F 142 -8.89 36.19 -21.72
CA VAL F 142 -9.63 35.85 -22.93
C VAL F 142 -8.73 35.25 -24.01
N LEU F 143 -9.07 34.05 -24.47
CA LEU F 143 -8.32 33.37 -25.53
C LEU F 143 -9.27 32.86 -26.59
N HIS F 144 -8.81 32.85 -27.85
CA HIS F 144 -9.61 32.36 -28.96
C HIS F 144 -9.51 30.84 -29.04
N ARG F 145 -10.59 30.19 -29.48
CA ARG F 145 -10.60 28.73 -29.61
C ARG F 145 -9.33 28.21 -30.27
N LEU F 146 -8.87 28.92 -31.29
CA LEU F 146 -7.67 28.54 -32.02
C LEU F 146 -6.43 28.52 -31.17
N GLN F 147 -6.43 29.26 -30.07
CA GLN F 147 -5.28 29.28 -29.17
C GLN F 147 -5.38 28.11 -28.19
N CYS F 148 -6.58 27.87 -27.69
CA CYS F 148 -6.82 26.80 -26.74
C CYS F 148 -6.65 25.39 -27.29
N VAL F 149 -6.98 25.19 -28.56
CA VAL F 149 -6.83 23.87 -29.16
C VAL F 149 -5.38 23.40 -29.05
N ARG F 150 -4.44 24.34 -29.03
CA ARG F 150 -3.03 23.99 -28.93
C ARG F 150 -2.64 23.49 -27.54
N GLY F 151 -3.42 23.87 -26.53
CA GLY F 151 -3.14 23.45 -25.17
C GLY F 151 -4.19 22.49 -24.64
N PHE F 152 -5.45 22.83 -24.83
CA PHE F 152 -6.56 21.99 -24.40
C PHE F 152 -6.73 20.77 -25.29
N GLY F 153 -6.35 20.90 -26.56
CA GLY F 153 -6.53 19.78 -27.49
C GLY F 153 -7.91 19.91 -28.10
N GLU F 154 -8.33 18.92 -28.88
CA GLU F 154 -9.66 19.00 -29.50
C GLU F 154 -10.77 18.99 -28.47
N TRP F 155 -10.41 18.82 -27.20
CA TRP F 155 -11.39 18.82 -26.12
C TRP F 155 -12.10 20.18 -26.10
N ILE F 156 -11.35 21.22 -26.45
CA ILE F 156 -11.89 22.57 -26.46
C ILE F 156 -13.11 22.66 -27.37
N ASP F 157 -13.08 21.97 -28.50
CA ASP F 157 -14.22 22.00 -29.41
C ASP F 157 -15.45 21.42 -28.71
N SER F 158 -15.24 20.36 -27.94
CA SER F 158 -16.36 19.75 -27.22
C SER F 158 -16.85 20.73 -26.16
N ILE F 159 -15.93 21.51 -25.61
CA ILE F 159 -16.32 22.49 -24.59
C ILE F 159 -17.15 23.59 -25.23
N VAL F 160 -16.71 24.06 -26.40
CA VAL F 160 -17.46 25.09 -27.12
C VAL F 160 -18.86 24.58 -27.44
N GLU F 161 -18.94 23.32 -27.84
CA GLU F 161 -20.21 22.68 -28.18
C GLU F 161 -21.16 22.68 -26.97
N PHE F 162 -20.62 22.33 -25.81
CA PHE F 162 -21.38 22.29 -24.57
C PHE F 162 -21.81 23.72 -24.20
N SER F 163 -20.89 24.67 -24.39
CA SER F 163 -21.15 26.06 -24.07
C SER F 163 -22.32 26.55 -24.92
N SER F 164 -22.27 26.21 -26.20
CA SER F 164 -23.32 26.60 -27.13
C SER F 164 -24.66 25.99 -26.73
N ASN F 165 -24.65 24.71 -26.35
CA ASN F 165 -25.89 24.07 -25.96
C ASN F 165 -26.40 24.71 -24.66
N LEU F 166 -25.48 24.96 -23.74
CA LEU F 166 -25.85 25.55 -22.45
C LEU F 166 -26.50 26.92 -22.62
N GLN F 167 -25.83 27.80 -23.34
CA GLN F 167 -26.35 29.13 -23.55
C GLN F 167 -27.61 29.17 -24.40
N ASN F 168 -27.83 28.14 -25.22
CA ASN F 168 -29.03 28.09 -26.05
C ASN F 168 -30.24 27.78 -25.19
N MSE F 169 -30.00 27.48 -23.91
CA MSE F 169 -31.07 27.17 -22.99
C MSE F 169 -31.52 28.43 -22.27
O MSE F 169 -32.47 28.42 -21.48
CB MSE F 169 -30.63 26.12 -21.99
CG MSE F 169 -30.50 24.73 -22.57
SE MSE F 169 -30.18 23.41 -21.20
CE MSE F 169 -31.78 23.65 -20.16
N ASN F 170 -30.83 29.55 -22.53
CA ASN F 170 -31.15 30.81 -21.91
C ASN F 170 -31.35 30.67 -20.40
N ILE F 171 -30.32 30.17 -19.72
CA ILE F 171 -30.38 29.98 -18.29
C ILE F 171 -30.03 31.28 -17.58
N ASP F 172 -30.92 31.76 -16.72
CA ASP F 172 -30.66 33.01 -16.02
C ASP F 172 -29.65 32.79 -14.89
N ILE F 173 -29.02 33.88 -14.45
CA ILE F 173 -28.00 33.80 -13.40
C ILE F 173 -28.42 33.11 -12.10
N SER F 174 -29.71 33.17 -11.75
CA SER F 174 -30.17 32.53 -10.52
C SER F 174 -30.17 31.02 -10.67
N ALA F 175 -30.68 30.56 -11.82
CA ALA F 175 -30.75 29.14 -12.13
C ALA F 175 -29.33 28.59 -12.26
N PHE F 176 -28.48 29.31 -12.97
CA PHE F 176 -27.12 28.85 -13.14
C PHE F 176 -26.41 28.72 -11.78
N SER F 177 -26.61 29.69 -10.92
CA SER F 177 -25.98 29.69 -9.61
C SER F 177 -26.40 28.47 -8.79
N CYS F 178 -27.56 27.91 -9.12
CA CYS F 178 -28.05 26.72 -8.42
C CYS F 178 -27.38 25.50 -9.02
N ILE F 179 -27.39 25.42 -10.35
CA ILE F 179 -26.79 24.31 -11.07
C ILE F 179 -25.30 24.16 -10.77
N ALA F 180 -24.59 25.28 -10.68
CA ALA F 180 -23.16 25.24 -10.38
C ALA F 180 -22.97 24.60 -9.01
N ALA F 181 -23.81 24.99 -8.05
CA ALA F 181 -23.73 24.45 -6.69
C ALA F 181 -24.07 22.96 -6.66
N LEU F 182 -24.95 22.54 -7.56
CA LEU F 182 -25.36 21.14 -7.64
C LEU F 182 -24.27 20.29 -8.25
N ALA F 183 -23.39 20.92 -9.02
CA ALA F 183 -22.29 20.21 -9.66
C ALA F 183 -21.29 19.74 -8.61
N MSE F 184 -21.26 20.43 -7.47
CA MSE F 184 -20.33 20.07 -6.41
C MSE F 184 -20.97 19.42 -5.20
O MSE F 184 -20.40 18.49 -4.63
CB MSE F 184 -19.56 21.30 -5.94
CG MSE F 184 -18.73 21.01 -4.71
SE MSE F 184 -17.59 22.45 -4.22
CE MSE F 184 -18.88 23.61 -3.38
N VAL F 185 -22.12 19.93 -4.77
CA VAL F 185 -22.83 19.37 -3.62
C VAL F 185 -23.67 18.20 -4.12
N THR F 186 -22.99 17.11 -4.40
CA THR F 186 -23.63 15.91 -4.90
C THR F 186 -22.95 14.71 -4.23
N GLU F 187 -23.54 13.52 -4.38
CA GLU F 187 -22.96 12.33 -3.73
C GLU F 187 -21.64 11.87 -4.33
N ARG F 188 -20.68 11.62 -3.46
CA ARG F 188 -19.36 11.15 -3.86
C ARG F 188 -19.00 10.02 -2.91
N HIS F 189 -18.22 9.06 -3.40
CA HIS F 189 -17.79 7.94 -2.57
C HIS F 189 -16.71 8.40 -1.59
N GLY F 190 -17.01 8.36 -0.30
CA GLY F 190 -16.04 8.77 0.70
C GLY F 190 -16.56 9.81 1.67
N LEU F 191 -17.74 10.35 1.39
CA LEU F 191 -18.32 11.35 2.28
C LEU F 191 -18.37 10.83 3.71
N LYS F 192 -18.09 11.71 4.66
CA LYS F 192 -18.12 11.32 6.06
C LYS F 192 -19.60 11.29 6.48
N GLU F 193 -20.34 12.32 6.06
CA GLU F 193 -21.75 12.40 6.37
C GLU F 193 -22.58 12.54 5.09
N PRO F 194 -22.62 11.48 4.28
CA PRO F 194 -23.36 11.46 3.02
C PRO F 194 -24.76 12.07 3.14
N LYS F 195 -25.35 11.97 4.33
CA LYS F 195 -26.68 12.50 4.58
C LYS F 195 -26.65 14.03 4.56
N ARG F 196 -25.64 14.61 5.18
CA ARG F 196 -25.49 16.06 5.22
C ARG F 196 -25.48 16.61 3.81
N VAL F 197 -24.74 15.95 2.94
CA VAL F 197 -24.63 16.34 1.55
C VAL F 197 -25.99 16.26 0.88
N GLU F 198 -26.65 15.12 1.03
CA GLU F 198 -27.98 14.94 0.43
C GLU F 198 -28.93 15.96 1.03
N GLU F 199 -28.71 16.30 2.29
CA GLU F 199 -29.52 17.27 2.99
C GLU F 199 -29.43 18.61 2.23
N LEU F 200 -28.21 19.11 2.14
CA LEU F 200 -27.91 20.38 1.47
C LEU F 200 -28.32 20.37 -0.01
N GLN F 201 -28.04 19.26 -0.68
CA GLN F 201 -28.36 19.12 -2.11
C GLN F 201 -29.83 19.35 -2.42
N ASN F 202 -30.71 18.59 -1.77
CA ASN F 202 -32.15 18.72 -2.01
C ASN F 202 -32.60 20.15 -1.73
N LYS F 203 -31.97 20.78 -0.74
CA LYS F 203 -32.30 22.14 -0.36
C LYS F 203 -32.03 23.11 -1.52
N ILE F 204 -30.92 22.89 -2.22
CA ILE F 204 -30.58 23.76 -3.35
C ILE F 204 -31.46 23.39 -4.53
N VAL F 205 -31.77 22.10 -4.66
CA VAL F 205 -32.63 21.61 -5.72
C VAL F 205 -34.03 22.20 -5.56
N ASN F 206 -34.51 22.27 -4.32
CA ASN F 206 -35.84 22.82 -4.04
C ASN F 206 -35.79 24.31 -4.31
N CYS F 207 -34.62 24.89 -4.08
CA CYS F 207 -34.41 26.31 -4.30
C CYS F 207 -34.53 26.60 -5.79
N LEU F 208 -33.99 25.71 -6.61
CA LEU F 208 -34.05 25.86 -8.07
C LEU F 208 -35.46 25.57 -8.55
N LYS F 209 -36.13 24.62 -7.90
CA LYS F 209 -37.49 24.24 -8.27
C LYS F 209 -38.44 25.44 -8.19
N ASP F 210 -38.45 26.11 -7.05
CA ASP F 210 -39.32 27.26 -6.85
C ASP F 210 -39.06 28.36 -7.87
N HIS F 211 -37.79 28.74 -8.00
CA HIS F 211 -37.40 29.77 -8.95
C HIS F 211 -37.91 29.45 -10.34
N VAL F 212 -37.94 28.16 -10.68
CA VAL F 212 -38.41 27.74 -11.99
C VAL F 212 -39.93 27.82 -12.11
N THR F 213 -40.62 27.44 -11.04
CA THR F 213 -42.09 27.46 -11.02
C THR F 213 -42.64 28.88 -11.04
N PHE F 214 -42.14 29.73 -10.14
CA PHE F 214 -42.59 31.12 -10.08
C PHE F 214 -42.52 31.68 -11.49
N ASN F 215 -41.39 31.47 -12.17
CA ASN F 215 -41.22 31.92 -13.54
C ASN F 215 -41.94 30.94 -14.46
N ASN F 216 -43.19 30.63 -14.12
CA ASN F 216 -43.99 29.71 -14.90
C ASN F 216 -45.48 29.81 -14.52
N PRO F 222 -42.93 21.81 -17.87
CA PRO F 222 -42.32 22.28 -19.12
C PRO F 222 -41.07 21.50 -19.47
N ASN F 223 -40.65 20.64 -18.54
CA ASN F 223 -39.47 19.81 -18.74
C ASN F 223 -38.17 20.61 -18.68
N TYR F 224 -38.29 21.89 -18.35
CA TYR F 224 -37.12 22.76 -18.25
C TYR F 224 -36.26 22.36 -17.07
N LEU F 225 -36.91 22.07 -15.94
CA LEU F 225 -36.20 21.66 -14.74
C LEU F 225 -35.50 20.35 -15.01
N SER F 226 -35.99 19.62 -16.02
CA SER F 226 -35.42 18.34 -16.40
C SER F 226 -34.17 18.56 -17.25
N LYS F 227 -34.28 19.40 -18.26
CA LYS F 227 -33.15 19.70 -19.15
C LYS F 227 -32.07 20.43 -18.36
N LEU F 228 -32.48 21.10 -17.29
CA LEU F 228 -31.57 21.84 -16.44
C LEU F 228 -30.67 20.88 -15.69
N LEU F 229 -31.27 19.93 -14.99
CA LEU F 229 -30.51 18.94 -14.25
C LEU F 229 -29.77 18.01 -15.19
N GLY F 230 -30.28 17.91 -16.42
CA GLY F 230 -29.65 17.05 -17.40
C GLY F 230 -28.24 17.48 -17.78
N LYS F 231 -27.94 18.77 -17.66
CA LYS F 231 -26.63 19.27 -18.02
C LYS F 231 -25.49 18.75 -17.14
N LEU F 232 -25.79 18.44 -15.88
CA LEU F 232 -24.77 17.92 -14.98
C LEU F 232 -24.16 16.62 -15.50
N PRO F 233 -25.00 15.63 -15.87
CA PRO F 233 -24.42 14.38 -16.37
C PRO F 233 -23.62 14.66 -17.65
N GLU F 234 -24.11 15.59 -18.45
CA GLU F 234 -23.42 15.93 -19.69
C GLU F 234 -22.08 16.58 -19.37
N LEU F 235 -22.06 17.41 -18.34
CA LEU F 235 -20.84 18.10 -17.90
C LEU F 235 -19.83 17.07 -17.39
N ARG F 236 -20.35 16.05 -16.72
CA ARG F 236 -19.54 14.98 -16.16
C ARG F 236 -18.82 14.25 -17.29
N THR F 237 -19.59 13.86 -18.30
CA THR F 237 -19.03 13.14 -19.44
C THR F 237 -18.03 14.01 -20.22
N LEU F 238 -18.34 15.29 -20.36
CA LEU F 238 -17.48 16.20 -21.09
C LEU F 238 -16.10 16.30 -20.47
N CYS F 239 -16.05 16.26 -19.14
CA CYS F 239 -14.78 16.37 -18.45
C CYS F 239 -13.92 15.12 -18.50
N THR F 240 -14.52 13.96 -18.74
CA THR F 240 -13.71 12.74 -18.81
C THR F 240 -12.74 12.97 -19.97
N GLN F 241 -13.19 13.69 -20.98
CA GLN F 241 -12.32 13.97 -22.13
C GLN F 241 -11.18 14.84 -21.63
N GLY F 242 -11.45 15.63 -20.60
CA GLY F 242 -10.42 16.48 -20.04
C GLY F 242 -9.37 15.61 -19.38
N LEU F 243 -9.82 14.52 -18.77
CA LEU F 243 -8.92 13.58 -18.13
C LEU F 243 -8.08 12.91 -19.23
N GLN F 244 -8.72 12.65 -20.36
CA GLN F 244 -8.01 12.04 -21.48
C GLN F 244 -6.90 12.95 -21.98
N ARG F 245 -7.16 14.26 -22.02
CA ARG F 245 -6.15 15.21 -22.49
C ARG F 245 -4.94 15.20 -21.58
N ILE F 246 -5.21 15.28 -20.28
CA ILE F 246 -4.16 15.27 -19.27
C ILE F 246 -3.38 13.96 -19.31
N PHE F 247 -4.09 12.85 -19.51
CA PHE F 247 -3.42 11.55 -19.57
C PHE F 247 -2.52 11.47 -20.80
N TYR F 248 -3.01 11.97 -21.93
CA TYR F 248 -2.21 11.96 -23.14
C TYR F 248 -0.93 12.78 -22.94
N LEU F 249 -1.08 13.96 -22.34
CA LEU F 249 0.06 14.82 -22.10
C LEU F 249 1.11 14.18 -21.19
N LYS F 250 0.66 13.38 -20.23
CA LYS F 250 1.57 12.70 -19.31
C LYS F 250 2.34 11.61 -20.05
N LEU F 251 1.64 10.88 -20.93
CA LEU F 251 2.28 9.83 -21.70
C LEU F 251 3.27 10.43 -22.68
N GLU F 252 2.83 11.43 -23.41
CA GLU F 252 3.67 12.12 -24.39
C GLU F 252 5.00 12.46 -23.73
N ASP F 253 4.94 12.98 -22.51
CA ASP F 253 6.12 13.35 -21.73
C ASP F 253 6.86 14.58 -22.28
N LEU F 254 6.22 15.31 -23.18
CA LEU F 254 6.82 16.52 -23.76
C LEU F 254 6.99 17.56 -22.66
N VAL F 255 5.87 18.07 -22.16
CA VAL F 255 5.87 19.05 -21.10
C VAL F 255 5.04 18.48 -19.96
N PRO F 256 5.72 17.79 -19.02
CA PRO F 256 5.13 17.14 -17.84
C PRO F 256 4.26 18.04 -16.97
N PRO F 257 3.06 17.58 -16.63
CA PRO F 257 2.15 18.36 -15.80
C PRO F 257 2.81 18.64 -14.45
N PRO F 258 2.56 19.84 -13.89
CA PRO F 258 3.15 20.16 -12.58
C PRO F 258 2.51 19.26 -11.53
N ALA F 259 3.10 19.18 -10.35
CA ALA F 259 2.56 18.32 -9.30
C ALA F 259 1.07 18.59 -9.02
N ILE F 260 0.68 19.86 -9.03
CA ILE F 260 -0.69 20.27 -8.76
C ILE F 260 -1.67 19.76 -9.83
N ILE F 261 -1.22 19.65 -11.07
CA ILE F 261 -2.09 19.14 -12.13
C ILE F 261 -2.24 17.62 -12.03
N ASP F 262 -1.16 16.94 -11.67
CA ASP F 262 -1.20 15.49 -11.48
C ASP F 262 -2.15 15.20 -10.34
N LYS F 263 -2.16 16.09 -9.35
CA LYS F 263 -3.06 15.94 -8.22
C LYS F 263 -4.50 16.06 -8.71
N LEU F 264 -4.76 17.05 -9.56
CA LEU F 264 -6.10 17.28 -10.09
C LEU F 264 -6.55 16.02 -10.82
N PHE F 265 -5.62 15.42 -11.55
CA PHE F 265 -5.85 14.20 -12.33
C PHE F 265 -6.33 13.08 -11.42
N LEU F 266 -5.49 12.72 -10.46
CA LEU F 266 -5.84 11.65 -9.53
C LEU F 266 -7.12 11.97 -8.76
N ASP F 267 -7.32 13.25 -8.45
CA ASP F 267 -8.51 13.71 -7.72
C ASP F 267 -9.82 13.53 -8.50
N THR F 268 -9.76 13.71 -9.81
CA THR F 268 -10.99 13.60 -10.61
C THR F 268 -11.29 12.21 -11.14
N LEU F 269 -10.29 11.35 -11.24
CA LEU F 269 -10.49 10.00 -11.73
C LEU F 269 -11.78 9.42 -11.16
N PRO F 270 -12.68 8.92 -12.03
CA PRO F 270 -13.97 8.33 -11.65
C PRO F 270 -13.92 6.85 -11.31
N PHE F 271 -12.71 6.27 -11.28
CA PHE F 271 -12.59 4.86 -10.94
C PHE F 271 -11.50 4.67 -9.89
K K G . 0.70 -17.14 -5.40
BR BR H . -11.86 -15.82 4.00
BR BR I . -8.27 -23.49 15.08
BR BR J . -23.67 -22.24 6.52
BR BR K . -0.71 -14.72 -8.56
K K L . -38.90 -9.25 19.16
K K M . -12.80 1.38 0.80
K K N . -2.97 -1.12 6.55
BR BR O . -4.45 -3.64 5.27
I IOD P . -7.26 1.07 -0.39
BR BR Q . -6.39 1.62 -11.43
K K R . 18.76 12.61 4.17
K K S . 0.10 15.65 7.91
BR BR T . -1.62 15.11 3.23
BR BR U . 27.62 16.51 6.61
BR BR V . 22.75 40.41 -6.17
BR BR W . 13.64 10.20 11.04
K K X . 7.02 -0.86 3.29
BR BR Y . 6.23 -3.85 3.41
BR BR Z . 17.99 10.18 20.06
BR BR AA . 36.97 -4.98 18.53
BR BR BA . -0.69 8.65 -13.28
BR BR CA . 11.43 -0.18 -6.14
BR BR DA . 6.47 -1.17 -4.15
BR BR EA . 14.71 1.39 -5.77
K K FA . -32.55 35.74 -12.46
BR BR GA . -20.74 41.94 -15.87
BR BR HA . -26.64 37.43 0.39
#